data_1BVR
#
_entry.id   1BVR
#
_cell.length_a   101.080
_cell.length_b   83.450
_cell.length_c   192.810
_cell.angle_alpha   90.00
_cell.angle_beta   95.24
_cell.angle_gamma   90.00
#
_symmetry.space_group_name_H-M   'C 1 2 1'
#
loop_
_entity.id
_entity.type
_entity.pdbx_description
1 polymer 'PROTEIN (ENOYL-ACYL CARRIER PROTEIN (ACP) REDUCTASE)'
2 non-polymer NICOTINAMIDE-ADENINE-DINUCLEOTIDE
3 non-polymer TRANS-2-HEXADECENOYL-(N-ACETYL-CYSTEAMINE)-THIOESTER
4 water water
#
_entity_poly.entity_id   1
_entity_poly.type   'polypeptide(L)'
_entity_poly.pdbx_seq_one_letter_code
;TGLLDGKRILVSGIITDSSIAFHIARVAQEQGAQLVLTGFDRLRLIQRITDRLPAKAPLLELDVQNEEHLASLAGRVTEA
IGAGNKLDGVVHSIGFMPQTGMGINPFFDAPYADVSKGIHISAYSYASMAKALLPIMNPGGSIVGMDFDPSRAMPAYNWM
TVAKSALESVNRFVAREAGKYGVRSNLVAAGPIRTLAMSAIVGGALGEEAGAQIQLLEEGWDQRAPIGWNMKDATPVAKT
VCALLSDWLPATTGDIIYADGGAHTQLL
;
_entity_poly.pdbx_strand_id   A,B,C,D,E,F
#
loop_
_chem_comp.id
_chem_comp.type
_chem_comp.name
_chem_comp.formula
NAD non-polymer NICOTINAMIDE-ADENINE-DINUCLEOTIDE 'C21 H27 N7 O14 P2'
THT non-polymer TRANS-2-HEXADECENOYL-(N-ACETYL-CYSTEAMINE)-THIOESTER 'C20 H39 N O2 S'
#
# COMPACT_ATOMS: atom_id res chain seq x y z
N THR A 1 -2.15 -6.22 -20.12
CA THR A 1 -2.94 -5.37 -21.07
C THR A 1 -4.20 -6.14 -21.49
N GLY A 2 -5.10 -5.52 -22.24
CA GLY A 2 -6.29 -6.22 -22.65
C GLY A 2 -7.42 -5.30 -23.01
N LEU A 3 -8.61 -5.86 -23.17
CA LEU A 3 -9.79 -5.12 -23.53
C LEU A 3 -9.96 -3.82 -22.70
N LEU A 4 -9.82 -3.91 -21.38
CA LEU A 4 -10.00 -2.74 -20.53
C LEU A 4 -8.69 -2.25 -20.00
N ASP A 5 -7.70 -2.17 -20.86
CA ASP A 5 -6.39 -1.76 -20.44
C ASP A 5 -6.29 -0.29 -19.98
N GLY A 6 -5.77 -0.09 -18.76
CA GLY A 6 -5.56 1.22 -18.17
C GLY A 6 -6.78 1.97 -17.67
N LYS A 7 -7.96 1.47 -18.00
CA LYS A 7 -9.20 2.14 -17.61
C LYS A 7 -9.53 1.89 -16.17
N ARG A 8 -9.95 2.93 -15.46
CA ARG A 8 -10.36 2.79 -14.08
C ARG A 8 -11.88 2.65 -14.14
N ILE A 9 -12.36 1.46 -13.81
CA ILE A 9 -13.76 1.16 -13.85
C ILE A 9 -14.29 0.82 -12.46
N LEU A 10 -15.41 1.45 -12.11
CA LEU A 10 -16.12 1.27 -10.85
C LEU A 10 -17.14 0.14 -11.04
N VAL A 11 -17.28 -0.72 -10.04
CA VAL A 11 -18.23 -1.82 -10.13
C VAL A 11 -18.91 -2.00 -8.80
N SER A 12 -20.22 -1.77 -8.76
CA SER A 12 -20.96 -1.92 -7.52
C SER A 12 -21.78 -3.22 -7.61
N GLY A 13 -22.52 -3.56 -6.55
CA GLY A 13 -23.37 -4.74 -6.55
C GLY A 13 -22.81 -6.12 -6.27
N ILE A 14 -21.59 -6.22 -5.72
CA ILE A 14 -21.00 -7.53 -5.37
C ILE A 14 -21.39 -7.85 -3.95
N ILE A 15 -22.09 -8.96 -3.77
CA ILE A 15 -22.46 -9.38 -2.42
C ILE A 15 -21.84 -10.76 -2.15
N THR A 16 -21.58 -11.50 -3.24
CA THR A 16 -21.00 -12.84 -3.20
C THR A 16 -20.27 -13.06 -4.51
N ASP A 17 -19.66 -14.23 -4.66
CA ASP A 17 -18.94 -14.56 -5.89
C ASP A 17 -19.87 -15.11 -6.97
N SER A 18 -21.17 -15.10 -6.70
CA SER A 18 -22.13 -15.56 -7.67
C SER A 18 -22.73 -14.34 -8.37
N SER A 19 -22.53 -13.18 -7.77
CA SER A 19 -23.04 -11.92 -8.31
C SER A 19 -22.48 -11.70 -9.71
N ILE A 20 -23.32 -11.21 -10.61
CA ILE A 20 -22.92 -10.93 -11.99
C ILE A 20 -21.82 -9.88 -11.88
N ALA A 21 -21.99 -8.98 -10.90
CA ALA A 21 -21.03 -7.91 -10.58
C ALA A 21 -19.65 -8.48 -10.28
N PHE A 22 -19.58 -9.63 -9.59
CA PHE A 22 -18.31 -10.27 -9.29
C PHE A 22 -17.65 -10.71 -10.59
N HIS A 23 -18.41 -11.28 -11.51
CA HIS A 23 -17.86 -11.73 -12.78
C HIS A 23 -17.43 -10.58 -13.67
N ILE A 24 -18.19 -9.49 -13.63
CA ILE A 24 -17.85 -8.30 -14.40
C ILE A 24 -16.49 -7.74 -13.89
N ALA A 25 -16.26 -7.91 -12.58
CA ALA A 25 -15.04 -7.43 -11.94
C ALA A 25 -13.87 -8.32 -12.25
N ARG A 26 -14.12 -9.62 -12.17
CA ARG A 26 -13.08 -10.60 -12.47
C ARG A 26 -12.61 -10.41 -13.92
N VAL A 27 -13.55 -10.37 -14.88
CA VAL A 27 -13.19 -10.22 -16.29
C VAL A 27 -12.62 -8.83 -16.53
N ALA A 28 -13.23 -7.82 -15.95
CA ALA A 28 -12.74 -6.47 -16.12
C ALA A 28 -11.27 -6.40 -15.67
N GLN A 29 -10.97 -7.02 -14.54
CA GLN A 29 -9.62 -7.01 -14.01
C GLN A 29 -8.63 -7.73 -14.94
N GLU A 30 -9.05 -8.88 -15.47
CA GLU A 30 -8.18 -9.66 -16.37
C GLU A 30 -7.90 -8.83 -17.59
N GLN A 31 -8.90 -8.12 -18.06
CA GLN A 31 -8.73 -7.32 -19.22
C GLN A 31 -7.89 -6.08 -19.01
N GLY A 32 -7.39 -5.90 -17.79
CA GLY A 32 -6.53 -4.75 -17.50
C GLY A 32 -7.09 -3.54 -16.79
N ALA A 33 -8.41 -3.43 -16.66
CA ALA A 33 -8.99 -2.30 -16.00
C ALA A 33 -8.61 -2.23 -14.50
N GLN A 34 -8.61 -1.02 -13.91
CA GLN A 34 -8.32 -0.83 -12.48
C GLN A 34 -9.68 -0.61 -11.84
N LEU A 35 -9.99 -1.42 -10.84
CA LEU A 35 -11.28 -1.32 -10.20
C LEU A 35 -11.32 -0.57 -8.87
N VAL A 36 -12.51 -0.06 -8.56
CA VAL A 36 -12.82 0.64 -7.33
C VAL A 36 -14.16 -0.03 -6.98
N LEU A 37 -14.13 -0.94 -6.03
CA LEU A 37 -15.34 -1.66 -5.67
C LEU A 37 -16.13 -1.00 -4.58
N THR A 38 -17.45 -1.04 -4.70
CA THR A 38 -18.33 -0.48 -3.68
C THR A 38 -19.20 -1.59 -3.10
N GLY A 39 -19.50 -1.52 -1.81
CA GLY A 39 -20.31 -2.54 -1.16
C GLY A 39 -21.38 -1.93 -0.30
N PHE A 40 -22.52 -2.60 -0.21
CA PHE A 40 -23.66 -2.13 0.56
C PHE A 40 -23.41 -2.00 2.06
N ASP A 41 -23.60 -3.09 2.81
CA ASP A 41 -23.42 -3.07 4.26
C ASP A 41 -22.53 -4.16 4.88
N ARG A 42 -22.58 -5.37 4.34
CA ARG A 42 -21.75 -6.44 4.89
C ARG A 42 -20.31 -6.19 4.47
N LEU A 43 -19.76 -5.06 4.89
CA LEU A 43 -18.43 -4.65 4.55
C LEU A 43 -17.27 -5.61 4.86
N ARG A 44 -17.25 -6.17 6.07
CA ARG A 44 -16.18 -7.10 6.41
C ARG A 44 -16.38 -8.44 5.70
N LEU A 45 -17.64 -8.74 5.41
CA LEU A 45 -18.01 -9.98 4.76
C LEU A 45 -17.71 -10.01 3.23
N ILE A 46 -18.33 -9.11 2.48
CA ILE A 46 -18.12 -9.05 1.03
C ILE A 46 -16.70 -8.62 0.74
N GLN A 47 -16.03 -8.15 1.77
CA GLN A 47 -14.65 -7.75 1.63
C GLN A 47 -13.93 -9.04 1.32
N ARG A 48 -14.13 -10.02 2.20
CA ARG A 48 -13.53 -11.34 2.10
C ARG A 48 -13.70 -11.97 0.71
N ILE A 49 -14.87 -11.71 0.10
CA ILE A 49 -15.20 -12.20 -1.23
C ILE A 49 -14.49 -11.45 -2.31
N THR A 50 -14.37 -10.13 -2.18
CA THR A 50 -13.67 -9.36 -3.21
C THR A 50 -12.21 -9.77 -3.24
N ASP A 51 -11.78 -10.52 -2.24
CA ASP A 51 -10.39 -10.98 -2.19
C ASP A 51 -10.14 -12.07 -3.25
N ARG A 52 -11.22 -12.65 -3.79
CA ARG A 52 -11.12 -13.68 -4.81
C ARG A 52 -10.79 -13.06 -6.20
N LEU A 53 -11.12 -11.78 -6.36
CA LEU A 53 -10.87 -11.05 -7.61
C LEU A 53 -9.39 -11.04 -7.85
N PRO A 54 -8.96 -11.51 -9.03
CA PRO A 54 -7.56 -11.59 -9.43
C PRO A 54 -6.67 -10.50 -8.88
N ALA A 55 -7.23 -9.31 -8.69
CA ALA A 55 -6.44 -8.20 -8.16
C ALA A 55 -7.16 -7.41 -7.08
N LYS A 56 -6.37 -6.73 -6.25
CA LYS A 56 -6.94 -5.94 -5.19
C LYS A 56 -7.55 -4.64 -5.73
N ALA A 57 -8.79 -4.40 -5.30
CA ALA A 57 -9.57 -3.23 -5.67
C ALA A 57 -10.18 -2.65 -4.39
N PRO A 58 -9.82 -1.39 -4.07
CA PRO A 58 -10.31 -0.68 -2.88
C PRO A 58 -11.84 -0.68 -2.71
N LEU A 59 -12.29 -1.30 -1.64
CA LEU A 59 -13.70 -1.41 -1.33
C LEU A 59 -14.16 -0.14 -0.62
N LEU A 60 -15.22 0.48 -1.12
CA LEU A 60 -15.75 1.70 -0.52
C LEU A 60 -17.20 1.42 -0.16
N GLU A 61 -17.73 2.06 0.89
CA GLU A 61 -19.11 1.82 1.28
C GLU A 61 -20.13 2.67 0.54
N LEU A 62 -21.16 2.02 0.02
CA LEU A 62 -22.19 2.74 -0.71
C LEU A 62 -23.59 2.17 -0.62
N ASP A 63 -24.44 2.87 0.12
CA ASP A 63 -25.86 2.52 0.23
C ASP A 63 -26.47 3.58 -0.67
N VAL A 64 -26.98 3.15 -1.82
CA VAL A 64 -27.53 4.07 -2.79
C VAL A 64 -28.66 4.92 -2.27
N GLN A 65 -29.37 4.41 -1.26
CA GLN A 65 -30.49 5.15 -0.72
C GLN A 65 -30.06 6.28 0.14
N ASN A 66 -28.78 6.32 0.49
CA ASN A 66 -28.32 7.38 1.37
C ASN A 66 -27.55 8.52 0.74
N GLU A 67 -28.18 9.70 0.74
CA GLU A 67 -27.59 10.90 0.15
C GLU A 67 -26.27 11.32 0.77
N GLU A 68 -25.97 10.77 1.94
CA GLU A 68 -24.71 11.03 2.60
C GLU A 68 -23.68 10.18 1.87
N HIS A 69 -24.07 8.96 1.52
CA HIS A 69 -23.19 8.05 0.80
C HIS A 69 -22.95 8.62 -0.60
N LEU A 70 -24.03 8.96 -1.28
CA LEU A 70 -23.96 9.51 -2.61
C LEU A 70 -23.04 10.71 -2.63
N ALA A 71 -23.32 11.72 -1.80
CA ALA A 71 -22.48 12.93 -1.76
C ALA A 71 -20.98 12.62 -1.62
N SER A 72 -20.63 11.79 -0.65
CA SER A 72 -19.24 11.45 -0.44
C SER A 72 -18.64 10.66 -1.60
N LEU A 73 -19.49 9.95 -2.36
CA LEU A 73 -19.06 9.10 -3.49
C LEU A 73 -17.89 9.59 -4.36
N ALA A 74 -18.14 10.62 -5.16
CA ALA A 74 -17.11 11.16 -6.03
C ALA A 74 -15.87 11.35 -5.20
N GLY A 75 -16.04 12.04 -4.07
CA GLY A 75 -14.93 12.32 -3.17
C GLY A 75 -14.03 11.13 -2.85
N ARG A 76 -14.59 10.11 -2.20
CA ARG A 76 -13.83 8.95 -1.83
C ARG A 76 -13.17 8.38 -3.07
N VAL A 77 -13.97 8.11 -4.10
CA VAL A 77 -13.45 7.58 -5.33
C VAL A 77 -12.15 8.24 -5.72
N THR A 78 -12.08 9.58 -5.63
CA THR A 78 -10.87 10.33 -6.00
C THR A 78 -9.69 9.93 -5.15
N GLU A 79 -9.92 9.73 -3.88
CA GLU A 79 -8.88 9.30 -2.98
C GLU A 79 -8.52 7.87 -3.35
N ALA A 80 -9.52 7.11 -3.74
CA ALA A 80 -9.36 5.71 -4.13
C ALA A 80 -8.45 5.56 -5.31
N ILE A 81 -8.63 6.41 -6.32
CA ILE A 81 -7.83 6.36 -7.56
C ILE A 81 -6.59 7.25 -7.57
N GLY A 82 -6.74 8.47 -7.05
CA GLY A 82 -5.65 9.42 -7.00
C GLY A 82 -6.05 10.82 -7.41
N ALA A 83 -5.16 11.79 -7.22
CA ALA A 83 -5.47 13.15 -7.62
C ALA A 83 -5.04 13.36 -9.10
N GLY A 84 -5.99 13.81 -9.92
CA GLY A 84 -5.72 14.02 -11.33
C GLY A 84 -6.49 13.01 -12.13
N ASN A 85 -6.38 11.76 -11.73
CA ASN A 85 -7.06 10.66 -12.40
C ASN A 85 -8.58 10.72 -12.30
N LYS A 86 -9.24 10.32 -13.38
CA LYS A 86 -10.71 10.31 -13.43
C LYS A 86 -11.19 8.91 -13.82
N LEU A 87 -12.49 8.71 -13.71
CA LEU A 87 -13.10 7.43 -14.03
C LEU A 87 -13.44 7.23 -15.51
N ASP A 88 -13.27 5.99 -15.96
CA ASP A 88 -13.60 5.65 -17.32
C ASP A 88 -14.94 4.90 -17.40
N GLY A 89 -15.42 4.39 -16.26
CA GLY A 89 -16.69 3.68 -16.26
C GLY A 89 -17.37 3.59 -14.92
N VAL A 90 -18.63 3.17 -14.96
CA VAL A 90 -19.44 2.98 -13.76
C VAL A 90 -20.36 1.81 -14.10
N VAL A 91 -20.39 0.80 -13.23
CA VAL A 91 -21.24 -0.37 -13.47
C VAL A 91 -22.26 -0.49 -12.35
N HIS A 92 -23.52 -0.26 -12.67
CA HIS A 92 -24.59 -0.29 -11.66
C HIS A 92 -25.28 -1.62 -11.62
N SER A 93 -24.71 -2.58 -10.92
CA SER A 93 -25.30 -3.93 -10.78
C SER A 93 -26.06 -3.99 -9.44
N ILE A 94 -27.07 -3.14 -9.33
CA ILE A 94 -27.87 -3.06 -8.13
C ILE A 94 -29.31 -3.32 -8.50
N GLY A 95 -29.99 -4.15 -7.71
CA GLY A 95 -31.39 -4.44 -7.95
C GLY A 95 -32.01 -5.02 -6.70
N PHE A 96 -33.11 -4.42 -6.22
CA PHE A 96 -33.79 -4.89 -5.01
C PHE A 96 -35.32 -4.81 -5.15
N MET A 97 -35.98 -5.68 -4.38
CA MET A 97 -37.44 -5.76 -4.33
C MET A 97 -37.82 -6.76 -3.26
N PRO A 98 -38.53 -6.30 -2.22
CA PRO A 98 -38.96 -7.17 -1.14
C PRO A 98 -39.95 -8.22 -1.69
N GLN A 99 -39.86 -9.43 -1.15
CA GLN A 99 -40.70 -10.57 -1.56
C GLN A 99 -42.17 -10.27 -1.76
N THR A 100 -42.60 -9.14 -1.22
CA THR A 100 -43.99 -8.70 -1.31
C THR A 100 -44.39 -8.36 -2.76
N GLY A 101 -43.44 -7.85 -3.54
CA GLY A 101 -43.80 -7.55 -4.91
C GLY A 101 -43.18 -8.47 -5.94
N MET A 102 -42.41 -9.45 -5.48
CA MET A 102 -41.74 -10.36 -6.37
C MET A 102 -41.92 -11.78 -5.88
N GLY A 103 -42.31 -12.65 -6.80
CA GLY A 103 -42.47 -14.05 -6.48
C GLY A 103 -43.88 -14.56 -6.33
N ILE A 104 -44.08 -15.30 -5.24
CA ILE A 104 -45.34 -15.96 -4.93
C ILE A 104 -46.43 -15.03 -4.35
N ASN A 105 -46.05 -13.91 -3.76
CA ASN A 105 -47.06 -13.02 -3.24
C ASN A 105 -47.66 -12.30 -4.45
N PRO A 106 -48.98 -12.15 -4.51
CA PRO A 106 -49.70 -11.48 -5.61
C PRO A 106 -49.26 -10.08 -5.98
N PHE A 107 -49.64 -9.67 -7.18
CA PHE A 107 -49.31 -8.38 -7.79
C PHE A 107 -50.10 -7.26 -7.15
N PHE A 108 -51.39 -7.46 -7.00
CA PHE A 108 -52.26 -6.44 -6.39
C PHE A 108 -51.97 -6.11 -4.91
N ASP A 109 -51.41 -7.10 -4.19
CA ASP A 109 -51.14 -6.95 -2.78
C ASP A 109 -49.94 -6.13 -2.43
N ALA A 110 -48.86 -6.26 -3.18
CA ALA A 110 -47.66 -5.50 -2.88
C ALA A 110 -47.97 -4.03 -2.64
N PRO A 111 -47.77 -3.57 -1.43
CA PRO A 111 -48.02 -2.17 -1.02
C PRO A 111 -46.92 -1.21 -1.53
N TYR A 112 -47.26 0.06 -1.71
CA TYR A 112 -46.32 1.01 -2.25
C TYR A 112 -45.02 1.20 -1.47
N ALA A 113 -45.07 1.00 -0.16
CA ALA A 113 -43.88 1.17 0.67
C ALA A 113 -42.75 0.27 0.21
N ASP A 114 -43.12 -0.88 -0.29
CA ASP A 114 -42.15 -1.86 -0.77
C ASP A 114 -41.84 -1.62 -2.24
N VAL A 115 -42.90 -1.49 -3.05
CA VAL A 115 -42.76 -1.23 -4.47
C VAL A 115 -41.74 -0.06 -4.63
N SER A 116 -42.01 1.03 -3.91
CA SER A 116 -41.17 2.22 -3.89
C SER A 116 -39.73 1.95 -3.39
N LYS A 117 -39.56 0.99 -2.47
CA LYS A 117 -38.24 0.62 -1.95
C LYS A 117 -37.42 -0.07 -3.08
N GLY A 118 -38.14 -0.74 -4.01
CA GLY A 118 -37.52 -1.40 -5.13
C GLY A 118 -37.22 -0.37 -6.19
N ILE A 119 -38.21 0.46 -6.49
CA ILE A 119 -38.04 1.51 -7.52
C ILE A 119 -36.98 2.58 -7.17
N HIS A 120 -36.62 2.68 -5.90
CA HIS A 120 -35.62 3.65 -5.46
C HIS A 120 -34.22 3.06 -5.63
N ILE A 121 -34.08 1.80 -5.27
CA ILE A 121 -32.81 1.07 -5.33
C ILE A 121 -32.51 0.50 -6.67
N SER A 122 -33.55 0.08 -7.39
CA SER A 122 -33.41 -0.51 -8.73
C SER A 122 -33.34 0.51 -9.87
N ALA A 123 -34.42 1.26 -10.05
CA ALA A 123 -34.52 2.26 -11.09
C ALA A 123 -33.80 3.59 -10.82
N TYR A 124 -34.31 4.34 -9.85
CA TYR A 124 -33.76 5.66 -9.50
C TYR A 124 -32.26 5.71 -9.21
N SER A 125 -31.78 4.82 -8.32
CA SER A 125 -30.36 4.82 -7.95
C SER A 125 -29.40 4.93 -9.15
N TYR A 126 -29.83 4.44 -10.32
CA TYR A 126 -29.00 4.52 -11.52
C TYR A 126 -28.73 6.00 -11.76
N ALA A 127 -29.78 6.82 -11.69
CA ALA A 127 -29.66 8.26 -11.89
C ALA A 127 -28.72 8.93 -10.87
N SER A 128 -29.05 8.84 -9.58
CA SER A 128 -28.26 9.44 -8.48
C SER A 128 -26.80 9.03 -8.44
N MET A 129 -26.52 7.87 -9.01
CA MET A 129 -25.18 7.30 -9.11
C MET A 129 -24.48 7.93 -10.30
N ALA A 130 -25.24 8.14 -11.36
CA ALA A 130 -24.73 8.79 -12.55
C ALA A 130 -24.45 10.23 -12.16
N LYS A 131 -25.30 10.72 -11.28
CA LYS A 131 -25.27 12.08 -10.73
C LYS A 131 -24.01 12.28 -9.93
N ALA A 132 -23.82 11.42 -8.94
CA ALA A 132 -22.67 11.53 -8.09
C ALA A 132 -21.34 11.33 -8.75
N LEU A 133 -21.28 10.46 -9.75
CA LEU A 133 -20.02 10.12 -10.42
C LEU A 133 -19.65 10.80 -11.75
N LEU A 134 -20.67 11.19 -12.50
CA LEU A 134 -20.47 11.81 -13.78
C LEU A 134 -19.35 12.85 -13.77
N PRO A 135 -19.40 13.78 -12.83
CA PRO A 135 -18.35 14.79 -12.77
C PRO A 135 -16.93 14.29 -12.88
N ILE A 136 -16.63 13.18 -12.25
CA ILE A 136 -15.27 12.67 -12.30
C ILE A 136 -15.02 11.67 -13.40
N MET A 137 -15.83 11.73 -14.44
CA MET A 137 -15.69 10.80 -15.57
C MET A 137 -15.08 11.48 -16.80
N ASN A 138 -14.12 10.79 -17.41
CA ASN A 138 -13.45 11.28 -18.63
C ASN A 138 -14.43 11.12 -19.78
N PRO A 139 -14.33 11.97 -20.80
CA PRO A 139 -15.26 11.81 -21.92
C PRO A 139 -14.87 10.51 -22.62
N GLY A 140 -15.86 9.78 -23.11
CA GLY A 140 -15.57 8.51 -23.75
C GLY A 140 -15.84 7.40 -22.74
N GLY A 141 -16.14 7.82 -21.51
CA GLY A 141 -16.43 6.87 -20.45
C GLY A 141 -17.77 6.23 -20.69
N SER A 142 -18.06 5.17 -19.94
CA SER A 142 -19.30 4.42 -20.09
C SER A 142 -19.90 4.03 -18.75
N ILE A 143 -21.22 4.13 -18.66
CA ILE A 143 -21.96 3.74 -17.45
C ILE A 143 -22.96 2.69 -17.93
N VAL A 144 -22.92 1.48 -17.36
CA VAL A 144 -23.81 0.39 -17.77
C VAL A 144 -24.49 -0.33 -16.60
N GLY A 145 -25.82 -0.40 -16.63
CA GLY A 145 -26.58 -1.04 -15.56
C GLY A 145 -27.29 -2.26 -16.08
N MET A 146 -27.62 -3.19 -15.20
CA MET A 146 -28.29 -4.41 -15.62
C MET A 146 -29.78 -4.24 -15.85
N ASP A 147 -30.34 -5.08 -16.72
CA ASP A 147 -31.75 -5.03 -17.10
C ASP A 147 -32.19 -6.49 -17.29
N PHE A 148 -33.52 -6.70 -17.34
CA PHE A 148 -34.15 -8.02 -17.54
C PHE A 148 -35.48 -7.84 -18.35
N ASP A 149 -35.35 -7.70 -19.67
CA ASP A 149 -36.45 -7.51 -20.60
C ASP A 149 -37.87 -7.42 -20.04
N PRO A 150 -38.37 -6.20 -19.77
CA PRO A 150 -39.71 -5.93 -19.24
C PRO A 150 -40.78 -5.74 -20.29
N SER A 151 -40.40 -5.93 -21.55
CA SER A 151 -41.31 -5.74 -22.69
C SER A 151 -42.61 -6.51 -22.56
N ARG A 152 -42.53 -7.74 -22.07
CA ARG A 152 -43.69 -8.59 -21.94
C ARG A 152 -43.85 -9.01 -20.50
N ALA A 153 -45.11 -9.01 -20.01
CA ALA A 153 -45.40 -9.36 -18.63
C ALA A 153 -45.19 -10.84 -18.34
N MET A 154 -44.41 -11.16 -17.32
CA MET A 154 -44.19 -12.54 -17.00
C MET A 154 -44.58 -12.75 -15.53
N PRO A 155 -44.98 -13.99 -15.18
CA PRO A 155 -45.38 -14.31 -13.81
C PRO A 155 -44.21 -14.23 -12.81
N ALA A 156 -44.52 -13.80 -11.58
CA ALA A 156 -43.54 -13.70 -10.51
C ALA A 156 -42.71 -12.43 -10.47
N TYR A 157 -42.12 -12.02 -11.61
CA TYR A 157 -41.27 -10.81 -11.65
C TYR A 157 -42.10 -9.59 -11.24
N ASN A 158 -43.39 -9.70 -11.47
CA ASN A 158 -44.35 -8.67 -11.08
C ASN A 158 -43.79 -7.24 -10.95
N TRP A 159 -43.77 -6.68 -9.75
CA TRP A 159 -43.30 -5.31 -9.54
C TRP A 159 -41.83 -5.06 -9.85
N MET A 160 -41.00 -6.09 -9.82
CA MET A 160 -39.58 -5.91 -10.11
C MET A 160 -39.44 -5.70 -11.64
N THR A 161 -40.45 -6.18 -12.39
CA THR A 161 -40.49 -6.00 -13.84
C THR A 161 -40.76 -4.52 -14.05
N VAL A 162 -41.79 -4.03 -13.37
CA VAL A 162 -42.19 -2.64 -13.41
C VAL A 162 -41.02 -1.70 -13.07
N ALA A 163 -40.23 -2.06 -12.07
CA ALA A 163 -39.10 -1.21 -11.67
C ALA A 163 -38.00 -1.23 -12.71
N LYS A 164 -37.94 -2.32 -13.46
CA LYS A 164 -36.91 -2.49 -14.49
C LYS A 164 -37.36 -1.71 -15.72
N SER A 165 -38.65 -1.73 -15.98
CA SER A 165 -39.21 -1.01 -17.10
C SER A 165 -38.94 0.49 -16.87
N ALA A 166 -39.09 0.91 -15.61
CA ALA A 166 -38.83 2.30 -15.21
C ALA A 166 -37.34 2.58 -15.41
N LEU A 167 -36.52 1.57 -15.14
CA LEU A 167 -35.07 1.67 -15.27
C LEU A 167 -34.68 2.01 -16.70
N GLU A 168 -35.20 1.26 -17.67
CA GLU A 168 -34.83 1.53 -19.06
C GLU A 168 -35.12 3.00 -19.39
N SER A 169 -36.29 3.47 -18.99
CA SER A 169 -36.64 4.82 -19.31
C SER A 169 -35.62 5.80 -18.70
N VAL A 170 -35.25 5.54 -17.46
CA VAL A 170 -34.29 6.42 -16.79
C VAL A 170 -32.99 6.45 -17.62
N ASN A 171 -32.58 5.27 -18.07
CA ASN A 171 -31.36 5.10 -18.86
C ASN A 171 -31.30 6.15 -19.97
N ARG A 172 -32.42 6.33 -20.66
CA ARG A 172 -32.49 7.27 -21.73
C ARG A 172 -32.25 8.70 -21.33
N PHE A 173 -32.75 9.09 -20.17
CA PHE A 173 -32.57 10.46 -19.68
C PHE A 173 -31.16 10.72 -19.13
N VAL A 174 -30.61 9.73 -18.48
CA VAL A 174 -29.26 9.86 -17.97
C VAL A 174 -28.37 9.95 -19.21
N ALA A 175 -28.79 9.25 -20.28
CA ALA A 175 -28.05 9.21 -21.54
C ALA A 175 -27.74 10.58 -22.07
N ARG A 176 -28.74 11.44 -22.15
CA ARG A 176 -28.51 12.77 -22.68
C ARG A 176 -27.74 13.64 -21.67
N GLU A 177 -27.86 13.28 -20.39
CA GLU A 177 -27.20 13.98 -19.31
C GLU A 177 -25.74 13.61 -19.31
N ALA A 178 -25.46 12.37 -19.65
CA ALA A 178 -24.11 11.88 -19.70
C ALA A 178 -23.49 12.38 -20.99
N GLY A 179 -24.32 12.63 -21.99
CA GLY A 179 -23.83 13.12 -23.26
C GLY A 179 -22.92 14.33 -23.13
N LYS A 180 -23.32 15.28 -22.28
CA LYS A 180 -22.59 16.52 -22.03
C LYS A 180 -21.17 16.34 -21.48
N TYR A 181 -20.87 15.16 -20.94
CA TYR A 181 -19.53 14.87 -20.40
C TYR A 181 -18.80 13.88 -21.30
N GLY A 182 -19.48 13.42 -22.36
CA GLY A 182 -18.90 12.47 -23.30
C GLY A 182 -19.10 11.00 -22.93
N VAL A 183 -19.76 10.79 -21.80
CA VAL A 183 -20.04 9.45 -21.30
C VAL A 183 -21.19 8.84 -22.05
N ARG A 184 -21.26 7.52 -22.05
CA ARG A 184 -22.35 6.84 -22.71
C ARG A 184 -23.12 6.12 -21.61
N SER A 185 -24.44 5.97 -21.81
CA SER A 185 -25.28 5.27 -20.86
C SER A 185 -25.94 4.14 -21.64
N ASN A 186 -25.85 2.92 -21.10
CA ASN A 186 -26.40 1.74 -21.74
C ASN A 186 -26.82 0.72 -20.72
N LEU A 187 -27.80 -0.10 -21.09
CA LEU A 187 -28.31 -1.17 -20.22
C LEU A 187 -28.19 -2.53 -20.93
N VAL A 188 -27.78 -3.55 -20.17
CA VAL A 188 -27.61 -4.92 -20.68
C VAL A 188 -28.79 -5.76 -20.23
N ALA A 189 -29.32 -6.55 -21.14
CA ALA A 189 -30.45 -7.39 -20.81
C ALA A 189 -30.05 -8.86 -20.87
N ALA A 190 -29.82 -9.45 -19.69
CA ALA A 190 -29.44 -10.85 -19.65
C ALA A 190 -30.62 -11.78 -19.41
N GLY A 191 -30.41 -13.07 -19.62
CA GLY A 191 -31.45 -14.06 -19.36
C GLY A 191 -31.14 -14.47 -17.93
N PRO A 192 -31.93 -15.37 -17.29
CA PRO A 192 -31.64 -15.77 -15.90
C PRO A 192 -30.32 -16.51 -15.66
N ILE A 193 -29.60 -16.02 -14.64
CA ILE A 193 -28.34 -16.59 -14.20
C ILE A 193 -28.70 -17.16 -12.84
N ARG A 194 -28.00 -18.19 -12.38
CA ARG A 194 -28.32 -18.72 -11.08
C ARG A 194 -27.42 -18.27 -9.95
N THR A 195 -27.82 -17.15 -9.36
CA THR A 195 -27.15 -16.55 -8.21
C THR A 195 -27.74 -17.31 -7.04
N LEU A 196 -27.38 -16.90 -5.82
CA LEU A 196 -27.90 -17.53 -4.63
C LEU A 196 -29.43 -17.55 -4.73
N ALA A 197 -30.00 -16.36 -4.88
CA ALA A 197 -31.46 -16.19 -4.99
C ALA A 197 -32.21 -17.16 -5.91
N MET A 198 -31.71 -17.35 -7.12
CA MET A 198 -32.34 -18.25 -8.09
C MET A 198 -32.23 -19.73 -7.73
N SER A 199 -31.09 -20.12 -7.15
CA SER A 199 -30.90 -21.49 -6.72
C SER A 199 -31.99 -21.78 -5.66
N ALA A 200 -32.30 -20.75 -4.86
CA ALA A 200 -33.31 -20.81 -3.81
C ALA A 200 -34.70 -21.18 -4.37
N ILE A 201 -35.26 -20.33 -5.23
CA ILE A 201 -36.57 -20.61 -5.80
C ILE A 201 -36.64 -21.93 -6.55
N VAL A 202 -35.56 -22.21 -7.28
CA VAL A 202 -35.44 -23.43 -8.07
C VAL A 202 -35.76 -24.63 -7.22
N GLY A 203 -34.97 -24.83 -6.17
CA GLY A 203 -35.15 -25.94 -5.28
C GLY A 203 -36.33 -25.87 -4.31
N GLY A 204 -37.49 -25.46 -4.82
CA GLY A 204 -38.69 -25.41 -4.00
C GLY A 204 -38.73 -24.63 -2.70
N ALA A 205 -37.81 -23.67 -2.52
CA ALA A 205 -37.79 -22.82 -1.30
C ALA A 205 -39.06 -22.02 -1.30
N LEU A 206 -39.45 -21.60 -2.50
CA LEU A 206 -40.67 -20.87 -2.66
C LEU A 206 -41.76 -21.91 -2.60
N GLY A 207 -41.46 -23.12 -3.09
CA GLY A 207 -42.42 -24.21 -3.06
C GLY A 207 -42.58 -24.92 -4.40
N GLU A 208 -43.63 -25.71 -4.51
CA GLU A 208 -43.91 -26.42 -5.74
C GLU A 208 -44.22 -25.37 -6.82
N GLU A 209 -45.49 -24.96 -6.91
CA GLU A 209 -46.02 -23.99 -7.88
C GLU A 209 -44.99 -22.99 -8.45
N ALA A 210 -44.39 -22.21 -7.56
CA ALA A 210 -43.40 -21.23 -7.96
C ALA A 210 -42.13 -21.88 -8.54
N GLY A 211 -41.47 -22.74 -7.78
CA GLY A 211 -40.25 -23.36 -8.26
C GLY A 211 -40.37 -24.01 -9.64
N ALA A 212 -41.60 -24.28 -10.07
CA ALA A 212 -41.86 -24.90 -11.38
C ALA A 212 -42.09 -23.81 -12.45
N GLN A 213 -42.92 -22.81 -12.14
CA GLN A 213 -43.22 -21.73 -13.06
C GLN A 213 -41.94 -21.08 -13.51
N ILE A 214 -41.00 -20.99 -12.60
CA ILE A 214 -39.70 -20.40 -12.89
C ILE A 214 -38.80 -21.42 -13.58
N GLN A 215 -38.93 -22.68 -13.21
CA GLN A 215 -38.11 -23.71 -13.83
C GLN A 215 -38.43 -23.74 -15.36
N LEU A 216 -39.71 -23.84 -15.70
CA LEU A 216 -40.09 -23.89 -17.09
C LEU A 216 -39.68 -22.62 -17.80
N LEU A 217 -39.82 -21.48 -17.16
CA LEU A 217 -39.39 -20.21 -17.78
C LEU A 217 -37.89 -20.24 -18.11
N GLU A 218 -37.06 -20.73 -17.20
CA GLU A 218 -35.62 -20.81 -17.45
C GLU A 218 -35.40 -21.84 -18.56
N GLU A 219 -36.20 -22.88 -18.49
CA GLU A 219 -36.18 -23.98 -19.43
C GLU A 219 -36.45 -23.45 -20.85
N GLY A 220 -37.56 -22.70 -21.00
CA GLY A 220 -37.97 -22.14 -22.28
C GLY A 220 -36.98 -21.15 -22.85
N TRP A 221 -36.25 -20.51 -21.97
CA TRP A 221 -35.27 -19.54 -22.39
C TRP A 221 -34.24 -20.20 -23.28
N ASP A 222 -33.90 -21.41 -22.91
CA ASP A 222 -32.96 -22.18 -23.68
C ASP A 222 -33.63 -22.63 -24.99
N GLN A 223 -34.92 -22.94 -24.93
CA GLN A 223 -35.64 -23.40 -26.10
C GLN A 223 -35.47 -22.38 -27.17
N ARG A 224 -36.03 -21.21 -26.93
CA ARG A 224 -35.96 -20.14 -27.91
C ARG A 224 -34.58 -19.66 -28.29
N ALA A 225 -33.65 -19.62 -27.33
CA ALA A 225 -32.29 -19.14 -27.62
C ALA A 225 -31.54 -19.96 -28.69
N PRO A 226 -31.21 -19.34 -29.84
CA PRO A 226 -30.51 -19.93 -30.98
C PRO A 226 -29.13 -20.48 -30.68
N ILE A 227 -28.35 -19.76 -29.91
CA ILE A 227 -27.04 -20.26 -29.54
C ILE A 227 -27.19 -20.81 -28.11
N GLY A 228 -28.45 -21.13 -27.76
CA GLY A 228 -28.75 -21.64 -26.41
C GLY A 228 -28.62 -20.62 -25.29
N TRP A 229 -28.72 -21.12 -24.07
CA TRP A 229 -28.58 -20.28 -22.88
C TRP A 229 -28.06 -21.11 -21.70
N ASN A 230 -26.94 -20.69 -21.10
CA ASN A 230 -26.36 -21.43 -19.99
C ASN A 230 -26.51 -20.65 -18.71
N MET A 231 -27.60 -20.89 -18.02
CA MET A 231 -27.90 -20.17 -16.79
C MET A 231 -26.96 -20.39 -15.63
N LYS A 232 -26.05 -21.37 -15.72
CA LYS A 232 -25.11 -21.59 -14.63
C LYS A 232 -23.74 -21.00 -14.96
N ASP A 233 -23.71 -20.04 -15.90
CA ASP A 233 -22.48 -19.38 -16.33
C ASP A 233 -22.75 -17.93 -16.69
N ALA A 234 -22.15 -17.01 -15.94
CA ALA A 234 -22.33 -15.58 -16.18
C ALA A 234 -21.25 -15.00 -17.07
N THR A 235 -20.23 -15.78 -17.40
CA THR A 235 -19.15 -15.28 -18.25
C THR A 235 -19.63 -14.60 -19.52
N PRO A 236 -20.73 -15.08 -20.13
CA PRO A 236 -21.19 -14.41 -21.35
C PRO A 236 -21.66 -12.96 -21.05
N VAL A 237 -22.32 -12.79 -19.92
CA VAL A 237 -22.81 -11.49 -19.48
C VAL A 237 -21.66 -10.53 -19.07
N ALA A 238 -20.61 -11.07 -18.43
CA ALA A 238 -19.47 -10.26 -18.01
C ALA A 238 -18.75 -9.74 -19.25
N LYS A 239 -18.50 -10.63 -20.20
CA LYS A 239 -17.86 -10.25 -21.45
C LYS A 239 -18.61 -9.06 -22.12
N THR A 240 -19.93 -9.16 -22.21
CA THR A 240 -20.72 -8.11 -22.80
C THR A 240 -20.56 -6.76 -22.11
N VAL A 241 -20.59 -6.75 -20.78
CA VAL A 241 -20.47 -5.50 -20.04
C VAL A 241 -19.08 -4.89 -20.26
N CYS A 242 -18.08 -5.73 -20.44
CA CYS A 242 -16.75 -5.21 -20.69
C CYS A 242 -16.59 -4.59 -22.10
N ALA A 243 -17.25 -5.19 -23.10
CA ALA A 243 -17.21 -4.67 -24.44
C ALA A 243 -17.85 -3.28 -24.47
N LEU A 244 -18.94 -3.13 -23.73
CA LEU A 244 -19.66 -1.86 -23.66
C LEU A 244 -18.82 -0.82 -22.93
N LEU A 245 -17.89 -1.28 -22.12
CA LEU A 245 -17.01 -0.40 -21.37
C LEU A 245 -15.76 -0.03 -22.16
N SER A 246 -15.64 -0.63 -23.36
CA SER A 246 -14.49 -0.39 -24.23
C SER A 246 -14.75 0.61 -25.37
N ASP A 247 -13.72 0.85 -26.16
CA ASP A 247 -13.79 1.79 -27.27
C ASP A 247 -14.49 1.21 -28.50
N TRP A 248 -15.01 -0.01 -28.39
CA TRP A 248 -15.61 -0.65 -29.54
C TRP A 248 -17.04 -0.40 -29.87
N LEU A 249 -17.75 0.27 -28.97
CA LEU A 249 -19.14 0.66 -29.21
C LEU A 249 -19.24 2.15 -28.84
N PRO A 250 -18.38 3.00 -29.44
CA PRO A 250 -18.39 4.42 -29.15
C PRO A 250 -19.62 5.20 -29.53
N ALA A 251 -20.60 4.57 -30.16
CA ALA A 251 -21.80 5.32 -30.55
C ALA A 251 -23.14 4.87 -29.98
N THR A 252 -23.14 3.87 -29.12
CA THR A 252 -24.43 3.45 -28.58
C THR A 252 -24.69 4.12 -27.23
N THR A 253 -25.83 4.83 -27.13
CA THR A 253 -26.25 5.54 -25.93
C THR A 253 -27.75 5.49 -25.70
N GLY A 254 -28.15 5.43 -24.43
CA GLY A 254 -29.54 5.38 -24.08
C GLY A 254 -30.10 4.13 -24.66
N ASP A 255 -29.20 3.18 -24.93
CA ASP A 255 -29.53 1.90 -25.56
C ASP A 255 -29.51 0.71 -24.62
N ILE A 256 -29.97 -0.40 -25.15
CA ILE A 256 -30.05 -1.64 -24.45
C ILE A 256 -29.36 -2.68 -25.35
N ILE A 257 -28.36 -3.41 -24.83
CA ILE A 257 -27.70 -4.44 -25.61
C ILE A 257 -28.03 -5.77 -24.99
N TYR A 258 -28.80 -6.58 -25.68
CA TYR A 258 -29.23 -7.89 -25.16
C TYR A 258 -28.19 -9.04 -25.16
N ALA A 259 -28.04 -9.70 -24.01
CA ALA A 259 -27.10 -10.79 -23.87
C ALA A 259 -27.80 -11.98 -23.25
N ASP A 260 -28.85 -12.44 -23.93
CA ASP A 260 -29.65 -13.57 -23.50
C ASP A 260 -29.76 -14.63 -24.60
N GLY A 261 -28.68 -14.86 -25.33
CA GLY A 261 -28.73 -15.84 -26.41
C GLY A 261 -29.70 -15.50 -27.55
N GLY A 262 -30.20 -14.26 -27.61
CA GLY A 262 -31.15 -13.88 -28.66
C GLY A 262 -32.52 -14.50 -28.46
N ALA A 263 -32.75 -15.04 -27.25
CA ALA A 263 -34.01 -15.71 -26.88
C ALA A 263 -35.17 -14.77 -27.00
N HIS A 264 -34.88 -13.48 -26.86
CA HIS A 264 -35.91 -12.45 -26.94
C HIS A 264 -36.36 -12.10 -28.37
N THR A 265 -35.67 -12.61 -29.38
CA THR A 265 -36.04 -12.30 -30.75
C THR A 265 -36.86 -13.42 -31.34
N GLN A 266 -36.79 -14.60 -30.73
CA GLN A 266 -37.53 -15.77 -31.21
C GLN A 266 -38.84 -15.96 -30.43
N LEU A 267 -39.89 -16.45 -31.09
CA LEU A 267 -41.14 -16.70 -30.40
C LEU A 267 -41.13 -18.12 -29.87
N LEU A 268 -40.67 -19.05 -30.71
CA LEU A 268 -40.53 -20.48 -30.36
C LEU A 268 -39.10 -20.99 -30.69
N THR B 1 -79.69 5.82 -26.98
CA THR B 1 -78.85 4.61 -27.26
C THR B 1 -77.57 5.09 -27.92
N GLY B 2 -76.61 4.18 -28.14
CA GLY B 2 -75.38 4.58 -28.77
C GLY B 2 -74.23 3.64 -28.48
N LEU B 3 -73.02 4.09 -28.82
CA LEU B 3 -71.81 3.29 -28.63
C LEU B 3 -71.73 2.65 -27.22
N LEU B 4 -72.00 3.42 -26.18
CA LEU B 4 -71.92 2.89 -24.83
C LEU B 4 -73.28 2.73 -24.21
N ASP B 5 -74.20 2.17 -24.97
CA ASP B 5 -75.55 1.99 -24.48
C ASP B 5 -75.71 0.97 -23.34
N GLY B 6 -76.31 1.45 -22.25
CA GLY B 6 -76.59 0.62 -21.09
C GLY B 6 -75.42 0.28 -20.17
N LYS B 7 -74.22 0.58 -20.62
CA LYS B 7 -73.01 0.28 -19.84
C LYS B 7 -72.78 1.28 -18.72
N ARG B 8 -72.43 0.78 -17.53
CA ARG B 8 -72.15 1.65 -16.40
C ARG B 8 -70.66 1.79 -16.40
N ILE B 9 -70.20 2.99 -16.75
CA ILE B 9 -68.80 3.28 -16.82
C ILE B 9 -68.36 4.30 -15.80
N LEU B 10 -67.29 3.97 -15.06
CA LEU B 10 -66.69 4.84 -14.04
C LEU B 10 -65.63 5.73 -14.73
N VAL B 11 -65.55 6.99 -14.33
CA VAL B 11 -64.58 7.89 -14.93
C VAL B 11 -64.00 8.77 -13.83
N SER B 12 -62.70 8.62 -13.57
CA SER B 12 -62.05 9.44 -12.56
C SER B 12 -61.19 10.49 -13.28
N GLY B 13 -60.54 11.39 -12.54
CA GLY B 13 -59.68 12.39 -13.13
C GLY B 13 -60.24 13.70 -13.67
N ILE B 14 -61.48 14.05 -13.34
CA ILE B 14 -62.06 15.31 -13.79
C ILE B 14 -61.79 16.36 -12.73
N ILE B 15 -61.10 17.42 -13.10
CA ILE B 15 -60.84 18.51 -12.16
C ILE B 15 -61.45 19.80 -12.74
N THR B 16 -61.58 19.84 -14.07
CA THR B 16 -62.14 20.97 -14.80
C THR B 16 -62.77 20.43 -16.08
N ASP B 17 -63.36 21.32 -16.88
CA ASP B 17 -63.98 20.92 -18.14
C ASP B 17 -62.96 20.83 -19.28
N SER B 18 -61.69 20.99 -18.94
CA SER B 18 -60.62 20.89 -19.93
C SER B 18 -60.00 19.51 -19.80
N SER B 19 -60.28 18.84 -18.69
CA SER B 19 -59.75 17.50 -18.43
C SER B 19 -60.18 16.55 -19.53
N ILE B 20 -59.25 15.71 -19.96
CA ILE B 20 -59.57 14.73 -20.98
C ILE B 20 -60.70 13.90 -20.43
N ALA B 21 -60.63 13.67 -19.11
CA ALA B 21 -61.62 12.89 -18.36
C ALA B 21 -63.01 13.48 -18.53
N PHE B 22 -63.09 14.81 -18.62
CA PHE B 22 -64.38 15.51 -18.77
C PHE B 22 -64.94 15.16 -20.14
N HIS B 23 -64.08 15.17 -21.15
CA HIS B 23 -64.53 14.84 -22.51
C HIS B 23 -64.90 13.37 -22.65
N ILE B 24 -64.17 12.50 -21.95
CA ILE B 24 -64.47 11.08 -21.98
C ILE B 24 -65.85 10.84 -21.39
N ALA B 25 -66.20 11.64 -20.39
CA ALA B 25 -67.48 11.53 -19.71
C ALA B 25 -68.61 12.09 -20.55
N ARG B 26 -68.36 13.24 -21.15
CA ARG B 26 -69.34 13.89 -22.00
C ARG B 26 -69.69 12.95 -23.14
N VAL B 27 -68.69 12.44 -23.86
CA VAL B 27 -68.93 11.54 -25.00
C VAL B 27 -69.52 10.22 -24.54
N ALA B 28 -68.97 9.70 -23.45
CA ALA B 28 -69.48 8.45 -22.91
C ALA B 28 -70.98 8.61 -22.61
N GLN B 29 -71.35 9.72 -22.00
CA GLN B 29 -72.73 9.96 -21.66
C GLN B 29 -73.59 10.05 -22.92
N GLU B 30 -73.12 10.76 -23.92
CA GLU B 30 -73.91 10.91 -25.13
C GLU B 30 -74.11 9.55 -25.72
N GLN B 31 -73.07 8.73 -25.67
CA GLN B 31 -73.19 7.41 -26.25
C GLN B 31 -74.09 6.44 -25.48
N GLY B 32 -74.68 6.93 -24.39
CA GLY B 32 -75.57 6.11 -23.61
C GLY B 32 -75.09 5.47 -22.32
N ALA B 33 -73.81 5.49 -22.06
CA ALA B 33 -73.32 4.89 -20.82
C ALA B 33 -73.81 5.62 -19.57
N GLN B 34 -73.86 4.92 -18.45
CA GLN B 34 -74.26 5.49 -17.17
C GLN B 34 -72.96 5.69 -16.40
N LEU B 35 -72.71 6.92 -15.98
CA LEU B 35 -71.49 7.22 -15.28
C LEU B 35 -71.58 7.31 -13.77
N VAL B 36 -70.43 7.06 -13.15
CA VAL B 36 -70.23 7.13 -11.72
C VAL B 36 -68.92 7.96 -11.66
N LEU B 37 -69.00 9.24 -11.33
CA LEU B 37 -67.83 10.08 -11.31
C LEU B 37 -67.14 10.13 -9.98
N THR B 38 -65.81 10.14 -10.00
CA THR B 38 -65.04 10.22 -8.77
C THR B 38 -64.21 11.49 -8.85
N GLY B 39 -64.03 12.14 -7.69
CA GLY B 39 -63.23 13.36 -7.63
C GLY B 39 -62.22 13.33 -6.50
N PHE B 40 -61.09 14.00 -6.68
CA PHE B 40 -60.03 14.04 -5.69
C PHE B 40 -60.38 14.71 -4.37
N ASP B 41 -60.24 16.04 -4.32
CA ASP B 41 -60.53 16.77 -3.08
C ASP B 41 -61.44 17.99 -3.22
N ARG B 42 -61.35 18.72 -4.33
CA ARG B 42 -62.19 19.90 -4.52
C ARG B 42 -63.60 19.43 -4.87
N LEU B 43 -64.21 18.70 -3.94
CA LEU B 43 -65.53 18.13 -4.12
C LEU B 43 -66.68 19.07 -4.45
N ARG B 44 -66.79 20.20 -3.74
CA ARG B 44 -67.86 21.15 -4.00
C ARG B 44 -67.58 21.90 -5.29
N LEU B 45 -66.29 22.02 -5.61
CA LEU B 45 -65.83 22.74 -6.81
C LEU B 45 -66.00 21.95 -8.13
N ILE B 46 -65.33 20.79 -8.23
CA ILE B 46 -65.43 19.94 -9.44
C ILE B 46 -66.84 19.39 -9.57
N GLN B 47 -67.62 19.50 -8.50
CA GLN B 47 -68.99 19.07 -8.51
C GLN B 47 -69.66 20.00 -9.52
N ARG B 48 -69.52 21.28 -9.29
CA ARG B 48 -70.07 22.33 -10.14
C ARG B 48 -69.77 22.09 -11.62
N ILE B 49 -68.56 21.61 -11.89
CA ILE B 49 -68.11 21.35 -13.25
C ILE B 49 -68.77 20.10 -13.82
N THR B 50 -68.90 19.05 -13.02
CA THR B 50 -69.52 17.84 -13.52
C THR B 50 -70.98 18.11 -13.85
N ASP B 51 -71.45 19.31 -13.49
CA ASP B 51 -72.83 19.68 -13.79
C ASP B 51 -72.96 20.02 -15.28
N ARG B 52 -71.82 20.24 -15.95
CA ARG B 52 -71.84 20.55 -17.38
C ARG B 52 -72.08 19.29 -18.25
N LEU B 53 -71.75 18.12 -17.69
CA LEU B 53 -71.92 16.83 -18.36
C LEU B 53 -73.37 16.66 -18.65
N PRO B 54 -73.70 16.41 -19.93
CA PRO B 54 -75.07 16.23 -20.42
C PRO B 54 -76.03 15.56 -19.42
N ALA B 55 -75.51 14.67 -18.59
CA ALA B 55 -76.35 13.98 -17.62
C ALA B 55 -75.74 13.93 -16.23
N LYS B 56 -76.60 13.80 -15.22
CA LYS B 56 -76.13 13.72 -13.85
C LYS B 56 -75.50 12.36 -13.54
N ALA B 57 -74.29 12.41 -12.99
CA ALA B 57 -73.53 11.23 -12.63
C ALA B 57 -73.05 11.43 -11.21
N PRO B 58 -73.45 10.53 -10.28
CA PRO B 58 -73.07 10.59 -8.86
C PRO B 58 -71.56 10.70 -8.59
N LEU B 59 -71.19 11.82 -7.97
CA LEU B 59 -69.80 12.12 -7.64
C LEU B 59 -69.43 11.44 -6.33
N LEU B 60 -68.36 10.67 -6.34
CA LEU B 60 -67.91 9.97 -5.14
C LEU B 60 -66.48 10.45 -4.89
N GLU B 61 -66.05 10.46 -3.64
CA GLU B 61 -64.68 10.93 -3.34
C GLU B 61 -63.62 9.85 -3.43
N LEU B 62 -62.54 10.15 -4.14
CA LEU B 62 -61.48 9.18 -4.25
C LEU B 62 -60.08 9.75 -4.38
N ASP B 63 -59.30 9.58 -3.30
CA ASP B 63 -57.89 9.98 -3.30
C ASP B 63 -57.24 8.62 -3.44
N VAL B 64 -56.64 8.37 -4.60
CA VAL B 64 -56.01 7.10 -4.88
C VAL B 64 -54.94 6.68 -3.91
N GLN B 65 -54.29 7.64 -3.27
CA GLN B 65 -53.23 7.36 -2.33
C GLN B 65 -53.77 6.85 -1.00
N ASN B 66 -55.07 6.98 -0.78
CA ASN B 66 -55.61 6.55 0.49
C ASN B 66 -56.38 5.22 0.50
N GLU B 67 -55.77 4.24 1.15
CA GLU B 67 -56.32 2.90 1.25
C GLU B 67 -57.69 2.84 1.87
N GLU B 68 -58.08 3.94 2.51
CA GLU B 68 -59.38 4.02 3.13
C GLU B 68 -60.35 4.32 1.98
N HIS B 69 -59.91 5.17 1.06
CA HIS B 69 -60.71 5.52 -0.09
C HIS B 69 -60.82 4.31 -0.97
N LEU B 70 -59.68 3.70 -1.25
CA LEU B 70 -59.66 2.50 -2.08
C LEU B 70 -60.62 1.45 -1.52
N ALA B 71 -60.40 1.01 -0.29
CA ALA B 71 -61.28 0.00 0.32
C ALA B 71 -62.77 0.31 0.13
N SER B 72 -63.21 1.51 0.50
CA SER B 72 -64.60 1.90 0.36
C SER B 72 -65.07 1.93 -1.08
N LEU B 73 -64.16 2.16 -2.01
CA LEU B 73 -64.48 2.24 -3.44
C LEU B 73 -65.56 1.33 -4.00
N ALA B 74 -65.29 0.05 -4.09
CA ALA B 74 -66.26 -0.90 -4.62
C ALA B 74 -67.58 -0.65 -3.93
N GLY B 75 -67.51 -0.61 -2.60
CA GLY B 75 -68.69 -0.41 -1.78
C GLY B 75 -69.60 0.74 -2.20
N ARG B 76 -69.07 1.96 -2.14
CA ARG B 76 -69.85 3.12 -2.52
C ARG B 76 -70.39 2.92 -3.92
N VAL B 77 -69.52 2.61 -4.88
CA VAL B 77 -69.91 2.38 -6.26
C VAL B 77 -71.18 1.54 -6.33
N THR B 78 -71.25 0.47 -5.55
CA THR B 78 -72.44 -0.38 -5.56
C THR B 78 -73.68 0.39 -5.15
N GLU B 79 -73.55 1.25 -4.14
CA GLU B 79 -74.66 2.06 -3.70
C GLU B 79 -74.98 3.05 -4.82
N ALA B 80 -73.93 3.54 -5.48
CA ALA B 80 -74.03 4.51 -6.58
C ALA B 80 -74.84 3.97 -7.76
N ILE B 81 -74.59 2.72 -8.11
CA ILE B 81 -75.28 2.05 -9.22
C ILE B 81 -76.53 1.24 -8.84
N GLY B 82 -76.44 0.50 -7.75
CA GLY B 82 -77.57 -0.29 -7.29
C GLY B 82 -77.15 -1.68 -6.87
N ALA B 83 -78.06 -2.41 -6.24
CA ALA B 83 -77.74 -3.78 -5.80
C ALA B 83 -78.05 -4.75 -6.95
N GLY B 84 -77.03 -5.52 -7.33
CA GLY B 84 -77.19 -6.48 -8.41
C GLY B 84 -76.34 -6.03 -9.60
N ASN B 85 -76.48 -4.76 -9.94
CA ASN B 85 -75.76 -4.18 -11.06
C ASN B 85 -74.25 -4.16 -10.79
N LYS B 86 -73.49 -4.34 -11.86
CA LYS B 86 -72.02 -4.32 -11.80
C LYS B 86 -71.49 -3.37 -12.85
N LEU B 87 -70.19 -3.12 -12.78
CA LEU B 87 -69.51 -2.19 -13.66
C LEU B 87 -69.06 -2.77 -14.97
N ASP B 88 -69.16 -1.98 -16.02
CA ASP B 88 -68.71 -2.42 -17.34
C ASP B 88 -67.37 -1.77 -17.69
N GLY B 89 -67.00 -0.73 -16.94
CA GLY B 89 -65.75 -0.07 -17.23
C GLY B 89 -65.18 0.78 -16.11
N VAL B 90 -63.91 1.14 -16.25
CA VAL B 90 -63.16 1.95 -15.30
C VAL B 90 -62.21 2.77 -16.16
N VAL B 91 -62.22 4.07 -15.98
CA VAL B 91 -61.35 4.96 -16.73
C VAL B 91 -60.43 5.70 -15.74
N HIS B 92 -59.14 5.36 -15.76
CA HIS B 92 -58.12 5.94 -14.88
C HIS B 92 -57.40 7.13 -15.55
N SER B 93 -58.04 8.29 -15.54
CA SER B 93 -57.43 9.50 -16.09
C SER B 93 -56.77 10.28 -14.93
N ILE B 94 -55.80 9.67 -14.28
CA ILE B 94 -55.10 10.27 -13.15
C ILE B 94 -53.62 10.33 -13.47
N GLY B 95 -53.01 11.48 -13.23
CA GLY B 95 -51.59 11.64 -13.47
C GLY B 95 -51.04 12.82 -12.67
N PHE B 96 -50.00 12.58 -11.88
CA PHE B 96 -49.41 13.64 -11.06
C PHE B 96 -47.89 13.55 -11.02
N MET B 97 -47.26 14.71 -10.79
CA MET B 97 -45.81 14.83 -10.68
C MET B 97 -45.48 16.26 -10.28
N PRO B 98 -44.87 16.44 -9.11
CA PRO B 98 -44.51 17.77 -8.63
C PRO B 98 -43.49 18.39 -9.56
N GLN B 99 -43.60 19.69 -9.77
CA GLN B 99 -42.72 20.45 -10.66
C GLN B 99 -41.23 20.13 -10.56
N THR B 100 -40.86 19.49 -9.45
CA THR B 100 -39.47 19.14 -9.18
C THR B 100 -38.95 18.06 -10.15
N GLY B 101 -39.84 17.22 -10.68
CA GLY B 101 -39.41 16.21 -11.59
C GLY B 101 -39.96 16.42 -12.99
N MET B 102 -40.69 17.50 -13.17
CA MET B 102 -41.28 17.77 -14.48
C MET B 102 -41.14 19.23 -14.81
N GLY B 103 -40.63 19.48 -16.00
CA GLY B 103 -40.49 20.82 -16.48
C GLY B 103 -39.09 21.37 -16.55
N ILE B 104 -38.97 22.58 -16.01
CA ILE B 104 -37.74 23.34 -16.01
C ILE B 104 -36.70 22.90 -14.99
N ASN B 105 -37.14 22.26 -13.90
CA ASN B 105 -36.18 21.80 -12.87
C ASN B 105 -35.50 20.57 -13.44
N PRO B 106 -34.17 20.45 -13.31
CA PRO B 106 -33.37 19.32 -13.81
C PRO B 106 -33.81 17.89 -13.44
N PHE B 107 -33.30 16.94 -14.20
CA PHE B 107 -33.62 15.52 -14.05
C PHE B 107 -32.94 14.94 -12.85
N PHE B 108 -31.65 15.22 -12.73
CA PHE B 108 -30.88 14.72 -11.61
C PHE B 108 -31.29 15.22 -10.21
N ASP B 109 -31.91 16.41 -10.19
CA ASP B 109 -32.28 17.04 -8.93
C ASP B 109 -33.51 16.51 -8.29
N ALA B 110 -34.50 16.16 -9.08
CA ALA B 110 -35.74 15.66 -8.50
C ALA B 110 -35.48 14.56 -7.51
N PRO B 111 -35.81 14.80 -6.23
CA PRO B 111 -35.64 13.86 -5.11
C PRO B 111 -36.71 12.78 -5.11
N TYR B 112 -36.38 11.61 -4.58
CA TYR B 112 -37.30 10.48 -4.58
C TYR B 112 -38.63 10.69 -3.91
N ALA B 113 -38.69 11.58 -2.94
CA ALA B 113 -39.94 11.85 -2.22
C ALA B 113 -41.00 12.35 -3.17
N ASP B 114 -40.56 13.06 -4.20
CA ASP B 114 -41.48 13.59 -5.21
C ASP B 114 -41.68 12.59 -6.37
N VAL B 115 -40.57 12.08 -6.87
CA VAL B 115 -40.62 11.11 -7.93
C VAL B 115 -41.62 10.03 -7.51
N SER B 116 -41.46 9.51 -6.30
CA SER B 116 -42.31 8.46 -5.73
C SER B 116 -43.77 8.89 -5.59
N LYS B 117 -44.00 10.18 -5.36
CA LYS B 117 -45.34 10.74 -5.23
C LYS B 117 -46.06 10.70 -6.58
N GLY B 118 -45.26 10.81 -7.64
CA GLY B 118 -45.80 10.73 -8.98
C GLY B 118 -46.03 9.25 -9.33
N ILE B 119 -45.01 8.42 -9.10
CA ILE B 119 -45.09 7.00 -9.39
C ILE B 119 -46.18 6.28 -8.59
N HIS B 120 -46.65 6.87 -7.51
CA HIS B 120 -47.70 6.22 -6.72
C HIS B 120 -49.06 6.60 -7.27
N ILE B 121 -49.21 7.88 -7.64
CA ILE B 121 -50.49 8.43 -8.19
C ILE B 121 -50.67 8.18 -9.68
N SER B 122 -49.56 8.15 -10.42
CA SER B 122 -49.60 7.93 -11.87
C SER B 122 -49.59 6.44 -12.29
N ALA B 123 -48.52 5.74 -11.92
CA ALA B 123 -48.35 4.36 -12.26
C ALA B 123 -49.11 3.36 -11.40
N TYR B 124 -48.74 3.27 -10.13
CA TYR B 124 -49.32 2.33 -9.17
C TYR B 124 -50.81 2.42 -9.00
N SER B 125 -51.35 3.61 -8.77
CA SER B 125 -52.80 3.78 -8.58
C SER B 125 -53.66 3.02 -9.60
N TYR B 126 -53.14 2.82 -10.81
CA TYR B 126 -53.85 2.08 -11.85
C TYR B 126 -54.13 0.70 -11.27
N ALA B 127 -53.11 0.08 -10.68
CA ALA B 127 -53.25 -1.25 -10.10
C ALA B 127 -54.26 -1.33 -8.96
N SER B 128 -54.04 -0.51 -7.91
CA SER B 128 -54.90 -0.46 -6.73
C SER B 128 -56.35 -0.12 -7.04
N MET B 129 -56.57 0.55 -8.16
CA MET B 129 -57.90 0.92 -8.62
C MET B 129 -58.53 -0.28 -9.35
N ALA B 130 -57.69 -1.01 -10.08
CA ALA B 130 -58.12 -2.19 -10.80
C ALA B 130 -58.44 -3.20 -9.71
N LYS B 131 -57.66 -3.13 -8.64
CA LYS B 131 -57.77 -4.00 -7.45
C LYS B 131 -59.08 -3.77 -6.77
N ALA B 132 -59.35 -2.55 -6.39
CA ALA B 132 -60.58 -2.21 -5.71
C ALA B 132 -61.84 -2.44 -6.50
N LEU B 133 -61.80 -2.21 -7.81
CA LEU B 133 -63.00 -2.31 -8.66
C LEU B 133 -63.30 -3.59 -9.41
N LEU B 134 -62.23 -4.29 -9.80
CA LEU B 134 -62.32 -5.54 -10.55
C LEU B 134 -63.45 -6.43 -10.07
N PRO B 135 -63.50 -6.73 -8.77
CA PRO B 135 -64.55 -7.57 -8.25
C PRO B 135 -65.95 -7.22 -8.71
N ILE B 136 -66.26 -5.94 -8.81
CA ILE B 136 -67.61 -5.58 -9.24
C ILE B 136 -67.75 -5.33 -10.74
N MET B 137 -66.84 -5.91 -11.51
CA MET B 137 -66.89 -5.75 -12.95
C MET B 137 -67.41 -7.00 -13.68
N ASN B 138 -68.31 -6.77 -14.64
CA ASN B 138 -68.89 -7.83 -15.45
C ASN B 138 -67.82 -8.29 -16.44
N PRO B 139 -67.85 -9.58 -16.83
CA PRO B 139 -66.82 -10.02 -17.78
C PRO B 139 -67.14 -9.32 -19.10
N GLY B 140 -66.10 -8.94 -19.82
CA GLY B 140 -66.31 -8.22 -21.05
C GLY B 140 -66.12 -6.74 -20.77
N GLY B 141 -65.89 -6.41 -19.50
CA GLY B 141 -65.68 -5.04 -19.08
C GLY B 141 -64.31 -4.56 -19.51
N SER B 142 -64.06 -3.27 -19.44
CA SER B 142 -62.79 -2.71 -19.88
C SER B 142 -62.27 -1.66 -18.93
N ILE B 143 -60.98 -1.65 -18.69
CA ILE B 143 -60.36 -0.65 -17.84
C ILE B 143 -59.32 0.02 -18.73
N VAL B 144 -59.38 1.35 -18.88
CA VAL B 144 -58.43 2.08 -19.75
C VAL B 144 -57.84 3.36 -19.11
N GLY B 145 -56.51 3.41 -19.04
CA GLY B 145 -55.80 4.53 -18.44
C GLY B 145 -55.01 5.32 -19.46
N MET B 146 -54.73 6.59 -19.18
CA MET B 146 -54.02 7.41 -20.14
C MET B 146 -52.54 7.18 -20.10
N ASP B 147 -51.90 7.45 -21.24
CA ASP B 147 -50.47 7.24 -21.44
C ASP B 147 -49.97 8.37 -22.38
N PHE B 148 -48.64 8.54 -22.43
CA PHE B 148 -47.97 9.55 -23.23
C PHE B 148 -46.60 9.00 -23.68
N ASP B 149 -46.62 8.18 -24.72
CA ASP B 149 -45.44 7.54 -25.36
C ASP B 149 -44.07 7.83 -24.72
N PRO B 150 -43.60 6.96 -23.84
CA PRO B 150 -42.34 7.09 -23.13
C PRO B 150 -41.18 6.39 -23.83
N SER B 151 -41.45 5.87 -25.02
CA SER B 151 -40.46 5.13 -25.79
C SER B 151 -39.16 5.87 -25.98
N ARG B 152 -39.27 7.16 -26.27
CA ARG B 152 -38.08 7.99 -26.49
C ARG B 152 -38.03 9.13 -25.50
N ALA B 153 -36.84 9.43 -25.00
CA ALA B 153 -36.67 10.49 -24.00
C ALA B 153 -36.83 11.86 -24.60
N MET B 154 -37.67 12.66 -23.99
CA MET B 154 -37.91 14.00 -24.45
C MET B 154 -37.68 14.95 -23.28
N PRO B 155 -37.26 16.18 -23.60
CA PRO B 155 -36.99 17.20 -22.57
C PRO B 155 -38.23 17.62 -21.80
N ALA B 156 -38.03 17.92 -20.52
CA ALA B 156 -39.09 18.38 -19.64
C ALA B 156 -39.94 17.31 -19.00
N TYR B 157 -40.47 16.37 -19.80
CA TYR B 157 -41.33 15.33 -19.24
C TYR B 157 -40.56 14.54 -18.17
N ASN B 158 -39.24 14.52 -18.30
CA ASN B 158 -38.33 13.88 -17.35
C ASN B 158 -38.89 12.71 -16.52
N TRP B 159 -39.02 12.88 -15.21
CA TRP B 159 -39.55 11.81 -14.34
C TRP B 159 -41.01 11.41 -14.57
N MET B 160 -41.84 12.28 -15.13
CA MET B 160 -43.23 11.91 -15.38
C MET B 160 -43.24 10.92 -16.57
N THR B 161 -42.17 10.94 -17.39
CA THR B 161 -42.00 10.04 -18.53
C THR B 161 -41.75 8.68 -17.90
N VAL B 162 -40.79 8.68 -16.96
CA VAL B 162 -40.40 7.47 -16.22
C VAL B 162 -41.60 6.82 -15.51
N ALA B 163 -42.45 7.63 -14.92
CA ALA B 163 -43.65 7.13 -14.25
C ALA B 163 -44.66 6.57 -15.24
N LYS B 164 -44.69 7.11 -16.45
CA LYS B 164 -45.62 6.63 -17.48
C LYS B 164 -45.07 5.33 -18.06
N SER B 165 -43.75 5.24 -18.18
CA SER B 165 -43.11 4.05 -18.70
C SER B 165 -43.46 2.92 -17.72
N ALA B 166 -43.38 3.21 -16.43
CA ALA B 166 -43.72 2.21 -15.39
C ALA B 166 -45.22 1.85 -15.52
N LEU B 167 -46.05 2.81 -15.91
CA LEU B 167 -47.47 2.63 -16.06
C LEU B 167 -47.75 1.60 -17.11
N GLU B 168 -47.11 1.70 -18.27
CA GLU B 168 -47.37 0.74 -19.32
C GLU B 168 -47.09 -0.66 -18.81
N SER B 169 -45.95 -0.81 -18.14
CA SER B 169 -45.60 -2.12 -17.64
C SER B 169 -46.67 -2.65 -16.69
N VAL B 170 -47.16 -1.78 -15.81
CA VAL B 170 -48.18 -2.19 -14.86
C VAL B 170 -49.38 -2.66 -15.64
N ASN B 171 -49.72 -1.93 -16.69
CA ASN B 171 -50.88 -2.24 -17.54
C ASN B 171 -50.90 -3.74 -17.91
N ARG B 172 -49.73 -4.24 -18.33
CA ARG B 172 -49.58 -5.63 -18.72
C ARG B 172 -49.87 -6.63 -17.63
N PHE B 173 -49.49 -6.32 -16.38
CA PHE B 173 -49.73 -7.22 -15.27
C PHE B 173 -51.17 -7.17 -14.77
N VAL B 174 -51.78 -6.01 -14.84
CA VAL B 174 -53.17 -5.88 -14.43
C VAL B 174 -53.97 -6.61 -15.46
N ALA B 175 -53.47 -6.59 -16.70
CA ALA B 175 -54.09 -7.26 -17.86
C ALA B 175 -54.37 -8.72 -17.62
N ARG B 176 -53.37 -9.48 -17.15
CA ARG B 176 -53.58 -10.90 -16.86
C ARG B 176 -54.42 -11.10 -15.60
N GLU B 177 -54.39 -10.11 -14.72
CA GLU B 177 -55.17 -10.16 -13.49
C GLU B 177 -56.63 -9.90 -13.82
N ALA B 178 -56.86 -9.02 -14.78
CA ALA B 178 -58.19 -8.65 -15.21
C ALA B 178 -58.73 -9.79 -16.08
N GLY B 179 -57.80 -10.53 -16.68
CA GLY B 179 -58.21 -11.63 -17.53
C GLY B 179 -59.16 -12.59 -16.85
N LYS B 180 -58.82 -12.93 -15.61
CA LYS B 180 -59.59 -13.84 -14.77
C LYS B 180 -61.07 -13.44 -14.53
N TYR B 181 -61.39 -12.16 -14.73
CA TYR B 181 -62.76 -11.67 -14.54
C TYR B 181 -63.40 -11.35 -15.88
N GLY B 182 -62.62 -11.50 -16.96
CA GLY B 182 -63.11 -11.22 -18.30
C GLY B 182 -62.90 -9.78 -18.77
N VAL B 183 -62.36 -8.97 -17.88
CA VAL B 183 -62.08 -7.56 -18.17
C VAL B 183 -60.81 -7.42 -19.04
N ARG B 184 -60.71 -6.30 -19.72
CA ARG B 184 -59.57 -6.06 -20.54
C ARG B 184 -58.89 -4.85 -19.92
N SER B 185 -57.57 -4.79 -20.07
CA SER B 185 -56.81 -3.65 -19.57
C SER B 185 -56.04 -3.07 -20.76
N ASN B 186 -56.19 -1.77 -21.01
CA ASN B 186 -55.56 -1.10 -22.15
C ASN B 186 -55.20 0.33 -21.80
N LEU B 187 -54.18 0.86 -22.48
CA LEU B 187 -53.72 2.23 -22.27
C LEU B 187 -53.74 3.01 -23.59
N VAL B 188 -54.21 4.25 -23.54
CA VAL B 188 -54.31 5.09 -24.73
C VAL B 188 -53.17 6.09 -24.72
N ALA B 189 -52.53 6.27 -25.86
CA ALA B 189 -51.41 7.20 -25.96
C ALA B 189 -51.77 8.40 -26.83
N ALA B 190 -52.09 9.52 -26.18
CA ALA B 190 -52.46 10.72 -26.92
C ALA B 190 -51.29 11.65 -27.09
N GLY B 191 -51.46 12.63 -27.97
CA GLY B 191 -50.44 13.64 -28.18
C GLY B 191 -50.84 14.77 -27.23
N PRO B 192 -50.09 15.87 -27.11
CA PRO B 192 -50.48 16.95 -26.20
C PRO B 192 -51.80 17.66 -26.49
N ILE B 193 -52.59 17.82 -25.45
CA ILE B 193 -53.89 18.48 -25.52
C ILE B 193 -53.64 19.68 -24.64
N ARG B 194 -54.34 20.77 -24.85
CA ARG B 194 -54.11 21.93 -24.01
C ARG B 194 -55.07 22.13 -22.87
N THR B 195 -54.72 21.49 -21.75
CA THR B 195 -55.49 21.58 -20.52
C THR B 195 -54.97 22.85 -19.87
N LEU B 196 -55.49 23.17 -18.69
CA LEU B 196 -55.07 24.36 -17.97
C LEU B 196 -53.55 24.36 -17.97
N ALA B 197 -52.98 23.30 -17.41
CA ALA B 197 -51.52 23.13 -17.29
C ALA B 197 -50.69 23.50 -18.50
N MET B 198 -51.08 22.99 -19.66
CA MET B 198 -50.34 23.25 -20.89
C MET B 198 -50.44 24.69 -21.36
N SER B 199 -51.63 25.28 -21.18
CA SER B 199 -51.83 26.66 -21.58
C SER B 199 -50.83 27.49 -20.77
N ALA B 200 -50.63 27.07 -19.52
CA ALA B 200 -49.70 27.72 -18.60
C ALA B 200 -48.29 27.76 -19.17
N ILE B 201 -47.67 26.58 -19.40
CA ILE B 201 -46.31 26.54 -19.92
C ILE B 201 -46.15 27.25 -21.25
N VAL B 202 -47.14 27.07 -22.11
CA VAL B 202 -47.18 27.68 -23.44
C VAL B 202 -46.88 29.18 -23.35
N GLY B 203 -47.75 29.89 -22.63
CA GLY B 203 -47.63 31.33 -22.46
C GLY B 203 -46.53 31.80 -21.51
N GLY B 204 -45.33 31.22 -21.63
CA GLY B 204 -44.21 31.62 -20.80
C GLY B 204 -44.29 31.66 -19.27
N ALA B 205 -45.26 30.95 -18.68
CA ALA B 205 -45.40 30.89 -17.21
C ALA B 205 -44.14 30.25 -16.69
N LEU B 206 -43.67 29.27 -17.45
CA LEU B 206 -42.44 28.58 -17.09
C LEU B 206 -41.34 29.54 -17.50
N GLY B 207 -41.57 30.24 -18.61
CA GLY B 207 -40.61 31.19 -19.09
C GLY B 207 -40.31 31.05 -20.58
N GLU B 208 -39.29 31.75 -21.03
CA GLU B 208 -38.87 31.70 -22.41
C GLU B 208 -38.49 30.23 -22.70
N GLU B 209 -37.22 29.90 -22.50
CA GLU B 209 -36.65 28.56 -22.74
C GLU B 209 -37.64 27.40 -22.75
N ALA B 210 -38.31 27.19 -21.63
CA ALA B 210 -39.28 26.10 -21.54
C ALA B 210 -40.49 26.30 -22.48
N GLY B 211 -41.20 27.43 -22.36
CA GLY B 211 -42.35 27.68 -23.20
C GLY B 211 -42.11 27.48 -24.70
N ALA B 212 -40.84 27.52 -25.11
CA ALA B 212 -40.50 27.34 -26.51
C ALA B 212 -40.20 25.88 -26.81
N GLN B 213 -39.43 25.23 -25.94
CA GLN B 213 -39.07 23.81 -26.09
C GLN B 213 -40.34 22.97 -26.22
N ILE B 214 -41.34 23.33 -25.44
CA ILE B 214 -42.61 22.63 -25.51
C ILE B 214 -43.41 23.09 -26.71
N GLN B 215 -43.27 24.36 -27.08
CA GLN B 215 -44.00 24.93 -28.21
C GLN B 215 -43.58 24.19 -29.47
N LEU B 216 -42.27 24.13 -29.70
CA LEU B 216 -41.77 23.43 -30.87
C LEU B 216 -42.18 21.94 -30.83
N LEU B 217 -42.13 21.34 -29.65
CA LEU B 217 -42.52 19.94 -29.52
C LEU B 217 -43.97 19.77 -29.95
N GLU B 218 -44.87 20.62 -29.49
CA GLU B 218 -46.27 20.48 -29.88
C GLU B 218 -46.39 20.74 -31.38
N GLU B 219 -45.56 21.66 -31.84
CA GLU B 219 -45.50 22.08 -33.24
C GLU B 219 -45.12 20.90 -34.13
N GLY B 220 -44.02 20.25 -33.77
CA GLY B 220 -43.52 19.11 -34.52
C GLY B 220 -44.48 17.95 -34.53
N TRP B 221 -45.29 17.83 -33.49
CA TRP B 221 -46.27 16.74 -33.39
C TRP B 221 -47.21 16.84 -34.57
N ASP B 222 -47.54 18.05 -34.95
CA ASP B 222 -48.41 18.26 -36.07
C ASP B 222 -47.64 17.94 -37.36
N GLN B 223 -46.35 18.31 -37.38
CA GLN B 223 -45.52 18.06 -38.55
C GLN B 223 -45.61 16.59 -38.96
N ARG B 224 -45.12 15.72 -38.09
CA ARG B 224 -45.11 14.29 -38.35
C ARG B 224 -46.48 13.66 -38.49
N ALA B 225 -47.48 14.15 -37.76
CA ALA B 225 -48.80 13.54 -37.83
C ALA B 225 -49.43 13.65 -39.20
N PRO B 226 -49.68 12.50 -39.87
CA PRO B 226 -50.28 12.34 -41.21
C PRO B 226 -51.67 12.92 -41.35
N ILE B 227 -52.52 12.73 -40.35
CA ILE B 227 -53.86 13.32 -40.38
C ILE B 227 -53.84 14.52 -39.49
N GLY B 228 -52.62 15.00 -39.24
CA GLY B 228 -52.41 16.16 -38.40
C GLY B 228 -52.68 15.90 -36.94
N TRP B 229 -52.65 16.97 -36.15
CA TRP B 229 -52.90 16.90 -34.72
C TRP B 229 -53.48 18.24 -34.25
N ASN B 230 -54.65 18.19 -33.61
CA ASN B 230 -55.29 19.38 -33.11
C ASN B 230 -55.27 19.42 -31.59
N MET B 231 -54.21 19.99 -31.04
CA MET B 231 -54.04 20.07 -29.59
C MET B 231 -55.08 20.86 -28.80
N LYS B 232 -55.95 21.59 -29.47
CA LYS B 232 -56.97 22.34 -28.76
C LYS B 232 -58.31 21.61 -28.85
N ASP B 233 -58.26 20.31 -29.15
CA ASP B 233 -59.47 19.50 -29.25
C ASP B 233 -59.21 18.08 -28.75
N ALA B 234 -59.90 17.70 -27.68
CA ALA B 234 -59.74 16.37 -27.09
C ALA B 234 -60.75 15.38 -27.61
N THR B 235 -61.72 15.85 -28.37
CA THR B 235 -62.74 14.93 -28.91
C THR B 235 -62.16 13.67 -29.58
N PRO B 236 -61.03 13.78 -30.28
CA PRO B 236 -60.48 12.58 -30.91
C PRO B 236 -60.07 11.51 -29.84
N VAL B 237 -59.51 12.00 -28.71
CA VAL B 237 -59.08 11.15 -27.60
C VAL B 237 -60.26 10.57 -26.83
N ALA B 238 -61.35 11.34 -26.72
CA ALA B 238 -62.52 10.84 -26.02
C ALA B 238 -63.12 9.71 -26.83
N LYS B 239 -63.25 9.93 -28.13
CA LYS B 239 -63.83 8.93 -29.02
C LYS B 239 -63.09 7.61 -28.89
N THR B 240 -61.77 7.68 -28.88
CA THR B 240 -60.95 6.49 -28.76
C THR B 240 -61.19 5.71 -27.47
N VAL B 241 -61.26 6.41 -26.33
CA VAL B 241 -61.47 5.74 -25.05
C VAL B 241 -62.83 5.06 -25.01
N CYS B 242 -63.82 5.63 -25.67
CA CYS B 242 -65.13 5.03 -25.71
C CYS B 242 -65.18 3.75 -26.59
N ALA B 243 -64.42 3.76 -27.70
CA ALA B 243 -64.36 2.60 -28.59
C ALA B 243 -63.76 1.42 -27.80
N LEU B 244 -62.73 1.70 -27.01
CA LEU B 244 -62.05 0.70 -26.20
C LEU B 244 -62.96 0.19 -25.10
N LEU B 245 -63.94 0.99 -24.75
CA LEU B 245 -64.91 0.63 -23.72
C LEU B 245 -66.07 -0.13 -24.33
N SER B 246 -66.10 -0.24 -25.65
CA SER B 246 -67.19 -0.94 -26.32
C SER B 246 -66.86 -2.40 -26.70
N ASP B 247 -67.82 -3.06 -27.34
CA ASP B 247 -67.68 -4.46 -27.78
C ASP B 247 -66.88 -4.61 -29.09
N TRP B 248 -66.32 -3.51 -29.59
CA TRP B 248 -65.63 -3.55 -30.83
C TRP B 248 -64.17 -3.88 -30.87
N LEU B 249 -63.57 -3.98 -29.69
CA LEU B 249 -62.17 -4.41 -29.56
C LEU B 249 -62.11 -5.45 -28.45
N PRO B 250 -62.94 -6.52 -28.58
CA PRO B 250 -62.99 -7.59 -27.59
C PRO B 250 -61.74 -8.39 -27.42
N ALA B 251 -60.71 -8.16 -28.22
CA ALA B 251 -59.50 -8.96 -28.03
C ALA B 251 -58.22 -8.25 -27.68
N THR B 252 -58.26 -6.94 -27.46
CA THR B 252 -57.02 -6.26 -27.14
C THR B 252 -56.86 -6.09 -25.61
N THR B 253 -55.76 -6.58 -25.05
CA THR B 253 -55.46 -6.52 -23.62
C THR B 253 -53.97 -6.36 -23.36
N GLY B 254 -53.66 -5.67 -22.26
CA GLY B 254 -52.28 -5.37 -21.91
C GLY B 254 -51.65 -4.59 -23.06
N ASP B 255 -52.50 -3.97 -23.87
CA ASP B 255 -52.11 -3.21 -25.04
C ASP B 255 -52.22 -1.73 -24.90
N ILE B 256 -51.67 -1.05 -25.90
CA ILE B 256 -51.63 0.40 -25.97
C ILE B 256 -52.20 0.76 -27.32
N ILE B 257 -53.23 1.62 -27.36
CA ILE B 257 -53.86 2.07 -28.61
C ILE B 257 -53.55 3.55 -28.78
N TYR B 258 -52.70 3.88 -29.75
CA TYR B 258 -52.30 5.25 -29.97
C TYR B 258 -53.34 6.16 -30.65
N ALA B 259 -53.56 7.35 -30.06
CA ALA B 259 -54.49 8.32 -30.60
C ALA B 259 -53.81 9.70 -30.67
N ASP B 260 -52.70 9.74 -31.41
CA ASP B 260 -51.87 10.94 -31.59
C ASP B 260 -51.66 11.24 -33.07
N GLY B 261 -52.68 11.01 -33.89
CA GLY B 261 -52.56 11.24 -35.32
C GLY B 261 -51.49 10.37 -36.03
N GLY B 262 -50.98 9.35 -35.35
CA GLY B 262 -49.96 8.52 -35.94
C GLY B 262 -48.59 9.19 -36.00
N ALA B 263 -48.45 10.27 -35.25
CA ALA B 263 -47.22 11.08 -35.21
C ALA B 263 -46.07 10.25 -34.73
N HIS B 264 -46.40 9.22 -33.97
CA HIS B 264 -45.40 8.33 -33.40
C HIS B 264 -44.84 7.28 -34.34
N THR B 265 -45.43 7.14 -35.51
CA THR B 265 -44.93 6.18 -36.49
C THR B 265 -44.03 6.84 -37.50
N GLN B 266 -44.14 8.16 -37.63
CA GLN B 266 -43.33 8.91 -38.61
C GLN B 266 -42.11 9.50 -37.94
N LEU B 267 -41.03 9.63 -38.70
CA LEU B 267 -39.83 10.23 -38.14
C LEU B 267 -39.84 11.73 -38.48
N LEU B 268 -40.26 12.06 -39.70
CA LEU B 268 -40.34 13.44 -40.16
C LEU B 268 -41.72 13.64 -40.79
N THR C 1 -10.79 20.82 19.17
CA THR C 1 -10.20 20.38 17.85
C THR C 1 -8.70 20.20 18.07
N GLY C 2 -8.00 19.70 17.05
CA GLY C 2 -6.56 19.52 17.19
C GLY C 2 -5.99 18.49 16.24
N LEU C 3 -4.74 18.10 16.49
CA LEU C 3 -4.05 17.12 15.66
C LEU C 3 -4.91 15.89 15.34
N LEU C 4 -5.57 15.32 16.35
CA LEU C 4 -6.39 14.14 16.12
C LEU C 4 -7.86 14.44 16.19
N ASP C 5 -8.27 15.52 15.54
CA ASP C 5 -9.65 15.92 15.58
C ASP C 5 -10.65 14.99 14.88
N GLY C 6 -11.66 14.57 15.62
CA GLY C 6 -12.71 13.70 15.10
C GLY C 6 -12.37 12.24 14.87
N LYS C 7 -11.10 11.89 14.95
CA LYS C 7 -10.65 10.53 14.74
C LYS C 7 -10.92 9.62 15.94
N ARG C 8 -11.42 8.42 15.70
CA ARG C 8 -11.67 7.46 16.75
C ARG C 8 -10.44 6.57 16.76
N ILE C 9 -9.64 6.72 17.81
CA ILE C 9 -8.41 5.97 17.94
C ILE C 9 -8.44 5.03 19.13
N LEU C 10 -8.07 3.77 18.88
CA LEU C 10 -8.02 2.70 19.89
C LEU C 10 -6.61 2.72 20.51
N VAL C 11 -6.53 2.48 21.81
CA VAL C 11 -5.25 2.49 22.47
C VAL C 11 -5.24 1.40 23.51
N SER C 12 -4.38 0.42 23.35
CA SER C 12 -4.28 -0.67 24.30
C SER C 12 -2.99 -0.48 25.09
N GLY C 13 -2.73 -1.36 26.07
CA GLY C 13 -1.51 -1.28 26.83
C GLY C 13 -1.39 -0.36 28.05
N ILE C 14 -2.50 0.18 28.54
CA ILE C 14 -2.46 1.03 29.74
C ILE C 14 -2.65 0.16 30.99
N ILE C 15 -1.66 0.17 31.87
CA ILE C 15 -1.76 -0.59 33.10
C ILE C 15 -1.66 0.38 34.29
N THR C 16 -1.02 1.52 34.04
CA THR C 16 -0.83 2.57 35.04
C THR C 16 -0.70 3.89 34.29
N ASP C 17 -0.54 4.97 35.02
CA ASP C 17 -0.38 6.29 34.42
C ASP C 17 1.06 6.58 33.99
N SER C 18 1.91 5.56 34.12
CA SER C 18 3.31 5.69 33.71
C SER C 18 3.47 5.06 32.33
N SER C 19 2.47 4.26 31.96
CA SER C 19 2.49 3.58 30.69
C SER C 19 2.58 4.60 29.56
N ILE C 20 3.40 4.29 28.57
CA ILE C 20 3.54 5.16 27.41
C ILE C 20 2.15 5.29 26.79
N ALA C 21 1.41 4.17 26.87
CA ALA C 21 0.05 4.08 26.35
C ALA C 21 -0.84 5.10 27.03
N PHE C 22 -0.61 5.38 28.30
CA PHE C 22 -1.42 6.37 29.04
C PHE C 22 -1.15 7.76 28.48
N HIS C 23 0.12 8.06 28.18
CA HIS C 23 0.51 9.35 27.60
C HIS C 23 0.02 9.52 26.17
N ILE C 24 0.04 8.44 25.42
CA ILE C 24 -0.47 8.46 24.05
C ILE C 24 -1.96 8.79 24.07
N ALA C 25 -2.66 8.31 25.11
CA ALA C 25 -4.09 8.51 25.26
C ALA C 25 -4.38 9.91 25.71
N ARG C 26 -3.61 10.38 26.66
CA ARG C 26 -3.78 11.71 27.18
C ARG C 26 -3.61 12.70 26.07
N VAL C 27 -2.49 12.59 25.33
CA VAL C 27 -2.21 13.52 24.23
C VAL C 27 -3.21 13.34 23.07
N ALA C 28 -3.51 12.10 22.76
CA ALA C 28 -4.46 11.82 21.70
C ALA C 28 -5.78 12.49 22.06
N GLN C 29 -6.20 12.39 23.32
CA GLN C 29 -7.47 12.99 23.74
C GLN C 29 -7.44 14.50 23.63
N GLU C 30 -6.35 15.10 24.08
CA GLU C 30 -6.24 16.56 24.02
C GLU C 30 -6.34 17.00 22.55
N GLN C 31 -5.70 16.24 21.68
CA GLN C 31 -5.71 16.58 20.27
C GLN C 31 -7.03 16.37 19.59
N GLY C 32 -8.03 15.96 20.35
CA GLY C 32 -9.36 15.77 19.79
C GLY C 32 -9.85 14.38 19.42
N ALA C 33 -8.98 13.40 19.36
CA ALA C 33 -9.41 12.05 19.02
C ALA C 33 -10.38 11.45 20.04
N GLN C 34 -11.20 10.49 19.60
CA GLN C 34 -12.14 9.80 20.49
C GLN C 34 -11.49 8.42 20.73
N LEU C 35 -11.28 8.10 22.00
CA LEU C 35 -10.66 6.84 22.35
C LEU C 35 -11.57 5.73 22.75
N VAL C 36 -11.08 4.52 22.53
CA VAL C 36 -11.74 3.26 22.91
C VAL C 36 -10.58 2.52 23.60
N LEU C 37 -10.59 2.49 24.93
CA LEU C 37 -9.49 1.88 25.66
C LEU C 37 -9.68 0.39 25.94
N THR C 38 -8.60 -0.38 25.82
CA THR C 38 -8.66 -1.80 26.10
C THR C 38 -7.70 -2.11 27.25
N GLY C 39 -8.08 -3.04 28.11
CA GLY C 39 -7.25 -3.41 29.24
C GLY C 39 -7.12 -4.91 29.38
N PHE C 40 -5.99 -5.35 29.91
CA PHE C 40 -5.72 -6.76 30.07
C PHE C 40 -6.62 -7.50 31.03
N ASP C 41 -6.27 -7.47 32.32
CA ASP C 41 -7.06 -8.17 33.32
C ASP C 41 -7.47 -7.37 34.56
N ARG C 42 -6.61 -6.48 35.03
CA ARG C 42 -6.95 -5.67 36.21
C ARG C 42 -7.98 -4.60 35.80
N LEU C 43 -9.13 -5.07 35.33
CA LEU C 43 -10.20 -4.22 34.85
C LEU C 43 -10.74 -3.15 35.79
N ARG C 44 -11.01 -3.51 37.05
CA ARG C 44 -11.51 -2.52 38.00
C ARG C 44 -10.40 -1.58 38.44
N LEU C 45 -9.17 -2.09 38.38
CA LEU C 45 -7.99 -1.32 38.78
C LEU C 45 -7.52 -0.28 37.73
N ILE C 46 -7.16 -0.75 36.53
CA ILE C 46 -6.71 0.15 35.46
C ILE C 46 -7.86 1.06 35.03
N GLN C 47 -9.07 0.67 35.41
CA GLN C 47 -10.23 1.46 35.11
C GLN C 47 -10.00 2.77 35.85
N ARG C 48 -9.80 2.65 37.16
CA ARG C 48 -9.56 3.80 38.02
C ARG C 48 -8.52 4.77 37.44
N ILE C 49 -7.50 4.19 36.81
CA ILE C 49 -6.41 4.96 36.22
C ILE C 49 -6.83 5.63 34.97
N THR C 50 -7.61 4.95 34.12
CA THR C 50 -8.05 5.58 32.87
C THR C 50 -8.97 6.77 33.19
N ASP C 51 -9.34 6.91 34.47
CA ASP C 51 -10.18 8.03 34.90
C ASP C 51 -9.36 9.32 34.91
N ARG C 52 -8.04 9.21 34.91
CA ARG C 52 -7.15 10.37 34.89
C ARG C 52 -7.07 11.02 33.50
N LEU C 53 -7.40 10.24 32.46
CA LEU C 53 -7.39 10.73 31.08
C LEU C 53 -8.41 11.82 30.96
N PRO C 54 -7.98 13.00 30.46
CA PRO C 54 -8.82 14.18 30.29
C PRO C 54 -10.28 13.88 29.93
N ALA C 55 -10.52 12.79 29.20
CA ALA C 55 -11.89 12.46 28.83
C ALA C 55 -12.20 10.97 29.03
N LYS C 56 -13.49 10.69 29.20
CA LYS C 56 -13.90 9.32 29.37
C LYS C 56 -13.84 8.53 28.04
N ALA C 57 -13.20 7.38 28.12
CA ALA C 57 -13.03 6.46 26.98
C ALA C 57 -13.43 5.05 27.44
N PRO C 58 -14.44 4.46 26.81
CA PRO C 58 -14.96 3.12 27.13
C PRO C 58 -13.91 2.02 27.16
N LEU C 59 -13.73 1.46 28.35
CA LEU C 59 -12.77 0.41 28.60
C LEU C 59 -13.35 -0.93 28.20
N LEU C 60 -12.63 -1.67 27.36
CA LEU C 60 -13.10 -2.97 26.91
C LEU C 60 -12.03 -3.96 27.30
N GLU C 61 -12.40 -5.22 27.55
CA GLU C 61 -11.40 -6.23 27.94
C GLU C 61 -10.70 -6.93 26.78
N LEU C 62 -9.37 -6.98 26.84
CA LEU C 62 -8.65 -7.64 25.77
C LEU C 62 -7.34 -8.31 26.17
N ASP C 63 -7.37 -9.64 26.17
CA ASP C 63 -6.17 -10.43 26.45
C ASP C 63 -5.84 -10.87 25.04
N VAL C 64 -4.73 -10.35 24.50
CA VAL C 64 -4.32 -10.66 23.14
C VAL C 64 -4.10 -12.13 22.87
N GLN C 65 -3.75 -12.89 23.90
CA GLN C 65 -3.53 -14.32 23.73
C GLN C 65 -4.82 -15.11 23.58
N ASN C 66 -5.96 -14.49 23.84
CA ASN C 66 -7.20 -15.22 23.74
C ASN C 66 -8.05 -14.96 22.52
N GLU C 67 -8.14 -15.96 21.66
CA GLU C 67 -8.91 -15.84 20.42
C GLU C 67 -10.38 -15.53 20.63
N GLU C 68 -10.82 -15.68 21.85
CA GLU C 68 -12.21 -15.37 22.17
C GLU C 68 -12.25 -13.85 22.30
N HIS C 69 -11.21 -13.29 22.89
CA HIS C 69 -11.13 -11.84 23.05
C HIS C 69 -10.96 -11.22 21.68
N LEU C 70 -10.01 -11.75 20.92
CA LEU C 70 -9.74 -11.25 19.58
C LEU C 70 -11.01 -11.23 18.76
N ALA C 71 -11.67 -12.39 18.63
CA ALA C 71 -12.92 -12.48 17.85
C ALA C 71 -13.93 -11.41 18.20
N SER C 72 -14.25 -11.30 19.49
CA SER C 72 -15.19 -10.31 19.97
C SER C 72 -14.73 -8.86 19.72
N LEU C 73 -13.42 -8.66 19.65
CA LEU C 73 -12.84 -7.33 19.47
C LEU C 73 -13.59 -6.36 18.56
N ALA C 74 -13.53 -6.58 17.24
CA ALA C 74 -14.20 -5.72 16.27
C ALA C 74 -15.62 -5.46 16.77
N GLY C 75 -16.30 -6.55 17.11
CA GLY C 75 -17.67 -6.47 17.59
C GLY C 75 -17.92 -5.45 18.69
N ARG C 76 -17.28 -5.64 19.84
CA ARG C 76 -17.46 -4.73 20.96
C ARG C 76 -17.13 -3.31 20.51
N VAL C 77 -15.95 -3.14 19.93
CA VAL C 77 -15.52 -1.84 19.42
C VAL C 77 -16.67 -1.10 18.72
N THR C 78 -17.38 -1.79 17.83
CA THR C 78 -18.51 -1.19 17.11
C THR C 78 -19.58 -0.67 18.05
N GLU C 79 -19.87 -1.43 19.10
CA GLU C 79 -20.86 -1.02 20.07
C GLU C 79 -20.26 0.17 20.84
N ALA C 80 -18.95 0.10 21.08
CA ALA C 80 -18.22 1.14 21.81
C ALA C 80 -18.29 2.51 21.08
N ILE C 81 -18.13 2.48 19.75
CA ILE C 81 -18.17 3.70 18.94
C ILE C 81 -19.56 4.04 18.36
N GLY C 82 -20.25 3.04 17.85
CA GLY C 82 -21.56 3.24 17.28
C GLY C 82 -21.75 2.48 15.97
N ALA C 83 -22.98 2.44 15.46
CA ALA C 83 -23.24 1.76 14.21
C ALA C 83 -23.01 2.73 13.03
N GLY C 84 -22.15 2.33 12.12
CA GLY C 84 -21.83 3.16 10.97
C GLY C 84 -20.40 3.64 11.08
N ASN C 85 -20.06 4.15 12.25
CA ASN C 85 -18.74 4.66 12.51
C ASN C 85 -17.66 3.57 12.47
N LYS C 86 -16.48 3.94 11.96
CA LYS C 86 -15.34 3.03 11.88
C LYS C 86 -14.12 3.65 12.55
N LEU C 87 -13.09 2.83 12.74
CA LEU C 87 -11.86 3.23 13.39
C LEU C 87 -10.86 3.91 12.49
N ASP C 88 -10.17 4.89 13.03
CA ASP C 88 -9.16 5.63 12.28
C ASP C 88 -7.76 5.18 12.70
N GLY C 89 -7.69 4.49 13.83
CA GLY C 89 -6.40 4.03 14.31
C GLY C 89 -6.44 2.90 15.32
N VAL C 90 -5.26 2.33 15.55
CA VAL C 90 -5.06 1.24 16.49
C VAL C 90 -3.67 1.44 17.04
N VAL C 91 -3.52 1.45 18.35
CA VAL C 91 -2.21 1.63 18.97
C VAL C 91 -1.90 0.38 19.79
N HIS C 92 -0.92 -0.39 19.35
CA HIS C 92 -0.52 -1.61 20.04
C HIS C 92 0.68 -1.38 21.00
N SER C 93 0.39 -0.91 22.20
CA SER C 93 1.42 -0.66 23.22
C SER C 93 1.44 -1.87 24.19
N ILE C 94 1.71 -3.04 23.62
CA ILE C 94 1.74 -4.27 24.37
C ILE C 94 3.13 -4.88 24.26
N GLY C 95 3.70 -5.31 25.39
CA GLY C 95 5.03 -5.92 25.38
C GLY C 95 5.24 -6.75 26.64
N PHE C 96 5.56 -8.04 26.49
CA PHE C 96 5.76 -8.94 27.64
C PHE C 96 6.91 -9.90 27.44
N MET C 97 7.50 -10.32 28.56
CA MET C 97 8.61 -11.25 28.57
C MET C 97 8.91 -11.56 30.02
N PRO C 98 8.76 -12.83 30.42
CA PRO C 98 9.04 -13.27 31.80
C PRO C 98 10.51 -13.09 32.10
N GLN C 99 10.81 -12.69 33.33
CA GLN C 99 12.17 -12.42 33.80
C GLN C 99 13.22 -13.44 33.36
N THR C 100 12.74 -14.61 32.92
CA THR C 100 13.61 -15.70 32.51
C THR C 100 14.42 -15.37 31.26
N GLY C 101 13.85 -14.54 30.40
CA GLY C 101 14.58 -14.17 29.19
C GLY C 101 14.97 -12.72 29.13
N MET C 102 14.70 -11.98 30.21
CA MET C 102 15.00 -10.56 30.21
C MET C 102 15.62 -10.22 31.50
N GLY C 103 16.72 -9.50 31.45
CA GLY C 103 17.38 -9.07 32.64
C GLY C 103 18.63 -9.80 33.07
N ILE C 104 18.64 -10.17 34.36
CA ILE C 104 19.79 -10.85 35.04
C ILE C 104 19.93 -12.34 34.76
N ASN C 105 18.83 -13.01 34.42
CA ASN C 105 18.92 -14.43 34.12
C ASN C 105 19.58 -14.51 32.75
N PRO C 106 20.48 -15.48 32.55
CA PRO C 106 21.19 -15.67 31.26
C PRO C 106 20.35 -15.92 29.97
N PHE C 107 20.98 -15.65 28.82
CA PHE C 107 20.37 -15.76 27.49
C PHE C 107 20.12 -17.22 27.11
N PHE C 108 21.13 -18.06 27.34
CA PHE C 108 21.02 -19.49 27.01
C PHE C 108 19.99 -20.27 27.83
N ASP C 109 19.75 -19.82 29.05
CA ASP C 109 18.84 -20.49 29.96
C ASP C 109 17.37 -20.31 29.71
N ALA C 110 16.96 -19.11 29.31
CA ALA C 110 15.53 -18.87 29.04
C ALA C 110 14.95 -19.97 28.13
N PRO C 111 14.00 -20.76 28.68
CA PRO C 111 13.32 -21.86 27.99
C PRO C 111 12.26 -21.36 27.02
N TYR C 112 12.01 -22.11 25.96
CA TYR C 112 11.06 -21.70 24.94
C TYR C 112 9.64 -21.41 25.40
N ALA C 113 9.22 -22.06 26.47
CA ALA C 113 7.87 -21.85 27.01
C ALA C 113 7.67 -20.38 27.37
N ASP C 114 8.75 -19.73 27.80
CA ASP C 114 8.69 -18.32 28.17
C ASP C 114 8.97 -17.41 26.97
N VAL C 115 10.04 -17.72 26.26
CA VAL C 115 10.44 -16.98 25.08
C VAL C 115 9.20 -16.85 24.19
N SER C 116 8.54 -17.97 23.95
CA SER C 116 7.33 -18.04 23.13
C SER C 116 6.16 -17.22 23.72
N LYS C 117 6.10 -17.11 25.04
CA LYS C 117 5.06 -16.34 25.73
C LYS C 117 5.26 -14.85 25.46
N GLY C 118 6.52 -14.47 25.27
CA GLY C 118 6.85 -13.09 24.95
C GLY C 118 6.62 -12.84 23.47
N ILE C 119 7.09 -13.76 22.63
CA ILE C 119 6.94 -13.65 21.18
C ILE C 119 5.46 -13.72 20.72
N HIS C 120 4.58 -14.25 21.58
CA HIS C 120 3.16 -14.32 21.24
C HIS C 120 2.44 -13.00 21.58
N ILE C 121 2.76 -12.45 22.76
CA ILE C 121 2.18 -11.20 23.25
C ILE C 121 2.87 -9.93 22.68
N SER C 122 4.17 -10.00 22.45
CA SER C 122 4.92 -8.86 21.94
C SER C 122 4.88 -8.73 20.42
N ALA C 123 5.41 -9.73 19.72
CA ALA C 123 5.47 -9.74 18.28
C ALA C 123 4.17 -10.09 17.57
N TYR C 124 3.73 -11.35 17.68
CA TYR C 124 2.53 -11.87 17.04
C TYR C 124 1.26 -11.10 17.28
N SER C 125 0.96 -10.80 18.53
CA SER C 125 -0.27 -10.07 18.87
C SER C 125 -0.52 -8.84 17.98
N TYR C 126 0.55 -8.21 17.49
CA TYR C 126 0.42 -7.06 16.59
C TYR C 126 -0.44 -7.50 15.40
N ALA C 127 -0.09 -8.66 14.83
CA ALA C 127 -0.80 -9.23 13.67
C ALA C 127 -2.26 -9.54 13.94
N SER C 128 -2.50 -10.39 14.94
CA SER C 128 -3.86 -10.79 15.32
C SER C 128 -4.78 -9.64 15.67
N MET C 129 -4.18 -8.55 16.14
CA MET C 129 -4.90 -7.32 16.50
C MET C 129 -5.18 -6.51 15.23
N ALA C 130 -4.25 -6.53 14.28
CA ALA C 130 -4.43 -5.85 13.03
C ALA C 130 -5.50 -6.66 12.31
N LYS C 131 -5.46 -7.97 12.55
CA LYS C 131 -6.38 -8.94 11.97
C LYS C 131 -7.81 -8.68 12.42
N ALA C 132 -8.00 -8.67 13.75
CA ALA C 132 -9.31 -8.44 14.36
C ALA C 132 -9.93 -7.06 14.08
N LEU C 133 -9.09 -6.02 13.99
CA LEU C 133 -9.57 -4.65 13.79
C LEU C 133 -9.60 -4.04 12.37
N LEU C 134 -8.65 -4.45 11.53
CA LEU C 134 -8.55 -3.94 10.18
C LEU C 134 -9.91 -3.75 9.52
N PRO C 135 -10.76 -4.80 9.50
CA PRO C 135 -12.07 -4.67 8.87
C PRO C 135 -12.85 -3.42 9.22
N ILE C 136 -12.79 -2.99 10.46
CA ILE C 136 -13.56 -1.80 10.84
C ILE C 136 -12.75 -0.53 10.78
N MET C 137 -11.72 -0.52 9.97
CA MET C 137 -10.89 0.67 9.82
C MET C 137 -11.12 1.41 8.49
N ASN C 138 -11.24 2.73 8.59
CA ASN C 138 -11.44 3.57 7.44
C ASN C 138 -10.12 3.64 6.68
N PRO C 139 -10.18 3.81 5.34
CA PRO C 139 -8.92 3.90 4.63
C PRO C 139 -8.26 5.22 5.08
N GLY C 140 -6.95 5.21 5.24
CA GLY C 140 -6.29 6.42 5.68
C GLY C 140 -5.98 6.26 7.16
N GLY C 141 -6.47 5.16 7.71
CA GLY C 141 -6.27 4.87 9.10
C GLY C 141 -4.85 4.47 9.35
N SER C 142 -4.44 4.45 10.62
CA SER C 142 -3.08 4.11 10.98
C SER C 142 -3.02 3.16 12.20
N ILE C 143 -2.10 2.19 12.15
CA ILE C 143 -1.89 1.22 13.22
C ILE C 143 -0.41 1.37 13.60
N VAL C 144 -0.13 1.73 14.85
CA VAL C 144 1.27 1.92 15.29
C VAL C 144 1.60 1.21 16.62
N GLY C 145 2.66 0.38 16.57
CA GLY C 145 3.09 -0.38 17.74
C GLY C 145 4.46 0.05 18.20
N MET C 146 4.76 -0.17 19.47
CA MET C 146 6.04 0.23 20.03
C MET C 146 7.17 -0.71 19.68
N ASP C 147 8.38 -0.18 19.63
CA ASP C 147 9.61 -0.89 19.26
C ASP C 147 10.73 -0.32 20.12
N PHE C 148 11.86 -1.05 20.17
CA PHE C 148 13.05 -0.67 20.94
C PHE C 148 14.30 -1.19 20.20
N ASP C 149 14.73 -0.43 19.18
CA ASP C 149 15.90 -0.73 18.34
C ASP C 149 16.68 -2.04 18.63
N PRO C 150 16.35 -3.13 17.92
CA PRO C 150 16.98 -4.44 18.07
C PRO C 150 18.18 -4.64 17.15
N SER C 151 18.52 -3.62 16.36
CA SER C 151 19.62 -3.67 15.40
C SER C 151 20.92 -4.22 15.96
N ARG C 152 21.27 -3.78 17.17
CA ARG C 152 22.49 -4.20 17.85
C ARG C 152 22.17 -4.89 19.19
N ALA C 153 22.89 -5.97 19.47
CA ALA C 153 22.67 -6.73 20.70
C ALA C 153 23.13 -5.98 21.94
N MET C 154 22.24 -5.88 22.92
CA MET C 154 22.61 -5.20 24.14
C MET C 154 22.35 -6.16 25.29
N PRO C 155 23.08 -5.98 26.41
CA PRO C 155 22.94 -6.84 27.59
C PRO C 155 21.60 -6.63 28.28
N ALA C 156 21.07 -7.73 28.83
CA ALA C 156 19.81 -7.74 29.56
C ALA C 156 18.54 -7.86 28.71
N TYR C 157 18.40 -7.05 27.67
CA TYR C 157 17.20 -7.08 26.83
C TYR C 157 17.02 -8.48 26.21
N ASN C 158 18.15 -9.19 26.08
CA ASN C 158 18.19 -10.57 25.59
C ASN C 158 17.03 -11.02 24.67
N TRP C 159 16.19 -11.96 25.14
CA TRP C 159 15.09 -12.48 24.33
C TRP C 159 13.99 -11.48 24.00
N MET C 160 13.87 -10.42 24.80
CA MET C 160 12.85 -9.40 24.51
C MET C 160 13.30 -8.57 23.28
N THR C 161 14.63 -8.54 23.05
CA THR C 161 15.23 -7.86 21.88
C THR C 161 14.82 -8.70 20.65
N VAL C 162 15.04 -10.00 20.76
CA VAL C 162 14.69 -10.98 19.73
C VAL C 162 13.19 -10.89 19.37
N ALA C 163 12.34 -10.73 20.36
CA ALA C 163 10.89 -10.65 20.12
C ALA C 163 10.54 -9.34 19.42
N LYS C 164 11.32 -8.30 19.68
CA LYS C 164 11.07 -6.98 19.10
C LYS C 164 11.57 -7.02 17.66
N SER C 165 12.71 -7.69 17.46
CA SER C 165 13.28 -7.82 16.13
C SER C 165 12.23 -8.55 15.25
N ALA C 166 11.58 -9.58 15.81
CA ALA C 166 10.51 -10.33 15.11
C ALA C 166 9.31 -9.38 14.82
N LEU C 167 9.08 -8.45 15.76
CA LEU C 167 8.00 -7.47 15.68
C LEU C 167 8.18 -6.60 14.47
N GLU C 168 9.36 -6.04 14.30
CA GLU C 168 9.58 -5.21 13.14
C GLU C 168 9.23 -5.95 11.86
N SER C 169 9.73 -7.17 11.74
CA SER C 169 9.46 -7.94 10.55
C SER C 169 7.96 -8.13 10.35
N VAL C 170 7.24 -8.42 11.43
CA VAL C 170 5.79 -8.62 11.30
C VAL C 170 5.17 -7.33 10.78
N ASN C 171 5.66 -6.18 11.27
CA ASN C 171 5.17 -4.84 10.89
C ASN C 171 5.07 -4.72 9.40
N ARG C 172 6.12 -5.17 8.73
CA ARG C 172 6.22 -5.16 7.25
C ARG C 172 5.15 -5.96 6.51
N PHE C 173 4.81 -7.13 7.04
CA PHE C 173 3.80 -7.97 6.42
C PHE C 173 2.40 -7.48 6.70
N VAL C 174 2.18 -6.96 7.90
CA VAL C 174 0.88 -6.41 8.24
C VAL C 174 0.69 -5.19 7.35
N ALA C 175 1.81 -4.52 7.05
CA ALA C 175 1.84 -3.32 6.23
C ALA C 175 1.18 -3.53 4.89
N ARG C 176 1.55 -4.60 4.19
CA ARG C 176 0.94 -4.87 2.86
C ARG C 176 -0.51 -5.37 3.00
N GLU C 177 -0.79 -5.98 4.15
CA GLU C 177 -2.12 -6.48 4.44
C GLU C 177 -3.05 -5.34 4.74
N ALA C 178 -2.51 -4.34 5.42
CA ALA C 178 -3.25 -3.13 5.78
C ALA C 178 -3.39 -2.27 4.53
N GLY C 179 -2.44 -2.42 3.61
CA GLY C 179 -2.46 -1.67 2.38
C GLY C 179 -3.81 -1.76 1.67
N LYS C 180 -4.33 -2.98 1.60
CA LYS C 180 -5.60 -3.27 0.95
C LYS C 180 -6.82 -2.53 1.52
N TYR C 181 -6.71 -2.04 2.76
CA TYR C 181 -7.81 -1.31 3.40
C TYR C 181 -7.50 0.19 3.49
N GLY C 182 -6.29 0.57 3.04
CA GLY C 182 -5.85 1.95 3.05
C GLY C 182 -5.14 2.37 4.33
N VAL C 183 -5.07 1.43 5.25
CA VAL C 183 -4.42 1.68 6.53
C VAL C 183 -2.90 1.63 6.38
N ARG C 184 -2.21 2.26 7.31
CA ARG C 184 -0.76 2.26 7.27
C ARG C 184 -0.31 1.52 8.51
N SER C 185 0.82 0.86 8.44
CA SER C 185 1.36 0.15 9.58
C SER C 185 2.77 0.70 9.82
N ASN C 186 3.05 1.13 11.05
CA ASN C 186 4.33 1.74 11.42
C ASN C 186 4.69 1.43 12.85
N LEU C 187 5.99 1.45 13.13
CA LEU C 187 6.49 1.16 14.46
C LEU C 187 7.37 2.33 14.92
N VAL C 188 7.23 2.70 16.20
CA VAL C 188 8.00 3.79 16.81
C VAL C 188 9.11 3.21 17.67
N ALA C 189 10.30 3.77 17.56
CA ALA C 189 11.42 3.27 18.35
C ALA C 189 11.87 4.31 19.35
N ALA C 190 11.46 4.13 20.61
CA ALA C 190 11.83 5.09 21.65
C ALA C 190 13.05 4.63 22.41
N GLY C 191 13.59 5.55 23.20
CA GLY C 191 14.74 5.25 24.04
C GLY C 191 14.09 4.88 25.36
N PRO C 192 14.86 4.48 26.40
CA PRO C 192 14.22 4.12 27.66
C PRO C 192 13.46 5.22 28.40
N ILE C 193 12.25 4.90 28.83
CA ILE C 193 11.39 5.79 29.58
C ILE C 193 11.32 5.09 30.93
N ARG C 194 11.08 5.82 32.00
CA ARG C 194 11.01 5.16 33.28
C ARG C 194 9.61 4.87 33.79
N THR C 195 9.12 3.69 33.40
CA THR C 195 7.81 3.20 33.81
C THR C 195 8.11 2.55 35.16
N LEU C 196 7.09 1.95 35.77
CA LEU C 196 7.27 1.27 37.06
C LEU C 196 8.48 0.34 36.93
N ALA C 197 8.40 -0.59 35.97
CA ALA C 197 9.45 -1.58 35.70
C ALA C 197 10.90 -1.07 35.72
N MET C 198 11.15 0.04 35.01
CA MET C 198 12.50 0.63 34.92
C MET C 198 12.99 1.27 36.23
N SER C 199 12.05 1.86 36.97
CA SER C 199 12.39 2.46 38.24
C SER C 199 12.87 1.31 39.14
N ALA C 200 12.25 0.14 38.97
CA ALA C 200 12.58 -1.05 39.72
C ALA C 200 14.03 -1.47 39.51
N ILE C 201 14.41 -1.79 38.28
CA ILE C 201 15.79 -2.19 38.03
C ILE C 201 16.82 -1.15 38.42
N VAL C 202 16.50 0.12 38.13
CA VAL C 202 17.36 1.26 38.43
C VAL C 202 17.84 1.21 39.89
N GLY C 203 16.88 1.21 40.80
CA GLY C 203 17.15 1.18 42.24
C GLY C 203 17.56 -0.15 42.85
N GLY C 204 18.46 -0.87 42.17
CA GLY C 204 18.97 -2.13 42.66
C GLY C 204 18.04 -3.30 43.02
N ALA C 205 16.79 -3.26 42.54
CA ALA C 205 15.82 -4.34 42.80
C ALA C 205 16.42 -5.59 42.14
N LEU C 206 17.01 -5.39 40.97
CA LEU C 206 17.65 -6.49 40.28
C LEU C 206 18.97 -6.69 41.03
N GLY C 207 19.54 -5.61 41.54
CA GLY C 207 20.77 -5.68 42.29
C GLY C 207 21.80 -4.69 41.81
N GLU C 208 23.03 -4.86 42.28
CA GLU C 208 24.14 -3.99 41.89
C GLU C 208 24.35 -4.14 40.37
N GLU C 209 25.13 -5.16 39.96
CA GLU C 209 25.48 -5.48 38.55
C GLU C 209 24.50 -5.01 37.49
N ALA C 210 23.27 -5.50 37.61
CA ALA C 210 22.21 -5.16 36.68
C ALA C 210 21.83 -3.69 36.73
N GLY C 211 21.43 -3.21 37.91
CA GLY C 211 21.04 -1.81 38.06
C GLY C 211 22.05 -0.81 37.51
N ALA C 212 23.29 -1.25 37.37
CA ALA C 212 24.35 -0.40 36.88
C ALA C 212 24.44 -0.51 35.39
N GLN C 213 24.49 -1.75 34.88
CA GLN C 213 24.58 -2.01 33.44
C GLN C 213 23.48 -1.23 32.69
N ILE C 214 22.31 -1.18 33.29
CA ILE C 214 21.20 -0.46 32.71
C ILE C 214 21.36 1.02 32.98
N GLN C 215 21.92 1.39 34.14
CA GLN C 215 22.08 2.81 34.47
C GLN C 215 22.96 3.47 33.41
N LEU C 216 24.12 2.90 33.21
CA LEU C 216 25.04 3.43 32.21
C LEU C 216 24.40 3.42 30.82
N LEU C 217 23.69 2.36 30.47
CA LEU C 217 23.05 2.30 29.17
C LEU C 217 22.09 3.50 29.03
N GLU C 218 21.32 3.82 30.07
CA GLU C 218 20.38 4.95 30.00
C GLU C 218 21.18 6.24 29.95
N GLU C 219 22.30 6.19 30.66
CA GLU C 219 23.21 7.29 30.76
C GLU C 219 23.78 7.61 29.38
N GLY C 220 24.33 6.59 28.71
CA GLY C 220 24.93 6.74 27.40
C GLY C 220 23.96 7.20 26.35
N TRP C 221 22.68 6.86 26.53
CA TRP C 221 21.65 7.24 25.57
C TRP C 221 21.57 8.74 25.49
N ASP C 222 21.78 9.39 26.62
CA ASP C 222 21.77 10.84 26.66
C ASP C 222 23.08 11.35 26.02
N GLN C 223 24.18 10.65 26.27
CA GLN C 223 25.48 11.04 25.70
C GLN C 223 25.33 11.24 24.17
N ARG C 224 25.08 10.15 23.47
CA ARG C 224 24.93 10.16 22.03
C ARG C 224 23.79 11.02 21.49
N ALA C 225 22.66 11.08 22.19
CA ALA C 225 21.51 11.85 21.69
C ALA C 225 21.82 13.33 21.56
N PRO C 226 21.79 13.88 20.33
CA PRO C 226 22.05 15.28 19.94
C PRO C 226 21.14 16.32 20.62
N ILE C 227 19.84 16.01 20.71
CA ILE C 227 18.91 16.90 21.40
C ILE C 227 18.65 16.31 22.78
N GLY C 228 19.59 15.48 23.20
CA GLY C 228 19.52 14.81 24.48
C GLY C 228 18.42 13.76 24.56
N TRP C 229 18.21 13.26 25.77
CA TRP C 229 17.18 12.27 26.02
C TRP C 229 16.70 12.41 27.48
N ASN C 230 15.39 12.59 27.66
CA ASN C 230 14.79 12.73 28.98
C ASN C 230 13.92 11.52 29.31
N MET C 231 14.55 10.54 29.94
CA MET C 231 13.90 9.30 30.30
C MET C 231 12.79 9.40 31.32
N LYS C 232 12.64 10.55 31.97
CA LYS C 232 11.55 10.68 32.94
C LYS C 232 10.40 11.46 32.33
N ASP C 233 10.33 11.49 31.01
CA ASP C 233 9.27 12.19 30.27
C ASP C 233 8.93 11.46 28.99
N ALA C 234 7.70 10.98 28.90
CA ALA C 234 7.24 10.26 27.72
C ALA C 234 6.53 11.17 26.71
N THR C 235 6.28 12.41 27.08
CA THR C 235 5.60 13.32 26.16
C THR C 235 6.20 13.36 24.74
N PRO C 236 7.53 13.24 24.61
CA PRO C 236 8.08 13.27 23.26
C PRO C 236 7.61 12.06 22.44
N VAL C 237 7.49 10.91 23.09
CA VAL C 237 7.04 9.66 22.45
C VAL C 237 5.53 9.69 22.13
N ALA C 238 4.74 10.31 23.01
CA ALA C 238 3.31 10.40 22.77
C ALA C 238 3.06 11.26 21.55
N LYS C 239 3.73 12.40 21.51
CA LYS C 239 3.59 13.34 20.40
C LYS C 239 3.86 12.63 19.08
N THR C 240 4.95 11.86 19.03
CA THR C 240 5.30 11.12 17.81
C THR C 240 4.21 10.13 17.36
N VAL C 241 3.64 9.37 18.29
CA VAL C 241 2.61 8.40 17.93
C VAL C 241 1.38 9.08 17.39
N CYS C 242 1.09 10.27 17.89
CA CYS C 242 -0.07 11.04 17.42
C CYS C 242 0.12 11.58 15.99
N ALA C 243 1.36 12.00 15.68
CA ALA C 243 1.70 12.53 14.36
C ALA C 243 1.50 11.44 13.33
N LEU C 244 1.93 10.23 13.70
CA LEU C 244 1.84 9.03 12.85
C LEU C 244 0.37 8.65 12.65
N LEU C 245 -0.46 9.04 13.60
CA LEU C 245 -1.90 8.76 13.55
C LEU C 245 -2.64 9.86 12.78
N SER C 246 -1.92 10.91 12.38
CA SER C 246 -2.52 12.01 11.64
C SER C 246 -2.32 11.94 10.13
N ASP C 247 -2.83 12.96 9.43
CA ASP C 247 -2.77 13.07 7.97
C ASP C 247 -1.43 13.60 7.47
N TRP C 248 -0.50 13.78 8.39
CA TRP C 248 0.77 14.34 8.00
C TRP C 248 1.90 13.43 7.54
N LEU C 249 1.71 12.10 7.67
CA LEU C 249 2.68 11.12 7.16
C LEU C 249 1.87 10.10 6.37
N PRO C 250 1.07 10.57 5.41
CA PRO C 250 0.25 9.67 4.61
C PRO C 250 0.98 8.66 3.74
N ALA C 251 2.30 8.72 3.68
CA ALA C 251 2.99 7.75 2.83
C ALA C 251 3.98 6.80 3.48
N THR C 252 4.07 6.79 4.80
CA THR C 252 5.02 5.88 5.44
C THR C 252 4.28 4.63 5.93
N THR C 253 4.76 3.46 5.46
CA THR C 253 4.18 2.15 5.78
C THR C 253 5.24 1.05 5.91
N GLY C 254 5.00 0.11 6.82
CA GLY C 254 5.94 -0.97 7.08
C GLY C 254 7.27 -0.37 7.54
N ASP C 255 7.17 0.87 8.04
CA ASP C 255 8.32 1.67 8.47
C ASP C 255 8.42 1.79 9.96
N ILE C 256 9.55 2.37 10.35
CA ILE C 256 9.90 2.58 11.73
C ILE C 256 10.31 4.05 11.84
N ILE C 257 9.70 4.78 12.76
CA ILE C 257 10.05 6.18 12.96
C ILE C 257 10.68 6.30 14.33
N TYR C 258 11.96 6.58 14.37
CA TYR C 258 12.65 6.69 15.65
C TYR C 258 12.39 7.98 16.49
N ALA C 259 12.09 7.80 17.78
CA ALA C 259 11.86 8.91 18.70
C ALA C 259 12.69 8.71 19.94
N ASP C 260 14.01 8.67 19.77
CA ASP C 260 15.00 8.47 20.83
C ASP C 260 16.08 9.54 20.79
N GLY C 261 15.70 10.76 20.45
CA GLY C 261 16.69 11.84 20.36
C GLY C 261 17.76 11.65 19.29
N GLY C 262 17.58 10.70 18.36
CA GLY C 262 18.56 10.45 17.31
C GLY C 262 19.82 9.79 17.85
N ALA C 263 19.72 9.26 19.06
CA ALA C 263 20.83 8.57 19.76
C ALA C 263 21.32 7.40 18.95
N HIS C 264 20.41 6.82 18.17
CA HIS C 264 20.71 5.66 17.35
C HIS C 264 21.50 5.95 16.08
N THR C 265 21.69 7.22 15.76
CA THR C 265 22.43 7.57 14.56
C THR C 265 23.86 7.93 14.90
N GLN C 266 24.10 8.27 16.16
CA GLN C 266 25.44 8.66 16.58
C GLN C 266 26.13 7.48 17.20
N LEU C 267 27.46 7.42 17.06
CA LEU C 267 28.24 6.35 17.67
C LEU C 267 28.69 6.80 19.06
N LEU C 268 29.15 8.05 19.14
CA LEU C 268 29.59 8.63 20.40
C LEU C 268 28.87 9.99 20.58
N THR D 1 44.95 -32.46 2.76
CA THR D 1 45.01 -31.15 3.46
C THR D 1 44.08 -30.17 2.72
N GLY D 2 43.93 -28.96 3.23
CA GLY D 2 43.07 -28.01 2.56
C GLY D 2 42.54 -26.92 3.48
N LEU D 3 41.54 -26.18 2.97
CA LEU D 3 40.94 -25.08 3.68
C LEU D 3 40.59 -25.46 5.11
N LEU D 4 39.95 -26.62 5.29
CA LEU D 4 39.54 -27.04 6.64
C LEU D 4 40.37 -28.18 7.18
N ASP D 5 41.67 -28.12 6.92
CA ASP D 5 42.56 -29.17 7.37
C ASP D 5 42.64 -29.39 8.86
N GLY D 6 42.40 -30.64 9.26
CA GLY D 6 42.48 -31.04 10.66
C GLY D 6 41.34 -30.61 11.56
N LYS D 7 40.51 -29.71 11.09
CA LYS D 7 39.43 -29.21 11.90
C LYS D 7 38.28 -30.18 12.02
N ARG D 8 37.74 -30.36 13.22
CA ARG D 8 36.59 -31.24 13.42
C ARG D 8 35.39 -30.32 13.39
N ILE D 9 34.59 -30.46 12.34
CA ILE D 9 33.42 -29.61 12.14
C ILE D 9 32.12 -30.41 12.14
N LEU D 10 31.16 -29.93 12.92
CA LEU D 10 29.85 -30.56 13.02
C LEU D 10 28.95 -29.96 11.95
N VAL D 11 28.09 -30.78 11.36
CA VAL D 11 27.19 -30.28 10.34
C VAL D 11 25.85 -30.95 10.51
N SER D 12 24.83 -30.16 10.83
CA SER D 12 23.47 -30.70 11.00
C SER D 12 22.64 -30.29 9.77
N GLY D 13 21.39 -30.77 9.70
CA GLY D 13 20.50 -30.41 8.60
C GLY D 13 20.54 -31.16 7.26
N ILE D 14 21.20 -32.32 7.19
CA ILE D 14 21.22 -33.09 5.95
C ILE D 14 20.04 -34.05 5.94
N ILE D 15 19.16 -33.93 4.95
CA ILE D 15 18.01 -34.82 4.85
C ILE D 15 18.08 -35.56 3.52
N THR D 16 18.81 -34.95 2.57
CA THR D 16 19.01 -35.49 1.23
C THR D 16 20.31 -34.93 0.70
N ASP D 17 20.67 -35.31 -0.53
CA ASP D 17 21.89 -34.81 -1.19
C ASP D 17 21.68 -33.47 -1.91
N SER D 18 20.49 -32.90 -1.72
CA SER D 18 20.15 -31.60 -2.29
C SER D 18 20.30 -30.55 -1.17
N SER D 19 20.31 -31.01 0.07
CA SER D 19 20.46 -30.13 1.19
C SER D 19 21.79 -29.34 1.08
N ILE D 20 21.70 -28.06 1.39
CA ILE D 20 22.86 -27.17 1.36
C ILE D 20 23.85 -27.78 2.34
N ALA D 21 23.32 -28.33 3.42
CA ALA D 21 24.10 -29.01 4.46
C ALA D 21 24.95 -30.14 3.89
N PHE D 22 24.38 -30.86 2.91
CA PHE D 22 25.09 -31.94 2.27
C PHE D 22 26.28 -31.35 1.53
N HIS D 23 26.06 -30.24 0.83
CA HIS D 23 27.17 -29.62 0.08
C HIS D 23 28.22 -29.02 0.97
N ILE D 24 27.79 -28.49 2.10
CA ILE D 24 28.72 -27.93 3.08
C ILE D 24 29.60 -29.09 3.62
N ALA D 25 29.00 -30.27 3.75
CA ALA D 25 29.72 -31.46 4.25
C ALA D 25 30.70 -32.00 3.21
N ARG D 26 30.23 -32.09 1.99
CA ARG D 26 31.05 -32.56 0.88
C ARG D 26 32.29 -31.65 0.73
N VAL D 27 32.10 -30.34 0.62
CA VAL D 27 33.22 -29.40 0.47
C VAL D 27 34.10 -29.37 1.75
N ALA D 28 33.45 -29.36 2.90
CA ALA D 28 34.16 -29.37 4.16
C ALA D 28 35.07 -30.59 4.22
N GLN D 29 34.55 -31.75 3.82
CA GLN D 29 35.34 -32.97 3.84
C GLN D 29 36.50 -32.90 2.86
N GLU D 30 36.23 -32.39 1.64
CA GLU D 30 37.29 -32.30 0.63
C GLU D 30 38.41 -31.43 1.18
N GLN D 31 38.01 -30.32 1.80
CA GLN D 31 38.97 -29.38 2.36
C GLN D 31 39.82 -29.92 3.53
N GLY D 32 39.52 -31.15 3.97
CA GLY D 32 40.25 -31.78 5.05
C GLY D 32 39.59 -31.86 6.42
N ALA D 33 38.45 -31.22 6.61
CA ALA D 33 37.82 -31.25 7.93
C ALA D 33 37.28 -32.63 8.28
N GLN D 34 37.21 -32.92 9.57
CA GLN D 34 36.66 -34.18 10.06
C GLN D 34 35.25 -33.87 10.54
N LEU D 35 34.27 -34.52 9.94
CA LEU D 35 32.87 -34.29 10.28
C LEU D 35 32.24 -35.22 11.30
N VAL D 36 31.23 -34.67 11.94
CA VAL D 36 30.40 -35.36 12.92
C VAL D 36 28.99 -34.94 12.41
N LEU D 37 28.31 -35.84 11.70
CA LEU D 37 27.00 -35.51 11.18
C LEU D 37 25.84 -35.82 12.12
N THR D 38 24.82 -34.97 12.12
CA THR D 38 23.65 -35.19 12.94
C THR D 38 22.42 -35.26 12.02
N GLY D 39 21.46 -36.10 12.38
CA GLY D 39 20.25 -36.25 11.59
C GLY D 39 19.03 -36.16 12.48
N PHE D 40 17.93 -35.69 11.90
CA PHE D 40 16.70 -35.55 12.64
C PHE D 40 16.08 -36.88 13.06
N ASP D 41 15.28 -37.49 12.18
CA ASP D 41 14.60 -38.75 12.51
C ASP D 41 14.76 -39.90 11.51
N ARG D 42 14.81 -39.60 10.21
CA ARG D 42 14.97 -40.65 9.21
C ARG D 42 16.42 -41.15 9.26
N LEU D 43 16.81 -41.70 10.41
CA LEU D 43 18.15 -42.17 10.63
C LEU D 43 18.71 -43.21 9.67
N ARG D 44 17.93 -44.25 9.35
CA ARG D 44 18.43 -45.28 8.43
C ARG D 44 18.45 -44.76 7.00
N LEU D 45 17.54 -43.85 6.72
CA LEU D 45 17.40 -43.26 5.40
C LEU D 45 18.49 -42.23 5.06
N ILE D 46 18.57 -41.13 5.80
CA ILE D 46 19.58 -40.09 5.56
C ILE D 46 20.95 -40.67 5.82
N GLN D 47 20.99 -41.84 6.44
CA GLN D 47 22.25 -42.48 6.70
C GLN D 47 22.77 -42.81 5.32
N ARG D 48 21.92 -43.51 4.57
CA ARG D 48 22.22 -43.96 3.21
C ARG D 48 22.78 -42.84 2.34
N ILE D 49 22.24 -41.64 2.53
CA ILE D 49 22.64 -40.44 1.80
C ILE D 49 23.99 -39.90 2.24
N THR D 50 24.26 -39.91 3.55
CA THR D 50 25.53 -39.43 4.06
C THR D 50 26.64 -40.32 3.55
N ASP D 51 26.28 -41.47 3.00
CA ASP D 51 27.27 -42.38 2.44
C ASP D 51 27.86 -41.81 1.13
N ARG D 52 27.19 -40.83 0.55
CA ARG D 52 27.69 -40.21 -0.68
C ARG D 52 28.85 -39.24 -0.39
N LEU D 53 28.91 -38.75 0.85
CA LEU D 53 29.95 -37.80 1.27
C LEU D 53 31.29 -38.49 1.13
N PRO D 54 32.21 -37.87 0.37
CA PRO D 54 33.55 -38.39 0.12
C PRO D 54 34.15 -39.21 1.25
N ALA D 55 33.82 -38.88 2.48
CA ALA D 55 34.37 -39.63 3.59
C ALA D 55 33.32 -39.98 4.68
N LYS D 56 33.60 -41.00 5.46
CA LYS D 56 32.66 -41.41 6.50
C LYS D 56 32.70 -40.46 7.71
N ALA D 57 31.51 -40.02 8.11
CA ALA D 57 31.32 -39.11 9.23
C ALA D 57 30.20 -39.69 10.11
N PRO D 58 30.53 -40.01 11.37
CA PRO D 58 29.58 -40.59 12.35
C PRO D 58 28.28 -39.82 12.51
N LEU D 59 27.20 -40.48 12.14
CA LEU D 59 25.87 -39.91 12.23
C LEU D 59 25.34 -40.05 13.65
N LEU D 60 24.89 -38.96 14.24
CA LEU D 60 24.33 -38.97 15.59
C LEU D 60 22.90 -38.43 15.48
N GLU D 61 22.00 -38.84 16.36
CA GLU D 61 20.62 -38.35 16.27
C GLU D 61 20.38 -37.06 17.01
N LEU D 62 19.75 -36.11 16.34
CA LEU D 62 19.48 -34.87 16.99
C LEU D 62 18.21 -34.20 16.57
N ASP D 63 17.22 -34.19 17.48
CA ASP D 63 15.97 -33.47 17.26
C ASP D 63 16.17 -32.22 18.13
N VAL D 64 16.34 -31.06 17.50
CA VAL D 64 16.61 -29.83 18.24
C VAL D 64 15.57 -29.48 19.27
N GLN D 65 14.33 -29.84 19.01
CA GLN D 65 13.28 -29.54 19.97
C GLN D 65 13.32 -30.38 21.25
N ASN D 66 14.18 -31.40 21.29
CA ASN D 66 14.24 -32.25 22.45
C ASN D 66 15.44 -32.05 23.34
N GLU D 67 15.17 -31.51 24.53
CA GLU D 67 16.21 -31.25 25.53
C GLU D 67 16.98 -32.49 25.95
N GLU D 68 16.43 -33.66 25.65
CA GLU D 68 17.08 -34.93 25.96
C GLU D 68 18.18 -35.09 24.91
N HIS D 69 17.84 -34.73 23.67
CA HIS D 69 18.79 -34.79 22.57
C HIS D 69 19.90 -33.76 22.80
N LEU D 70 19.47 -32.53 23.09
CA LEU D 70 20.39 -31.43 23.36
C LEU D 70 21.37 -31.81 24.48
N ALA D 71 20.86 -32.13 25.67
CA ALA D 71 21.71 -32.50 26.79
C ALA D 71 22.77 -33.54 26.39
N SER D 72 22.34 -34.65 25.75
CA SER D 72 23.26 -35.71 25.32
C SER D 72 24.27 -35.25 24.27
N LEU D 73 23.91 -34.20 23.52
CA LEU D 73 24.74 -33.66 22.42
C LEU D 73 26.22 -33.60 22.67
N ALA D 74 26.66 -32.67 23.50
CA ALA D 74 28.08 -32.55 23.78
C ALA D 74 28.66 -33.94 24.02
N GLY D 75 28.01 -34.68 24.92
CA GLY D 75 28.42 -36.03 25.30
C GLY D 75 28.73 -36.96 24.16
N ARG D 76 27.73 -37.29 23.35
CA ARG D 76 27.94 -38.18 22.21
C ARG D 76 29.10 -37.67 21.34
N VAL D 77 28.99 -36.41 20.90
CA VAL D 77 30.01 -35.79 20.08
C VAL D 77 31.39 -36.14 20.57
N THR D 78 31.62 -36.07 21.89
CA THR D 78 32.93 -36.38 22.46
C THR D 78 33.33 -37.81 22.16
N GLU D 79 32.37 -38.73 22.22
CA GLU D 79 32.61 -40.15 21.94
C GLU D 79 32.84 -40.28 20.44
N ALA D 80 32.10 -39.46 19.67
CA ALA D 80 32.21 -39.42 18.22
C ALA D 80 33.61 -39.02 17.77
N ILE D 81 34.18 -37.98 18.39
CA ILE D 81 35.53 -37.49 18.05
C ILE D 81 36.68 -38.11 18.85
N GLY D 82 36.49 -38.24 20.16
CA GLY D 82 37.49 -38.82 21.02
C GLY D 82 37.66 -38.06 22.33
N ALA D 83 38.41 -38.64 23.26
CA ALA D 83 38.64 -37.97 24.54
C ALA D 83 39.88 -37.05 24.39
N GLY D 84 39.67 -35.77 24.71
CA GLY D 84 40.74 -34.80 24.59
C GLY D 84 40.43 -33.82 23.46
N ASN D 85 40.01 -34.37 22.33
CA ASN D 85 39.68 -33.57 21.16
C ASN D 85 38.42 -32.76 21.35
N LYS D 86 38.43 -31.55 20.83
CA LYS D 86 37.30 -30.64 20.90
C LYS D 86 36.90 -30.20 19.51
N LEU D 87 35.74 -29.54 19.43
CA LEU D 87 35.20 -29.05 18.16
C LEU D 87 35.72 -27.72 17.70
N ASP D 88 35.86 -27.60 16.39
CA ASP D 88 36.34 -26.37 15.79
C ASP D 88 35.19 -25.61 15.13
N GLY D 89 34.08 -26.30 14.98
CA GLY D 89 32.91 -25.67 14.35
C GLY D 89 31.56 -26.34 14.58
N VAL D 90 30.51 -25.62 14.21
CA VAL D 90 29.14 -26.09 14.34
C VAL D 90 28.40 -25.43 13.19
N VAL D 91 27.68 -26.22 12.40
CA VAL D 91 26.94 -25.68 11.27
C VAL D 91 25.46 -25.97 11.45
N HIS D 92 24.68 -24.93 11.74
CA HIS D 92 23.24 -25.06 11.97
C HIS D 92 22.41 -24.82 10.70
N SER D 93 22.29 -25.85 9.88
CA SER D 93 21.51 -25.76 8.65
C SER D 93 20.13 -26.35 8.94
N ILE D 94 19.44 -25.77 9.90
CA ILE D 94 18.13 -26.27 10.25
C ILE D 94 17.12 -25.15 10.02
N GLY D 95 15.98 -25.49 9.43
CA GLY D 95 14.94 -24.51 9.17
C GLY D 95 13.62 -25.19 8.94
N PHE D 96 12.58 -24.81 9.68
CA PHE D 96 11.26 -25.41 9.56
C PHE D 96 10.14 -24.38 9.71
N MET D 97 9.01 -24.70 9.06
CA MET D 97 7.79 -23.90 9.07
C MET D 97 6.68 -24.66 8.34
N PRO D 98 5.61 -25.02 9.08
CA PRO D 98 4.48 -25.76 8.49
C PRO D 98 3.81 -24.87 7.45
N GLN D 99 3.36 -25.48 6.37
CA GLN D 99 2.71 -24.78 5.28
C GLN D 99 1.69 -23.72 5.64
N THR D 100 1.17 -23.71 6.87
CA THR D 100 0.21 -22.66 7.23
C THR D 100 0.96 -21.34 7.49
N GLY D 101 2.23 -21.45 7.91
CA GLY D 101 3.07 -20.26 8.13
C GLY D 101 3.52 -19.68 6.79
N MET D 102 4.39 -20.43 6.10
CA MET D 102 4.88 -20.08 4.77
C MET D 102 3.69 -20.31 3.83
N GLY D 103 3.88 -21.15 2.80
CA GLY D 103 2.85 -21.50 1.82
C GLY D 103 2.30 -20.34 1.00
N ILE D 104 1.00 -20.44 0.71
CA ILE D 104 0.24 -19.41 -0.02
C ILE D 104 -0.93 -19.10 0.93
N ASN D 105 -0.72 -19.46 2.19
CA ASN D 105 -1.70 -19.28 3.26
C ASN D 105 -1.74 -17.79 3.65
N PRO D 106 -2.95 -17.19 3.66
CA PRO D 106 -3.02 -15.78 4.05
C PRO D 106 -2.41 -15.60 5.44
N PHE D 107 -1.23 -14.98 5.44
CA PHE D 107 -0.37 -14.64 6.60
C PHE D 107 -1.11 -14.45 7.96
N PHE D 108 -2.22 -13.72 7.94
CA PHE D 108 -3.01 -13.52 9.13
C PHE D 108 -3.56 -14.83 9.73
N ASP D 109 -3.76 -15.83 8.88
CA ASP D 109 -4.31 -17.12 9.30
C ASP D 109 -3.38 -18.01 10.10
N ALA D 110 -2.10 -18.01 9.76
CA ALA D 110 -1.17 -18.87 10.44
C ALA D 110 -1.28 -18.72 11.94
N PRO D 111 -1.74 -19.81 12.62
CA PRO D 111 -1.89 -19.81 14.07
C PRO D 111 -0.54 -19.92 14.79
N TYR D 112 -0.48 -19.43 16.02
CA TYR D 112 0.75 -19.46 16.79
C TYR D 112 1.36 -20.83 17.08
N ALA D 113 0.53 -21.86 17.16
CA ALA D 113 1.02 -23.22 17.42
C ALA D 113 2.00 -23.64 16.37
N ASP D 114 1.78 -23.20 15.15
CA ASP D 114 2.67 -23.51 14.05
C ASP D 114 3.82 -22.49 13.96
N VAL D 115 3.47 -21.20 14.01
CA VAL D 115 4.45 -20.11 13.94
C VAL D 115 5.57 -20.42 14.94
N SER D 116 5.13 -20.76 16.15
CA SER D 116 6.01 -21.11 17.27
C SER D 116 6.84 -22.40 17.00
N LYS D 117 6.27 -23.34 16.23
CA LYS D 117 6.96 -24.57 15.85
C LYS D 117 8.10 -24.24 14.89
N GLY D 118 7.93 -23.17 14.12
CA GLY D 118 8.96 -22.75 13.21
C GLY D 118 9.98 -21.94 13.98
N ILE D 119 9.50 -21.00 14.81
CA ILE D 119 10.40 -20.15 15.61
C ILE D 119 11.26 -20.94 16.63
N HIS D 120 10.84 -22.16 16.94
CA HIS D 120 11.59 -23.00 17.89
C HIS D 120 12.72 -23.75 17.17
N ILE D 121 12.37 -24.34 16.04
CA ILE D 121 13.34 -25.11 15.24
C ILE D 121 14.28 -24.23 14.37
N SER D 122 13.76 -23.10 13.88
CA SER D 122 14.52 -22.20 13.02
C SER D 122 15.41 -21.21 13.79
N ALA D 123 14.78 -20.33 14.58
CA ALA D 123 15.49 -19.29 15.32
C ALA D 123 16.16 -19.73 16.59
N TYR D 124 15.36 -20.19 17.57
CA TYR D 124 15.82 -20.63 18.88
C TYR D 124 16.84 -21.75 18.90
N SER D 125 16.54 -22.86 18.23
CA SER D 125 17.44 -23.99 18.19
C SER D 125 18.89 -23.58 17.98
N TYR D 126 19.11 -22.45 17.30
CA TYR D 126 20.48 -21.97 17.06
C TYR D 126 21.12 -21.78 18.44
N ALA D 127 20.37 -21.14 19.34
CA ALA D 127 20.84 -20.86 20.68
C ALA D 127 21.13 -22.13 21.47
N SER D 128 20.10 -22.95 21.67
CA SER D 128 20.22 -24.19 22.41
C SER D 128 21.33 -25.14 21.90
N MET D 129 21.66 -25.01 20.62
CA MET D 129 22.69 -25.80 19.95
C MET D 129 24.05 -25.21 20.27
N ALA D 130 24.10 -23.87 20.30
CA ALA D 130 25.33 -23.15 20.62
C ALA D 130 25.57 -23.42 22.11
N LYS D 131 24.46 -23.57 22.83
CA LYS D 131 24.43 -23.86 24.27
C LYS D 131 25.03 -25.25 24.57
N ALA D 132 24.45 -26.26 23.93
CA ALA D 132 24.90 -27.63 24.09
C ALA D 132 26.33 -27.91 23.67
N LEU D 133 26.78 -27.26 22.61
CA LEU D 133 28.11 -27.50 22.05
C LEU D 133 29.28 -26.61 22.42
N LEU D 134 28.98 -25.34 22.68
CA LEU D 134 29.98 -24.33 23.03
C LEU D 134 31.07 -24.88 23.96
N PRO D 135 30.64 -25.47 25.07
CA PRO D 135 31.62 -26.01 26.00
C PRO D 135 32.76 -26.81 25.37
N ILE D 136 32.44 -27.65 24.39
CA ILE D 136 33.46 -28.49 23.77
C ILE D 136 34.11 -27.89 22.53
N MET D 137 34.03 -26.57 22.42
CA MET D 137 34.63 -25.92 21.26
C MET D 137 35.94 -25.24 21.62
N ASN D 138 36.93 -25.38 20.72
CA ASN D 138 38.25 -24.76 20.91
C ASN D 138 38.10 -23.28 20.61
N PRO D 139 38.93 -22.42 21.26
CA PRO D 139 38.79 -21.00 20.95
C PRO D 139 39.26 -20.82 19.50
N GLY D 140 38.59 -19.93 18.76
CA GLY D 140 38.94 -19.72 17.37
C GLY D 140 37.98 -20.52 16.53
N GLY D 141 37.11 -21.27 17.22
CA GLY D 141 36.09 -22.09 16.58
C GLY D 141 35.02 -21.20 15.99
N SER D 142 34.19 -21.77 15.13
CA SER D 142 33.16 -20.98 14.44
C SER D 142 31.81 -21.71 14.37
N ILE D 143 30.74 -20.97 14.59
CA ILE D 143 29.39 -21.51 14.51
C ILE D 143 28.69 -20.68 13.44
N VAL D 144 28.14 -21.33 12.41
CA VAL D 144 27.47 -20.60 11.32
C VAL D 144 26.13 -21.26 10.93
N GLY D 145 25.07 -20.44 10.93
CA GLY D 145 23.75 -20.93 10.58
C GLY D 145 23.25 -20.24 9.33
N MET D 146 22.31 -20.87 8.66
CA MET D 146 21.76 -20.29 7.43
C MET D 146 20.74 -19.13 7.65
N ASP D 147 20.68 -18.21 6.67
CA ASP D 147 19.80 -17.06 6.74
C ASP D 147 19.29 -16.83 5.30
N PHE D 148 18.20 -16.06 5.18
CA PHE D 148 17.57 -15.70 3.91
C PHE D 148 16.99 -14.23 4.01
N ASP D 149 17.88 -13.24 3.89
CA ASP D 149 17.54 -11.81 3.96
C ASP D 149 16.09 -11.42 4.27
N PRO D 150 15.78 -11.15 5.55
CA PRO D 150 14.45 -10.76 6.03
C PRO D 150 14.25 -9.25 6.10
N SER D 151 15.25 -8.50 5.66
CA SER D 151 15.20 -7.04 5.65
C SER D 151 13.92 -6.48 4.99
N ARG D 152 13.50 -7.04 3.87
CA ARG D 152 12.31 -6.56 3.17
C ARG D 152 11.26 -7.67 3.06
N ALA D 153 9.98 -7.30 3.23
CA ALA D 153 8.89 -8.27 3.19
C ALA D 153 8.62 -8.79 1.81
N MET D 154 8.63 -10.10 1.64
CA MET D 154 8.37 -10.69 0.34
C MET D 154 7.21 -11.64 0.47
N PRO D 155 6.47 -11.84 -0.63
CA PRO D 155 5.32 -12.75 -0.63
C PRO D 155 5.70 -14.21 -0.42
N ALA D 156 4.81 -14.95 0.25
CA ALA D 156 4.98 -16.38 0.51
C ALA D 156 5.81 -16.76 1.72
N TYR D 157 7.02 -16.21 1.84
CA TYR D 157 7.87 -16.55 2.98
C TYR D 157 7.10 -16.30 4.26
N ASN D 158 6.36 -15.19 4.25
CA ASN D 158 5.53 -14.79 5.40
C ASN D 158 6.17 -15.05 6.78
N TRP D 159 5.62 -16.00 7.55
CA TRP D 159 6.14 -16.29 8.90
C TRP D 159 7.52 -16.89 8.99
N MET D 160 7.98 -17.52 7.92
CA MET D 160 9.32 -18.09 7.94
C MET D 160 10.36 -16.92 7.85
N THR D 161 9.92 -15.80 7.27
CA THR D 161 10.74 -14.60 7.14
C THR D 161 10.91 -14.07 8.57
N VAL D 162 9.79 -13.95 9.26
CA VAL D 162 9.74 -13.51 10.63
C VAL D 162 10.63 -14.36 11.54
N ALA D 163 10.65 -15.66 11.30
CA ALA D 163 11.47 -16.54 12.10
C ALA D 163 12.94 -16.35 11.80
N LYS D 164 13.23 -15.98 10.55
CA LYS D 164 14.61 -15.79 10.13
C LYS D 164 15.10 -14.47 10.66
N SER D 165 14.20 -13.50 10.70
CA SER D 165 14.53 -12.17 11.22
C SER D 165 14.90 -12.34 12.69
N ALA D 166 14.12 -13.17 13.41
CA ALA D 166 14.38 -13.49 14.83
C ALA D 166 15.73 -14.17 14.92
N LEU D 167 16.05 -14.97 13.92
CA LEU D 167 17.29 -15.74 13.90
C LEU D 167 18.52 -14.86 13.90
N GLU D 168 18.51 -13.86 13.04
CA GLU D 168 19.63 -12.94 12.97
C GLU D 168 19.87 -12.28 14.35
N SER D 169 18.80 -11.82 14.98
CA SER D 169 18.97 -11.18 16.27
C SER D 169 19.58 -12.17 17.25
N VAL D 170 19.10 -13.41 17.26
CA VAL D 170 19.65 -14.39 18.17
C VAL D 170 21.15 -14.54 17.92
N ASN D 171 21.52 -14.58 16.64
CA ASN D 171 22.94 -14.70 16.24
C ASN D 171 23.82 -13.70 17.05
N ARG D 172 23.36 -12.45 17.13
CA ARG D 172 24.10 -11.42 17.83
C ARG D 172 24.34 -11.69 19.32
N PHE D 173 23.36 -12.26 20.00
CA PHE D 173 23.46 -12.59 21.43
C PHE D 173 24.31 -13.82 21.67
N VAL D 174 24.22 -14.79 20.76
CA VAL D 174 25.01 -16.02 20.85
C VAL D 174 26.45 -15.59 20.63
N ALA D 175 26.59 -14.58 19.78
CA ALA D 175 27.88 -14.01 19.42
C ALA D 175 28.69 -13.59 20.63
N ARG D 176 28.11 -12.80 21.53
CA ARG D 176 28.83 -12.36 22.74
C ARG D 176 29.02 -13.52 23.73
N GLU D 177 28.09 -14.50 23.66
CA GLU D 177 28.12 -15.70 24.50
C GLU D 177 29.23 -16.63 24.06
N ALA D 178 29.43 -16.68 22.74
CA ALA D 178 30.46 -17.47 22.12
C ALA D 178 31.81 -16.77 22.29
N GLY D 179 31.75 -15.44 22.40
CA GLY D 179 32.96 -14.66 22.58
C GLY D 179 33.82 -15.15 23.73
N LYS D 180 33.17 -15.47 24.83
CA LYS D 180 33.83 -15.95 26.04
C LYS D 180 34.62 -17.26 25.87
N TYR D 181 34.34 -18.02 24.81
CA TYR D 181 35.06 -19.27 24.56
C TYR D 181 36.00 -19.13 23.35
N GLY D 182 35.99 -17.95 22.74
CA GLY D 182 36.83 -17.67 21.57
C GLY D 182 36.18 -18.03 20.22
N VAL D 183 34.97 -18.58 20.30
CA VAL D 183 34.19 -18.97 19.12
C VAL D 183 33.55 -17.75 18.45
N ARG D 184 33.27 -17.87 17.16
CA ARG D 184 32.65 -16.78 16.44
C ARG D 184 31.28 -17.25 16.03
N SER D 185 30.30 -16.34 16.01
CA SER D 185 28.95 -16.66 15.54
C SER D 185 28.64 -15.77 14.31
N ASN D 186 28.22 -16.40 13.21
CA ASN D 186 27.93 -15.71 11.96
C ASN D 186 26.83 -16.40 11.20
N LEU D 187 26.11 -15.62 10.41
CA LEU D 187 25.01 -16.14 9.60
C LEU D 187 25.26 -15.84 8.11
N VAL D 188 24.98 -16.83 7.25
CA VAL D 188 25.16 -16.69 5.81
C VAL D 188 23.79 -16.44 5.14
N ALA D 189 23.73 -15.47 4.25
CA ALA D 189 22.49 -15.14 3.56
C ALA D 189 22.54 -15.49 2.09
N ALA D 190 21.99 -16.66 1.74
CA ALA D 190 21.99 -17.13 0.35
C ALA D 190 20.74 -16.75 -0.41
N GLY D 191 20.83 -16.89 -1.72
CA GLY D 191 19.67 -16.61 -2.53
C GLY D 191 19.03 -17.97 -2.68
N PRO D 192 17.88 -18.10 -3.38
CA PRO D 192 17.25 -19.42 -3.53
C PRO D 192 18.05 -20.51 -4.26
N ILE D 193 18.10 -21.69 -3.64
CA ILE D 193 18.76 -22.88 -4.18
C ILE D 193 17.59 -23.84 -4.40
N ARG D 194 17.67 -24.70 -5.41
CA ARG D 194 16.55 -25.59 -5.62
C ARG D 194 16.68 -26.97 -5.04
N THR D 195 15.90 -27.24 -4.02
CA THR D 195 15.99 -28.55 -3.42
C THR D 195 14.74 -29.45 -3.46
N LEU D 196 14.76 -30.45 -4.35
CA LEU D 196 13.72 -31.45 -4.59
C LEU D 196 12.20 -31.18 -4.46
N ALA D 197 11.75 -30.50 -3.42
CA ALA D 197 10.32 -30.14 -3.28
C ALA D 197 10.26 -28.65 -3.51
N MET D 198 11.43 -28.04 -3.53
CA MET D 198 11.61 -26.60 -3.77
C MET D 198 11.54 -26.41 -5.30
N SER D 199 11.40 -27.54 -5.99
CA SER D 199 11.25 -27.60 -7.41
C SER D 199 9.76 -27.92 -7.59
N ALA D 200 9.08 -27.99 -6.44
CA ALA D 200 7.66 -28.21 -6.33
C ALA D 200 7.12 -26.99 -5.57
N ILE D 201 7.93 -25.92 -5.55
CA ILE D 201 7.58 -24.62 -4.97
C ILE D 201 7.47 -23.67 -6.17
N VAL D 202 7.96 -24.14 -7.32
CA VAL D 202 7.95 -23.41 -8.60
C VAL D 202 7.30 -24.27 -9.73
N GLY D 203 8.16 -24.97 -10.47
CA GLY D 203 7.74 -25.83 -11.57
C GLY D 203 7.57 -27.28 -11.13
N GLY D 204 6.65 -27.44 -10.19
CA GLY D 204 6.32 -28.74 -9.62
C GLY D 204 4.96 -28.71 -8.92
N ALA D 205 5.00 -28.86 -7.59
CA ALA D 205 3.81 -28.89 -6.74
C ALA D 205 3.22 -27.55 -6.23
N LEU D 206 4.03 -26.49 -6.12
CA LEU D 206 3.51 -25.23 -5.57
C LEU D 206 3.62 -23.91 -6.39
N GLY D 207 3.38 -23.97 -7.71
CA GLY D 207 3.44 -22.79 -8.56
C GLY D 207 2.24 -22.54 -9.50
N GLU D 208 1.02 -22.57 -8.97
CA GLU D 208 -0.22 -22.40 -9.76
C GLU D 208 -1.00 -21.11 -9.55
N GLU D 209 -1.03 -20.58 -8.33
CA GLU D 209 -1.73 -19.31 -8.06
C GLU D 209 -0.69 -18.22 -7.82
N ALA D 210 -0.28 -18.07 -6.58
CA ALA D 210 0.76 -17.12 -6.21
C ALA D 210 2.03 -17.99 -6.28
N GLY D 211 2.05 -18.86 -7.31
CA GLY D 211 3.13 -19.80 -7.54
C GLY D 211 4.20 -19.29 -8.47
N ALA D 212 3.83 -18.38 -9.37
CA ALA D 212 4.79 -17.78 -10.29
C ALA D 212 5.65 -16.84 -9.46
N GLN D 213 5.17 -16.60 -8.24
CA GLN D 213 5.81 -15.75 -7.24
C GLN D 213 7.27 -16.14 -7.01
N ILE D 214 7.51 -17.45 -6.93
CA ILE D 214 8.85 -17.95 -6.69
C ILE D 214 9.53 -18.12 -8.02
N GLN D 215 8.90 -17.64 -9.08
CA GLN D 215 9.49 -17.69 -10.42
C GLN D 215 10.27 -16.38 -10.54
N LEU D 216 9.51 -15.27 -10.67
CA LEU D 216 9.99 -13.87 -10.84
C LEU D 216 10.89 -13.42 -9.70
N LEU D 217 10.86 -14.26 -8.66
CA LEU D 217 11.70 -14.10 -7.49
C LEU D 217 12.96 -14.89 -7.93
N GLU D 218 12.77 -16.15 -8.31
CA GLU D 218 13.89 -16.94 -8.68
C GLU D 218 14.50 -16.37 -9.94
N GLU D 219 13.70 -15.56 -10.60
CA GLU D 219 14.07 -14.92 -11.86
C GLU D 219 14.75 -13.55 -11.60
N GLY D 220 14.05 -12.71 -10.82
CA GLY D 220 14.53 -11.38 -10.49
C GLY D 220 15.85 -11.41 -9.75
N TRP D 221 16.08 -12.48 -9.00
CA TRP D 221 17.31 -12.64 -8.25
C TRP D 221 18.51 -12.65 -9.18
N ASP D 222 18.32 -13.26 -10.33
CA ASP D 222 19.40 -13.31 -11.30
C ASP D 222 19.54 -11.92 -11.95
N GLN D 223 18.42 -11.26 -12.20
CA GLN D 223 18.43 -9.90 -12.80
C GLN D 223 19.40 -9.01 -12.03
N ARG D 224 19.05 -8.72 -10.77
CA ARG D 224 19.84 -7.85 -9.91
C ARG D 224 21.23 -8.33 -9.61
N ALA D 225 21.43 -9.64 -9.52
CA ALA D 225 22.76 -10.17 -9.19
C ALA D 225 23.81 -9.87 -10.26
N PRO D 226 24.86 -9.05 -9.93
CA PRO D 226 25.98 -8.62 -10.79
C PRO D 226 26.84 -9.74 -11.37
N ILE D 227 27.11 -10.76 -10.57
CA ILE D 227 27.86 -11.94 -11.05
C ILE D 227 26.84 -13.04 -11.25
N GLY D 228 25.56 -12.64 -11.40
CA GLY D 228 24.46 -13.55 -11.63
C GLY D 228 24.11 -14.40 -10.43
N TRP D 229 23.22 -15.36 -10.63
CA TRP D 229 22.82 -16.26 -9.55
C TRP D 229 22.42 -17.61 -10.17
N ASN D 230 23.06 -18.70 -9.74
CA ASN D 230 22.75 -20.04 -10.28
C ASN D 230 22.03 -20.87 -9.21
N MET D 231 20.70 -20.80 -9.20
CA MET D 231 19.88 -21.51 -8.23
C MET D 231 19.92 -23.04 -8.28
N LYS D 232 20.54 -23.59 -9.31
CA LYS D 232 20.66 -25.03 -9.39
C LYS D 232 22.06 -25.51 -9.01
N ASP D 233 22.78 -24.68 -8.25
CA ASP D 233 24.13 -24.99 -7.80
C ASP D 233 24.37 -24.38 -6.45
N ALA D 234 24.61 -25.23 -5.45
CA ALA D 234 24.86 -24.77 -4.08
C ALA D 234 26.34 -24.62 -3.75
N THR D 235 27.21 -25.05 -4.66
CA THR D 235 28.64 -24.94 -4.41
C THR D 235 29.12 -23.55 -3.99
N PRO D 236 28.49 -22.49 -4.50
CA PRO D 236 28.95 -21.17 -4.06
C PRO D 236 28.70 -20.93 -2.55
N VAL D 237 27.55 -21.43 -2.07
CA VAL D 237 27.14 -21.32 -0.67
C VAL D 237 28.00 -22.21 0.23
N ALA D 238 28.36 -23.40 -0.26
CA ALA D 238 29.15 -24.33 0.54
C ALA D 238 30.50 -23.69 0.73
N LYS D 239 31.07 -23.16 -0.36
CA LYS D 239 32.38 -22.50 -0.30
C LYS D 239 32.41 -21.39 0.75
N THR D 240 31.36 -20.57 0.77
CA THR D 240 31.27 -19.49 1.72
C THR D 240 31.24 -19.99 3.19
N VAL D 241 30.46 -21.06 3.46
CA VAL D 241 30.37 -21.59 4.83
C VAL D 241 31.69 -22.17 5.33
N CYS D 242 32.48 -22.66 4.40
CA CYS D 242 33.81 -23.21 4.73
C CYS D 242 34.86 -22.13 5.05
N ALA D 243 34.80 -21.01 4.34
CA ALA D 243 35.69 -19.87 4.53
C ALA D 243 35.47 -19.26 5.93
N LEU D 244 34.19 -19.17 6.30
CA LEU D 244 33.78 -18.65 7.60
C LEU D 244 34.29 -19.61 8.70
N LEU D 245 34.37 -20.90 8.36
CA LEU D 245 34.83 -21.92 9.27
C LEU D 245 36.36 -21.96 9.33
N SER D 246 37.02 -21.14 8.51
CA SER D 246 38.48 -21.11 8.48
C SER D 246 39.12 -19.94 9.24
N ASP D 247 40.44 -19.91 9.24
CA ASP D 247 41.19 -18.87 9.94
C ASP D 247 41.25 -17.56 9.17
N TRP D 248 40.54 -17.47 8.04
CA TRP D 248 40.62 -16.28 7.23
C TRP D 248 39.71 -15.11 7.50
N LEU D 249 38.74 -15.31 8.38
CA LEU D 249 37.82 -14.24 8.84
C LEU D 249 37.81 -14.28 10.39
N PRO D 250 38.98 -14.27 11.01
CA PRO D 250 39.05 -14.33 12.46
C PRO D 250 38.38 -13.20 13.26
N ALA D 251 37.89 -12.16 12.60
CA ALA D 251 37.30 -11.05 13.36
C ALA D 251 35.84 -10.74 13.11
N THR D 252 35.12 -11.54 12.32
CA THR D 252 33.72 -11.25 12.10
C THR D 252 32.87 -12.11 13.05
N THR D 253 32.03 -11.43 13.82
CA THR D 253 31.13 -12.10 14.79
C THR D 253 29.77 -11.40 14.89
N GLY D 254 28.72 -12.17 15.21
CA GLY D 254 27.37 -11.64 15.31
C GLY D 254 27.01 -10.99 13.98
N ASP D 255 27.78 -11.34 12.94
CA ASP D 255 27.66 -10.81 11.59
C ASP D 255 26.94 -11.74 10.61
N ILE D 256 26.66 -11.17 9.46
CA ILE D 256 25.97 -11.85 8.37
C ILE D 256 26.81 -11.65 7.11
N ILE D 257 27.18 -12.76 6.47
CA ILE D 257 27.97 -12.66 5.26
C ILE D 257 27.08 -13.11 4.12
N TYR D 258 26.72 -12.20 3.23
CA TYR D 258 25.86 -12.53 2.11
C TYR D 258 26.49 -13.30 0.90
N ALA D 259 25.83 -14.37 0.47
CA ALA D 259 26.31 -15.21 -0.62
C ALA D 259 25.16 -15.44 -1.64
N ASP D 260 24.62 -14.34 -2.16
CA ASP D 260 23.51 -14.33 -3.11
C ASP D 260 23.87 -13.53 -4.35
N GLY D 261 25.14 -13.60 -4.77
CA GLY D 261 25.58 -12.84 -5.93
C GLY D 261 25.50 -11.33 -5.79
N GLY D 262 25.30 -10.82 -4.59
CA GLY D 262 25.23 -9.38 -4.41
C GLY D 262 23.89 -8.80 -4.88
N ALA D 263 22.92 -9.68 -5.14
CA ALA D 263 21.57 -9.31 -5.60
C ALA D 263 20.89 -8.41 -4.60
N HIS D 264 21.28 -8.53 -3.33
CA HIS D 264 20.72 -7.73 -2.24
C HIS D 264 21.22 -6.27 -2.15
N THR D 265 22.27 -5.96 -2.90
CA THR D 265 22.81 -4.62 -2.89
C THR D 265 22.27 -3.79 -4.06
N GLN D 266 21.77 -4.44 -5.10
CA GLN D 266 21.25 -3.73 -6.26
C GLN D 266 19.74 -3.65 -6.17
N LEU D 267 19.18 -2.58 -6.74
CA LEU D 267 17.72 -2.39 -6.73
C LEU D 267 17.13 -3.00 -8.01
N LEU D 268 17.83 -2.80 -9.13
CA LEU D 268 17.45 -3.32 -10.45
C LEU D 268 18.70 -4.01 -11.09
N THR E 1 50.87 -24.89 1.37
CA THR E 1 49.81 -24.45 0.42
C THR E 1 49.50 -23.01 0.76
N GLY E 2 48.54 -22.44 0.06
CA GLY E 2 48.16 -21.07 0.34
C GLY E 2 46.79 -20.79 -0.21
N LEU E 3 46.17 -19.73 0.29
CA LEU E 3 44.86 -19.32 -0.19
C LEU E 3 45.09 -18.81 -1.59
N LEU E 4 46.16 -18.01 -1.69
CA LEU E 4 46.61 -17.30 -2.88
C LEU E 4 47.86 -17.86 -3.63
N ASP E 5 48.34 -19.06 -3.27
CA ASP E 5 49.51 -19.67 -3.93
C ASP E 5 49.15 -19.59 -5.44
N GLY E 6 49.85 -18.76 -6.22
CA GLY E 6 49.57 -18.65 -7.65
C GLY E 6 48.68 -17.54 -8.20
N LYS E 7 47.98 -16.82 -7.33
CA LYS E 7 47.11 -15.72 -7.73
C LYS E 7 47.91 -14.41 -7.93
N ARG E 8 47.77 -13.72 -9.09
CA ARG E 8 48.54 -12.43 -9.33
C ARG E 8 47.80 -11.20 -8.80
N ILE E 9 48.45 -10.47 -7.89
CA ILE E 9 47.76 -9.33 -7.25
C ILE E 9 48.50 -8.01 -7.07
N LEU E 10 47.79 -6.93 -7.37
CA LEU E 10 48.29 -5.58 -7.16
C LEU E 10 47.65 -5.11 -5.84
N VAL E 11 48.52 -4.69 -4.93
CA VAL E 11 48.11 -4.21 -3.64
C VAL E 11 48.51 -2.75 -3.61
N SER E 12 47.52 -1.86 -3.62
CA SER E 12 47.74 -0.41 -3.65
C SER E 12 47.63 0.41 -2.33
N GLY E 13 48.75 0.99 -1.86
CA GLY E 13 48.69 1.84 -0.67
C GLY E 13 49.57 1.64 0.56
N ILE E 14 50.85 1.31 0.36
CA ILE E 14 51.79 1.08 1.48
C ILE E 14 52.64 2.33 1.85
N ILE E 15 52.53 2.78 3.11
CA ILE E 15 53.34 3.90 3.61
C ILE E 15 54.23 3.43 4.77
N THR E 16 53.75 2.46 5.55
CA THR E 16 54.47 1.94 6.73
C THR E 16 54.25 0.45 7.07
N ASP E 17 55.21 -0.11 7.79
CA ASP E 17 55.14 -1.49 8.26
C ASP E 17 53.99 -1.56 9.24
N SER E 18 53.58 -0.38 9.69
CA SER E 18 52.49 -0.20 10.62
C SER E 18 51.13 0.13 9.94
N SER E 19 51.14 0.39 8.62
CA SER E 19 49.90 0.72 7.95
C SER E 19 49.44 -0.47 7.17
N ILE E 20 48.12 -0.65 7.30
CA ILE E 20 47.34 -1.71 6.73
C ILE E 20 47.98 -2.49 5.61
N ALA E 21 48.28 -1.78 4.55
CA ALA E 21 48.88 -2.41 3.40
C ALA E 21 50.10 -3.28 3.71
N PHE E 22 51.21 -2.73 4.25
CA PHE E 22 52.40 -3.56 4.56
C PHE E 22 51.98 -4.88 5.16
N HIS E 23 50.79 -4.90 5.71
CA HIS E 23 50.30 -6.10 6.26
C HIS E 23 49.69 -6.98 5.20
N ILE E 24 48.64 -6.52 4.55
CA ILE E 24 48.00 -7.35 3.54
C ILE E 24 49.06 -8.00 2.70
N ALA E 25 50.01 -7.19 2.25
CA ALA E 25 51.11 -7.63 1.38
C ALA E 25 52.03 -8.76 1.85
N ARG E 26 52.55 -8.72 3.07
CA ARG E 26 53.44 -9.80 3.53
C ARG E 26 52.59 -11.09 3.64
N VAL E 27 51.41 -10.90 4.19
CA VAL E 27 50.47 -11.97 4.38
C VAL E 27 50.14 -12.50 2.96
N ALA E 28 49.86 -11.60 2.03
CA ALA E 28 49.51 -11.99 0.66
C ALA E 28 50.71 -12.61 -0.09
N GLN E 29 51.87 -12.02 0.17
CA GLN E 29 53.15 -12.38 -0.43
C GLN E 29 53.65 -13.69 0.14
N GLU E 30 53.11 -14.08 1.29
CA GLU E 30 53.49 -15.34 1.95
C GLU E 30 52.58 -16.47 1.43
N GLN E 31 51.33 -16.11 1.14
CA GLN E 31 50.32 -17.04 0.63
C GLN E 31 50.47 -17.35 -0.89
N GLY E 32 51.66 -17.23 -1.44
CA GLY E 32 51.84 -17.54 -2.85
C GLY E 32 51.38 -16.48 -3.86
N ALA E 33 50.83 -15.37 -3.38
CA ALA E 33 50.40 -14.31 -4.30
C ALA E 33 51.62 -13.51 -4.76
N GLN E 34 51.77 -13.38 -6.07
CA GLN E 34 52.88 -12.56 -6.63
C GLN E 34 52.23 -11.17 -6.84
N LEU E 35 52.83 -10.17 -6.21
CA LEU E 35 52.29 -8.82 -6.26
C LEU E 35 53.17 -7.78 -6.94
N VAL E 36 52.54 -6.65 -7.29
CA VAL E 36 53.17 -5.45 -7.90
C VAL E 36 52.58 -4.26 -7.10
N LEU E 37 53.42 -3.57 -6.33
CA LEU E 37 52.98 -2.49 -5.45
C LEU E 37 52.99 -1.06 -6.02
N THR E 38 52.20 -0.19 -5.37
CA THR E 38 52.06 1.23 -5.74
C THR E 38 52.49 2.12 -4.57
N GLY E 39 53.09 3.28 -4.86
CA GLY E 39 53.54 4.14 -3.78
C GLY E 39 53.32 5.58 -4.16
N PHE E 40 53.43 6.49 -3.17
CA PHE E 40 53.14 7.92 -3.38
C PHE E 40 54.20 9.04 -3.50
N ASP E 41 54.38 9.85 -2.45
CA ASP E 41 55.31 10.96 -2.60
C ASP E 41 56.68 10.84 -2.01
N ARG E 42 57.12 9.61 -1.84
CA ARG E 42 58.44 9.31 -1.31
C ARG E 42 58.62 7.82 -1.64
N LEU E 43 58.63 7.48 -2.93
CA LEU E 43 58.79 6.06 -3.31
C LEU E 43 60.17 5.60 -2.88
N ARG E 44 61.09 6.55 -2.80
CA ARG E 44 62.44 6.22 -2.35
C ARG E 44 62.23 5.79 -0.88
N LEU E 45 61.19 6.34 -0.27
CA LEU E 45 60.78 6.02 1.10
C LEU E 45 60.10 4.63 1.16
N ILE E 46 58.93 4.45 0.52
CA ILE E 46 58.24 3.14 0.52
C ILE E 46 59.09 1.98 -0.04
N GLN E 47 60.15 2.35 -0.77
CA GLN E 47 61.13 1.42 -1.34
C GLN E 47 61.79 0.65 -0.17
N ARG E 48 62.87 1.18 0.40
CA ARG E 48 63.57 0.56 1.51
C ARG E 48 62.56 0.19 2.65
N ILE E 49 61.33 0.68 2.55
CA ILE E 49 60.34 0.32 3.54
C ILE E 49 60.05 -1.13 3.20
N THR E 50 59.70 -1.34 1.92
CA THR E 50 59.37 -2.66 1.42
C THR E 50 60.41 -3.80 1.60
N ASP E 51 61.73 -3.57 1.52
CA ASP E 51 62.68 -4.68 1.75
C ASP E 51 62.27 -5.54 2.99
N ARG E 52 61.71 -4.86 3.98
CA ARG E 52 61.28 -5.47 5.22
C ARG E 52 60.25 -6.56 4.95
N LEU E 53 59.72 -6.56 3.73
CA LEU E 53 58.70 -7.48 3.24
C LEU E 53 59.26 -8.81 2.86
N PRO E 54 58.38 -9.84 2.83
CA PRO E 54 58.70 -11.22 2.47
C PRO E 54 58.79 -11.51 0.96
N ALA E 55 59.91 -11.12 0.32
CA ALA E 55 60.18 -11.32 -1.12
C ALA E 55 60.05 -10.07 -2.03
N LYS E 56 60.33 -10.23 -3.33
CA LYS E 56 60.31 -9.10 -4.27
C LYS E 56 59.03 -8.77 -5.09
N ALA E 57 58.83 -7.46 -5.29
CA ALA E 57 57.71 -6.87 -6.05
C ALA E 57 58.08 -5.42 -6.33
N PRO E 58 58.04 -5.01 -7.61
CA PRO E 58 58.37 -3.65 -8.06
C PRO E 58 57.40 -2.62 -7.54
N LEU E 59 57.80 -1.35 -7.62
CA LEU E 59 57.02 -0.22 -7.12
C LEU E 59 56.67 0.74 -8.24
N LEU E 60 55.39 0.97 -8.43
CA LEU E 60 54.97 1.88 -9.48
C LEU E 60 54.61 3.21 -8.85
N GLU E 61 55.20 4.29 -9.31
CA GLU E 61 54.89 5.60 -8.77
C GLU E 61 53.51 5.95 -9.26
N LEU E 62 52.50 5.83 -8.43
CA LEU E 62 51.16 6.16 -8.87
C LEU E 62 50.73 7.40 -8.12
N ASP E 63 49.43 7.67 -8.17
CA ASP E 63 48.72 8.76 -7.48
C ASP E 63 47.39 8.95 -8.22
N VAL E 64 46.36 8.24 -7.76
CA VAL E 64 45.04 8.27 -8.40
C VAL E 64 44.27 9.57 -8.40
N GLN E 65 45.04 10.66 -8.36
CA GLN E 65 44.53 12.03 -8.49
C GLN E 65 45.26 12.62 -9.73
N ASN E 66 46.16 11.82 -10.31
CA ASN E 66 46.92 12.17 -11.51
C ASN E 66 46.37 11.30 -12.62
N GLU E 67 45.91 11.94 -13.68
CA GLU E 67 45.34 11.21 -14.78
C GLU E 67 46.28 10.58 -15.84
N GLU E 68 47.48 11.14 -16.08
CA GLU E 68 48.43 10.52 -17.01
C GLU E 68 48.83 9.25 -16.24
N HIS E 69 48.69 9.34 -14.92
CA HIS E 69 49.01 8.27 -13.97
C HIS E 69 47.93 7.21 -14.03
N LEU E 70 46.67 7.66 -13.98
CA LEU E 70 45.61 6.70 -14.07
C LEU E 70 45.66 6.09 -15.47
N ALA E 71 45.91 6.97 -16.43
CA ALA E 71 46.03 6.69 -17.87
C ALA E 71 46.80 5.42 -18.12
N SER E 72 47.98 5.37 -17.52
CA SER E 72 48.89 4.25 -17.64
C SER E 72 48.75 3.17 -16.52
N LEU E 73 47.66 3.18 -15.73
CA LEU E 73 47.51 2.19 -14.61
C LEU E 73 47.24 0.73 -14.98
N ALA E 74 47.41 0.39 -16.25
CA ALA E 74 47.21 -0.99 -16.69
C ALA E 74 48.56 -1.41 -17.28
N GLY E 75 48.90 -0.85 -18.46
CA GLY E 75 50.16 -1.13 -19.17
C GLY E 75 51.43 -0.56 -18.55
N ARG E 76 51.67 -0.98 -17.31
CA ARG E 76 52.78 -0.60 -16.45
C ARG E 76 52.78 -1.74 -15.45
N VAL E 77 51.59 -2.25 -15.16
CA VAL E 77 51.46 -3.40 -14.27
C VAL E 77 51.62 -4.58 -15.23
N THR E 78 51.04 -4.46 -16.43
CA THR E 78 51.13 -5.47 -17.50
C THR E 78 52.61 -5.63 -17.89
N GLU E 79 53.39 -4.61 -17.67
CA GLU E 79 54.80 -4.65 -17.99
C GLU E 79 55.47 -5.33 -16.77
N ALA E 80 54.99 -4.97 -15.60
CA ALA E 80 55.48 -5.46 -14.32
C ALA E 80 55.39 -6.97 -14.07
N ILE E 81 54.33 -7.62 -14.57
CA ILE E 81 54.08 -9.06 -14.39
C ILE E 81 54.47 -10.03 -15.54
N GLY E 82 53.72 -10.06 -16.64
CA GLY E 82 54.10 -10.94 -17.74
C GLY E 82 53.73 -10.44 -19.12
N ALA E 83 54.36 -11.03 -20.14
CA ALA E 83 54.12 -10.63 -21.54
C ALA E 83 52.68 -10.92 -22.08
N GLY E 84 51.71 -10.40 -21.36
CA GLY E 84 50.33 -10.64 -21.71
C GLY E 84 49.78 -11.62 -20.69
N ASN E 85 50.45 -11.68 -19.51
CA ASN E 85 50.04 -12.55 -18.39
C ASN E 85 49.19 -11.69 -17.41
N LYS E 86 47.93 -12.11 -17.22
CA LYS E 86 46.90 -11.46 -16.38
C LYS E 86 47.02 -11.25 -14.84
N LEU E 87 46.08 -10.48 -14.33
CA LEU E 87 46.10 -10.09 -12.95
C LEU E 87 44.79 -10.43 -12.27
N ASP E 88 44.92 -10.91 -11.02
CA ASP E 88 43.81 -11.33 -10.14
C ASP E 88 43.31 -10.35 -9.11
N GLY E 89 44.23 -9.61 -8.50
CA GLY E 89 43.77 -8.72 -7.46
C GLY E 89 43.99 -7.22 -7.41
N VAL E 90 43.01 -6.53 -6.84
CA VAL E 90 43.07 -5.09 -6.67
C VAL E 90 42.71 -4.85 -5.19
N VAL E 91 43.73 -4.87 -4.31
CA VAL E 91 43.52 -4.59 -2.88
C VAL E 91 43.87 -3.11 -2.60
N HIS E 92 42.88 -2.25 -2.86
CA HIS E 92 42.91 -0.80 -2.69
C HIS E 92 42.91 -0.48 -1.22
N SER E 93 43.89 0.30 -0.79
CA SER E 93 43.96 0.76 0.61
C SER E 93 44.47 2.19 0.56
N ILE E 94 43.96 2.82 -0.49
CA ILE E 94 44.21 4.19 -0.86
C ILE E 94 43.08 5.00 -0.18
N GLY E 95 43.49 5.93 0.67
CA GLY E 95 42.52 6.76 1.34
C GLY E 95 43.34 7.85 1.95
N PHE E 96 42.77 9.08 2.00
CA PHE E 96 43.36 10.29 2.61
C PHE E 96 42.37 11.47 2.64
N MET E 97 42.57 12.37 3.62
CA MET E 97 41.73 13.57 3.85
C MET E 97 42.34 14.62 4.81
N PRO E 98 42.61 15.85 4.33
CA PRO E 98 43.19 17.00 5.07
C PRO E 98 42.56 17.42 6.42
N GLN E 99 43.39 17.76 7.41
CA GLN E 99 42.96 18.14 8.79
C GLN E 99 41.94 19.28 9.15
N THR E 100 41.10 19.67 8.21
CA THR E 100 40.12 20.69 8.51
C THR E 100 38.77 20.03 8.62
N GLY E 101 38.59 18.97 7.85
CA GLY E 101 37.37 18.19 7.85
C GLY E 101 37.64 16.98 8.74
N MET E 102 38.83 17.00 9.34
CA MET E 102 39.32 15.99 10.26
C MET E 102 38.50 16.22 11.49
N GLY E 103 39.07 15.91 12.65
CA GLY E 103 38.36 16.12 13.89
C GLY E 103 38.70 17.47 14.49
N ILE E 104 39.99 17.57 14.81
CA ILE E 104 40.60 18.76 15.37
C ILE E 104 39.89 20.00 14.80
N ASN E 105 39.87 20.12 13.48
CA ASN E 105 39.19 21.26 12.86
C ASN E 105 37.69 20.94 12.69
N PRO E 106 36.84 21.58 13.54
CA PRO E 106 35.37 21.49 13.64
C PRO E 106 34.56 21.34 12.33
N PHE E 107 33.55 20.47 12.37
CA PHE E 107 32.68 20.15 11.23
C PHE E 107 32.39 21.32 10.29
N PHE E 108 31.99 22.42 10.91
CA PHE E 108 31.66 23.59 10.15
C PHE E 108 32.86 24.54 9.88
N ASP E 109 33.94 24.45 10.65
CA ASP E 109 35.08 25.35 10.39
C ASP E 109 35.79 25.16 9.00
N ALA E 110 35.45 24.09 8.25
CA ALA E 110 36.05 23.78 6.92
C ALA E 110 35.20 24.04 5.66
N PRO E 111 35.84 24.10 4.48
CA PRO E 111 35.21 24.33 3.17
C PRO E 111 35.16 23.05 2.33
N TYR E 112 34.80 23.22 1.05
CA TYR E 112 34.68 22.13 0.06
C TYR E 112 36.08 21.67 -0.33
N ALA E 113 36.84 22.54 -1.00
CA ALA E 113 38.20 22.26 -1.45
C ALA E 113 38.84 21.00 -0.90
N ASP E 114 39.05 21.03 0.42
CA ASP E 114 39.66 19.94 1.17
C ASP E 114 38.87 18.60 1.20
N VAL E 115 37.55 18.67 1.35
CA VAL E 115 36.71 17.49 1.39
C VAL E 115 36.74 16.84 0.03
N SER E 116 36.50 17.67 -0.97
CA SER E 116 36.48 17.29 -2.39
C SER E 116 37.84 16.70 -2.72
N LYS E 117 38.87 17.31 -2.12
CA LYS E 117 40.25 16.93 -2.28
C LYS E 117 40.59 15.60 -1.60
N GLY E 118 39.88 15.25 -0.54
CA GLY E 118 40.13 13.98 0.13
C GLY E 118 39.37 12.82 -0.49
N ILE E 119 38.13 13.08 -0.89
CA ILE E 119 37.27 12.08 -1.49
C ILE E 119 38.02 11.37 -2.65
N HIS E 120 38.71 12.18 -3.46
CA HIS E 120 39.51 11.70 -4.61
C HIS E 120 40.38 10.44 -4.33
N ILE E 121 40.75 10.21 -3.08
CA ILE E 121 41.56 9.06 -2.70
C ILE E 121 40.68 8.21 -1.82
N SER E 122 39.91 8.93 -1.02
CA SER E 122 38.96 8.37 -0.10
C SER E 122 37.85 7.91 -1.02
N ALA E 123 36.68 8.52 -0.97
CA ALA E 123 35.58 8.06 -1.80
C ALA E 123 35.85 7.82 -3.29
N TYR E 124 35.59 8.82 -4.13
CA TYR E 124 35.76 8.71 -5.60
C TYR E 124 36.79 7.69 -6.12
N SER E 125 38.01 7.76 -5.61
CA SER E 125 39.11 6.88 -6.01
C SER E 125 38.72 5.46 -6.50
N TYR E 126 38.07 4.66 -5.67
CA TYR E 126 37.66 3.29 -5.99
C TYR E 126 37.01 3.25 -7.33
N ALA E 127 36.42 4.38 -7.70
CA ALA E 127 35.75 4.53 -8.98
C ALA E 127 36.76 5.13 -9.94
N SER E 128 37.93 4.50 -10.01
CA SER E 128 38.99 4.94 -10.89
C SER E 128 39.86 3.74 -11.25
N MET E 129 40.60 3.27 -10.25
CA MET E 129 41.48 2.13 -10.40
C MET E 129 40.67 1.02 -11.02
N ALA E 130 39.36 1.12 -10.83
CA ALA E 130 38.41 0.16 -11.37
C ALA E 130 38.57 0.05 -12.87
N LYS E 131 38.13 1.09 -13.59
CA LYS E 131 38.17 1.12 -15.04
C LYS E 131 39.54 0.72 -15.59
N ALA E 132 40.58 1.30 -15.02
CA ALA E 132 41.95 1.05 -15.45
C ALA E 132 42.39 -0.43 -15.47
N LEU E 133 42.43 -1.03 -14.29
CA LEU E 133 42.88 -2.40 -14.18
C LEU E 133 41.90 -3.44 -14.70
N LEU E 134 40.64 -3.05 -14.97
CA LEU E 134 39.63 -4.03 -15.36
C LEU E 134 39.71 -4.97 -16.57
N PRO E 135 40.06 -4.48 -17.79
CA PRO E 135 40.13 -5.44 -18.90
C PRO E 135 41.49 -6.10 -18.93
N ILE E 136 42.28 -5.90 -17.85
CA ILE E 136 43.57 -6.58 -17.67
C ILE E 136 43.42 -7.51 -16.46
N MET E 137 42.16 -7.82 -16.12
CA MET E 137 41.79 -8.72 -15.03
C MET E 137 41.15 -9.99 -15.56
N ASN E 138 41.34 -11.07 -14.79
CA ASN E 138 40.85 -12.42 -15.09
C ASN E 138 39.57 -12.69 -14.33
N PRO E 139 38.65 -13.49 -14.88
CA PRO E 139 37.42 -13.77 -14.12
C PRO E 139 37.84 -14.29 -12.71
N GLY E 140 36.91 -14.19 -11.75
CA GLY E 140 37.20 -14.58 -10.39
C GLY E 140 37.60 -13.24 -9.82
N GLY E 141 38.91 -12.98 -9.86
CA GLY E 141 39.50 -11.74 -9.36
C GLY E 141 38.66 -10.62 -8.72
N SER E 142 39.25 -9.98 -7.70
CA SER E 142 38.52 -8.93 -6.99
C SER E 142 39.23 -7.59 -6.84
N ILE E 143 38.39 -6.58 -6.55
CA ILE E 143 38.71 -5.16 -6.35
C ILE E 143 38.16 -4.95 -4.94
N VAL E 144 39.02 -4.53 -4.01
CA VAL E 144 38.65 -4.38 -2.60
C VAL E 144 39.42 -3.29 -1.83
N GLY E 145 38.73 -2.26 -1.34
CA GLY E 145 39.34 -1.16 -0.60
C GLY E 145 38.81 -1.03 0.81
N MET E 146 39.64 -0.57 1.75
CA MET E 146 39.18 -0.46 3.15
C MET E 146 38.07 0.53 3.43
N ASP E 147 37.20 0.12 4.36
CA ASP E 147 36.02 0.89 4.82
C ASP E 147 36.04 0.95 6.38
N PHE E 148 35.64 2.07 6.98
CA PHE E 148 35.57 2.25 8.45
C PHE E 148 34.14 2.66 8.69
N ASP E 149 33.36 1.73 9.24
CA ASP E 149 31.92 1.91 9.49
C ASP E 149 31.44 3.36 9.55
N PRO E 150 30.83 3.84 8.46
CA PRO E 150 30.28 5.20 8.29
C PRO E 150 28.90 5.32 8.92
N SER E 151 28.22 4.20 9.07
CA SER E 151 26.86 4.15 9.61
C SER E 151 26.46 5.14 10.75
N ARG E 152 27.26 5.16 11.81
CA ARG E 152 26.98 6.05 12.92
C ARG E 152 27.85 7.25 12.67
N ALA E 153 27.49 8.39 13.25
CA ALA E 153 28.27 9.59 13.04
C ALA E 153 29.45 9.65 13.99
N MET E 154 30.59 9.11 13.56
CA MET E 154 31.79 9.09 14.38
C MET E 154 32.37 10.47 14.44
N PRO E 155 32.16 11.21 15.55
CA PRO E 155 32.71 12.58 15.68
C PRO E 155 34.24 12.49 15.84
N ALA E 156 34.96 13.44 15.25
CA ALA E 156 36.45 13.46 15.21
C ALA E 156 36.92 12.88 13.86
N TYR E 157 36.17 11.93 13.29
CA TYR E 157 36.50 11.32 12.00
C TYR E 157 35.84 12.17 10.89
N ASN E 158 34.73 12.79 11.28
CA ASN E 158 33.92 13.70 10.46
C ASN E 158 33.80 13.51 8.98
N TRP E 159 34.41 14.38 8.19
CA TRP E 159 34.35 14.27 6.73
C TRP E 159 34.93 12.94 6.16
N MET E 160 35.88 12.31 6.88
CA MET E 160 36.51 11.01 6.51
C MET E 160 35.75 9.82 7.15
N THR E 161 34.44 9.88 6.98
CA THR E 161 33.42 8.92 7.46
C THR E 161 32.29 9.23 6.44
N VAL E 162 32.22 10.50 6.02
CA VAL E 162 31.27 11.00 5.04
C VAL E 162 31.80 10.61 3.69
N ALA E 163 33.12 10.66 3.58
CA ALA E 163 33.76 10.25 2.36
C ALA E 163 33.53 8.70 2.34
N LYS E 164 33.55 8.14 3.59
CA LYS E 164 33.35 6.70 3.91
C LYS E 164 31.95 6.24 3.54
N SER E 165 30.93 7.04 3.80
CA SER E 165 29.62 6.64 3.37
C SER E 165 29.64 6.61 1.81
N ALA E 166 30.51 7.43 1.21
CA ALA E 166 30.63 7.56 -0.24
C ALA E 166 31.53 6.52 -0.88
N LEU E 167 32.59 6.09 -0.19
CA LEU E 167 33.43 5.06 -0.84
C LEU E 167 32.51 3.87 -1.17
N GLU E 168 31.70 3.54 -0.14
CA GLU E 168 30.70 2.45 -0.10
C GLU E 168 29.76 2.46 -1.28
N SER E 169 29.03 3.56 -1.39
CA SER E 169 28.03 3.71 -2.43
C SER E 169 28.64 3.51 -3.78
N VAL E 170 29.90 3.94 -3.94
CA VAL E 170 30.60 3.90 -5.23
C VAL E 170 31.13 2.54 -5.60
N ASN E 171 31.34 1.72 -4.58
CA ASN E 171 31.83 0.37 -4.72
C ASN E 171 30.71 -0.58 -5.16
N ARG E 172 29.47 -0.12 -5.10
CA ARG E 172 28.29 -0.91 -5.47
C ARG E 172 27.99 -0.90 -6.98
N PHE E 173 28.27 0.25 -7.61
CA PHE E 173 28.09 0.43 -9.05
C PHE E 173 29.28 -0.34 -9.71
N VAL E 174 30.47 -0.29 -9.10
CA VAL E 174 31.66 -1.04 -9.59
C VAL E 174 31.38 -2.54 -9.34
N ALA E 175 30.33 -2.77 -8.58
CA ALA E 175 29.94 -4.11 -8.29
C ALA E 175 29.17 -4.61 -9.52
N ARG E 176 28.68 -3.69 -10.36
CA ARG E 176 27.94 -4.08 -11.55
C ARG E 176 28.74 -3.90 -12.83
N GLU E 177 29.42 -2.76 -12.95
CA GLU E 177 30.25 -2.48 -14.12
C GLU E 177 31.58 -3.16 -13.90
N ALA E 178 31.51 -4.42 -13.43
CA ALA E 178 32.67 -5.29 -13.17
C ALA E 178 32.12 -6.72 -13.12
N GLY E 179 30.86 -6.88 -12.64
CA GLY E 179 30.17 -8.15 -12.50
C GLY E 179 30.05 -8.87 -13.82
N LYS E 180 30.10 -8.09 -14.89
CA LYS E 180 30.06 -8.62 -16.25
C LYS E 180 31.44 -9.26 -16.43
N TYR E 181 32.44 -8.62 -15.82
CA TYR E 181 33.82 -9.09 -15.87
C TYR E 181 33.97 -10.27 -14.99
N GLY E 182 32.86 -10.66 -14.34
CA GLY E 182 32.87 -11.81 -13.45
C GLY E 182 33.82 -11.52 -12.32
N VAL E 183 34.20 -10.23 -12.21
CA VAL E 183 35.10 -9.69 -11.18
C VAL E 183 34.30 -9.31 -9.90
N ARG E 184 35.02 -9.23 -8.79
CA ARG E 184 34.43 -8.91 -7.52
C ARG E 184 35.04 -7.59 -7.13
N SER E 185 34.23 -6.73 -6.57
CA SER E 185 34.63 -5.44 -6.00
C SER E 185 33.84 -5.49 -4.64
N ASN E 186 34.56 -5.83 -3.57
CA ASN E 186 33.95 -5.95 -2.24
C ASN E 186 34.74 -5.28 -1.07
N LEU E 187 34.04 -4.49 -0.26
CA LEU E 187 34.64 -3.75 0.84
C LEU E 187 34.75 -4.51 2.20
N VAL E 188 35.98 -4.49 2.79
CA VAL E 188 36.37 -5.09 4.10
C VAL E 188 36.47 -3.96 5.09
N ALA E 189 35.43 -3.68 5.83
CA ALA E 189 35.52 -2.57 6.77
C ALA E 189 36.16 -2.92 8.09
N ALA E 190 37.18 -2.18 8.51
CA ALA E 190 37.82 -2.47 9.81
C ALA E 190 38.10 -1.28 10.76
N GLY E 191 38.19 -1.63 12.05
CA GLY E 191 38.43 -0.73 13.16
C GLY E 191 39.78 -0.04 13.24
N PRO E 192 39.83 1.18 13.84
CA PRO E 192 40.97 2.08 14.04
C PRO E 192 42.28 1.61 14.62
N ILE E 193 42.97 0.82 13.79
CA ILE E 193 44.30 0.28 14.09
C ILE E 193 45.29 1.46 14.27
N ARG E 194 46.24 1.32 15.17
CA ARG E 194 47.23 2.35 15.38
C ARG E 194 48.26 2.37 14.25
N THR E 195 48.05 3.30 13.31
CA THR E 195 48.88 3.56 12.13
C THR E 195 49.51 4.97 12.29
N LEU E 196 50.51 5.38 11.50
CA LEU E 196 51.13 6.74 11.64
C LEU E 196 50.13 7.92 11.66
N ALA E 197 48.98 7.78 10.97
CA ALA E 197 47.93 8.82 10.97
C ALA E 197 47.47 8.97 12.45
N MET E 198 46.91 7.89 13.01
CA MET E 198 46.42 7.82 14.38
C MET E 198 47.50 7.83 15.48
N SER E 199 48.53 7.02 15.35
CA SER E 199 49.62 6.98 16.33
C SER E 199 50.11 8.41 16.57
N ALA E 200 49.96 9.31 15.58
CA ALA E 200 50.41 10.71 15.73
C ALA E 200 49.27 11.66 16.07
N ILE E 201 48.04 11.30 15.73
CA ILE E 201 46.92 12.12 16.04
C ILE E 201 46.64 11.81 17.52
N VAL E 202 47.70 11.75 18.35
CA VAL E 202 47.58 11.51 19.81
C VAL E 202 48.90 12.00 20.50
N GLY E 203 49.99 11.30 20.22
CA GLY E 203 51.26 11.68 20.78
C GLY E 203 51.79 13.09 20.58
N GLY E 204 51.21 13.91 19.70
CA GLY E 204 51.74 15.26 19.50
C GLY E 204 51.17 16.32 18.53
N ALA E 205 50.83 15.94 17.29
CA ALA E 205 50.29 16.90 16.30
C ALA E 205 48.78 17.03 16.24
N LEU E 206 48.21 17.49 17.35
CA LEU E 206 46.79 17.73 17.40
C LEU E 206 46.43 18.04 18.82
N GLY E 207 47.46 18.05 19.66
CA GLY E 207 47.30 18.35 21.08
C GLY E 207 46.25 17.55 21.86
N GLU E 208 44.96 17.84 21.59
CA GLU E 208 43.85 17.15 22.24
C GLU E 208 42.57 17.08 21.41
N GLU E 209 41.45 17.55 21.97
CA GLU E 209 40.10 17.47 21.36
C GLU E 209 39.78 16.33 20.35
N ALA E 210 40.48 16.19 19.22
CA ALA E 210 40.19 15.04 18.33
C ALA E 210 40.77 13.83 19.05
N GLY E 211 41.88 14.06 19.74
CA GLY E 211 42.60 13.04 20.51
C GLY E 211 41.80 12.31 21.59
N ALA E 212 41.39 13.01 22.66
CA ALA E 212 40.59 12.41 23.73
C ALA E 212 39.43 11.70 23.07
N GLN E 213 38.92 12.33 22.01
CA GLN E 213 37.83 11.83 21.20
C GLN E 213 38.25 10.52 20.54
N ILE E 214 39.47 10.47 19.99
CA ILE E 214 39.90 9.22 19.36
C ILE E 214 40.22 8.13 20.39
N GLN E 215 40.99 8.45 21.41
CA GLN E 215 41.26 7.44 22.40
C GLN E 215 39.89 7.13 22.98
N LEU E 216 38.99 8.12 22.90
CA LEU E 216 37.62 7.97 23.41
C LEU E 216 36.94 6.80 22.74
N LEU E 217 37.19 6.68 21.44
CA LEU E 217 36.59 5.64 20.60
C LEU E 217 37.39 4.33 20.51
N GLU E 218 38.61 4.34 21.03
CA GLU E 218 39.46 3.15 20.98
C GLU E 218 39.20 2.32 22.20
N GLU E 219 39.02 2.97 23.35
CA GLU E 219 38.72 2.23 24.57
C GLU E 219 37.41 1.55 24.29
N GLY E 220 36.62 2.25 23.50
CA GLY E 220 35.33 1.75 23.10
C GLY E 220 35.47 0.42 22.35
N TRP E 221 35.52 0.50 21.02
CA TRP E 221 35.66 -0.64 20.10
C TRP E 221 36.21 -1.90 20.81
N ASP E 222 37.28 -1.74 21.61
CA ASP E 222 37.88 -2.85 22.38
C ASP E 222 36.82 -3.44 23.35
N GLN E 223 36.31 -2.57 24.22
CA GLN E 223 35.35 -2.90 25.24
C GLN E 223 34.01 -3.38 24.68
N ARG E 224 33.74 -3.09 23.42
CA ARG E 224 32.47 -3.41 22.77
C ARG E 224 32.50 -4.66 21.90
N ALA E 225 33.66 -5.23 21.68
CA ALA E 225 33.73 -6.38 20.77
C ALA E 225 33.61 -7.76 21.44
N PRO E 226 32.76 -8.68 20.90
CA PRO E 226 32.67 -10.00 21.55
C PRO E 226 34.00 -10.73 21.50
N ILE E 227 34.54 -10.96 20.30
CA ILE E 227 35.82 -11.66 20.25
C ILE E 227 36.97 -10.74 20.50
N GLY E 228 36.62 -9.54 20.95
CA GLY E 228 37.61 -8.55 21.27
C GLY E 228 38.32 -7.95 20.09
N TRP E 229 39.03 -6.86 20.38
CA TRP E 229 39.80 -6.11 19.42
C TRP E 229 41.08 -5.55 20.02
N ASN E 230 42.12 -5.73 19.24
CA ASN E 230 43.44 -5.26 19.57
C ASN E 230 43.69 -4.16 18.54
N MET E 231 44.56 -3.20 18.82
CA MET E 231 44.80 -2.17 17.81
C MET E 231 46.29 -1.95 17.60
N LYS E 232 47.08 -2.85 18.17
CA LYS E 232 48.51 -2.74 18.07
C LYS E 232 48.97 -3.69 16.98
N ASP E 233 48.00 -4.16 16.19
CA ASP E 233 48.26 -5.10 15.09
C ASP E 233 47.05 -5.17 14.14
N ALA E 234 47.31 -5.43 12.85
CA ALA E 234 46.24 -5.52 11.82
C ALA E 234 46.01 -6.86 11.13
N THR E 235 46.80 -7.85 11.53
CA THR E 235 46.77 -9.19 10.96
C THR E 235 45.45 -10.00 10.84
N PRO E 236 44.51 -9.86 11.77
CA PRO E 236 43.34 -10.70 11.49
C PRO E 236 42.55 -9.95 10.41
N VAL E 237 42.67 -8.62 10.44
CA VAL E 237 41.98 -7.76 9.51
C VAL E 237 42.67 -7.89 8.16
N ALA E 238 43.98 -8.02 8.16
CA ALA E 238 44.63 -8.20 6.87
C ALA E 238 44.17 -9.54 6.26
N LYS E 239 44.10 -10.60 7.08
CA LYS E 239 43.67 -11.93 6.64
C LYS E 239 42.27 -11.91 6.05
N THR E 240 41.33 -11.35 6.81
CA THR E 240 39.94 -11.27 6.36
C THR E 240 39.88 -10.71 4.90
N VAL E 241 40.85 -9.88 4.53
CA VAL E 241 40.90 -9.28 3.19
C VAL E 241 41.30 -10.32 2.15
N CYS E 242 42.26 -11.17 2.53
CA CYS E 242 42.83 -12.21 1.67
C CYS E 242 41.81 -13.22 1.12
N ALA E 243 41.10 -13.91 2.01
CA ALA E 243 40.12 -14.88 1.60
C ALA E 243 39.08 -14.17 0.75
N LEU E 244 39.08 -12.85 0.81
CA LEU E 244 38.15 -12.05 0.02
C LEU E 244 38.75 -11.79 -1.35
N LEU E 245 39.88 -12.46 -1.60
CA LEU E 245 40.61 -12.38 -2.86
C LEU E 245 40.59 -13.81 -3.41
N SER E 246 40.73 -14.77 -2.49
CA SER E 246 40.73 -16.20 -2.81
C SER E 246 39.38 -16.67 -3.40
N ASP E 247 39.23 -17.97 -3.58
CA ASP E 247 37.98 -18.50 -4.13
C ASP E 247 37.02 -18.85 -2.99
N TRP E 248 37.34 -18.45 -1.74
CA TRP E 248 36.53 -18.83 -0.56
C TRP E 248 35.37 -18.00 -0.06
N LEU E 249 35.14 -16.92 -0.77
CA LEU E 249 34.06 -16.00 -0.52
C LEU E 249 33.71 -15.74 -1.96
N PRO E 250 32.98 -16.67 -2.58
CA PRO E 250 32.55 -16.63 -3.98
C PRO E 250 31.25 -15.96 -4.47
N ALA E 251 30.28 -15.70 -3.58
CA ALA E 251 28.99 -15.11 -4.02
C ALA E 251 28.59 -13.74 -3.50
N THR E 252 29.56 -12.84 -3.32
CA THR E 252 29.26 -11.51 -2.82
C THR E 252 29.76 -10.31 -3.65
N THR E 253 28.93 -9.25 -3.74
CA THR E 253 29.35 -8.05 -4.46
C THR E 253 28.69 -6.67 -4.15
N GLY E 254 29.56 -5.69 -3.96
CA GLY E 254 29.08 -4.40 -3.56
C GLY E 254 28.81 -4.71 -2.09
N ASP E 255 29.67 -5.56 -1.51
CA ASP E 255 29.53 -5.96 -0.11
C ASP E 255 30.59 -5.51 0.88
N ILE E 256 30.20 -5.57 2.14
CA ILE E 256 31.05 -5.21 3.24
C ILE E 256 31.34 -6.40 4.15
N ILE E 257 32.60 -6.80 4.15
CA ILE E 257 33.13 -7.88 4.96
C ILE E 257 33.75 -7.11 6.15
N TYR E 258 33.24 -7.42 7.35
CA TYR E 258 33.62 -6.79 8.64
C TYR E 258 34.58 -7.61 9.54
N ALA E 259 35.82 -7.15 9.76
CA ALA E 259 36.74 -7.84 10.68
C ALA E 259 37.03 -6.98 11.93
N ASP E 260 36.15 -6.03 12.20
CA ASP E 260 36.27 -5.13 13.33
C ASP E 260 36.28 -5.83 14.69
N GLY E 261 35.88 -7.10 14.68
CA GLY E 261 35.83 -7.90 15.91
C GLY E 261 34.43 -8.04 16.52
N GLY E 262 33.39 -7.85 15.71
CA GLY E 262 32.02 -7.95 16.21
C GLY E 262 31.54 -6.75 17.05
N ALA E 263 32.26 -5.63 16.87
CA ALA E 263 32.02 -4.36 17.53
C ALA E 263 30.95 -3.57 16.79
N HIS E 264 30.74 -3.87 15.53
CA HIS E 264 29.73 -3.11 14.86
C HIS E 264 28.35 -3.63 15.22
N THR E 265 28.35 -4.82 15.75
CA THR E 265 27.09 -5.43 16.08
C THR E 265 26.73 -5.59 17.58
N GLN E 266 27.41 -4.88 18.48
CA GLN E 266 27.13 -4.95 19.92
C GLN E 266 26.80 -3.60 20.56
N LEU E 267 25.56 -3.45 21.00
CA LEU E 267 25.14 -2.20 21.61
C LEU E 267 26.05 -1.87 22.75
N LEU E 268 26.06 -2.71 23.78
CA LEU E 268 26.92 -2.44 24.94
C LEU E 268 28.16 -3.32 25.03
N THR F 1 -4.63 29.75 10.84
CA THR F 1 -3.88 28.87 11.79
C THR F 1 -3.73 27.50 11.13
N GLY F 2 -2.94 26.62 11.74
CA GLY F 2 -2.74 25.30 11.18
C GLY F 2 -1.48 24.61 11.66
N LEU F 3 -1.12 23.52 11.00
CA LEU F 3 0.05 22.73 11.36
C LEU F 3 1.29 23.61 11.59
N LEU F 4 1.55 24.55 10.69
CA LEU F 4 2.73 25.40 10.83
C LEU F 4 2.37 26.80 11.22
N ASP F 5 1.49 26.93 12.18
CA ASP F 5 1.05 28.24 12.63
C ASP F 5 2.09 29.11 13.33
N GLY F 6 2.27 30.32 12.81
CA GLY F 6 3.22 31.28 13.37
C GLY F 6 4.70 31.03 13.14
N LYS F 7 5.06 29.85 12.64
CA LYS F 7 6.45 29.51 12.40
C LYS F 7 6.99 30.16 11.14
N ARG F 8 8.20 30.70 11.21
CA ARG F 8 8.83 31.32 10.05
C ARG F 8 9.70 30.23 9.51
N ILE F 9 9.32 29.73 8.33
CA ILE F 9 10.05 28.65 7.67
C ILE F 9 10.67 29.07 6.35
N LEU F 10 11.96 28.78 6.19
CA LEU F 10 12.71 29.07 4.97
C LEU F 10 12.56 27.88 4.02
N VAL F 11 12.41 28.15 2.73
CA VAL F 11 12.28 27.08 1.75
C VAL F 11 13.07 27.44 0.50
N SER F 12 14.12 26.67 0.21
CA SER F 12 14.92 26.93 -0.97
C SER F 12 14.57 25.85 -2.01
N GLY F 13 15.17 25.94 -3.20
CA GLY F 13 14.94 24.96 -4.24
C GLY F 13 13.73 25.06 -5.18
N ILE F 14 13.05 26.22 -5.21
CA ILE F 14 11.90 26.39 -6.13
C ILE F 14 12.41 26.97 -7.44
N ILE F 15 12.22 26.24 -8.53
CA ILE F 15 12.62 26.75 -9.83
C ILE F 15 11.39 26.86 -10.72
N THR F 16 10.36 26.07 -10.39
CA THR F 16 9.06 26.02 -11.10
C THR F 16 8.00 25.58 -10.12
N ASP F 17 6.77 25.50 -10.59
CA ASP F 17 5.67 25.05 -9.74
C ASP F 17 5.56 23.51 -9.66
N SER F 18 6.52 22.82 -10.26
CA SER F 18 6.55 21.37 -10.24
C SER F 18 7.53 20.94 -9.16
N SER F 19 8.37 21.88 -8.74
CA SER F 19 9.37 21.61 -7.72
C SER F 19 8.68 21.14 -6.45
N ILE F 20 9.25 20.11 -5.81
CA ILE F 20 8.71 19.59 -4.56
C ILE F 20 8.72 20.75 -3.57
N ALA F 21 9.74 21.59 -3.70
CA ALA F 21 9.93 22.80 -2.89
C ALA F 21 8.72 23.75 -3.02
N PHE F 22 8.17 23.83 -4.23
CA PHE F 22 7.00 24.66 -4.46
C PHE F 22 5.83 24.11 -3.64
N HIS F 23 5.65 22.79 -3.64
CA HIS F 23 4.56 22.15 -2.88
C HIS F 23 4.74 22.24 -1.38
N ILE F 24 5.99 22.16 -0.96
CA ILE F 24 6.31 22.29 0.46
C ILE F 24 5.94 23.70 0.93
N ALA F 25 6.13 24.69 0.04
CA ALA F 25 5.83 26.11 0.33
C ALA F 25 4.33 26.38 0.34
N ARG F 26 3.65 25.84 -0.66
CA ARG F 26 2.22 25.99 -0.78
C ARG F 26 1.58 25.40 0.48
N VAL F 27 1.89 24.15 0.81
CA VAL F 27 1.30 23.50 1.99
C VAL F 27 1.74 24.20 3.28
N ALA F 28 3.03 24.53 3.36
CA ALA F 28 3.56 25.21 4.53
C ALA F 28 2.78 26.50 4.74
N GLN F 29 2.54 27.24 3.66
CA GLN F 29 1.81 28.49 3.75
C GLN F 29 0.35 28.28 4.20
N GLU F 30 -0.30 27.26 3.66
CA GLU F 30 -1.67 27.00 4.05
C GLU F 30 -1.71 26.68 5.54
N GLN F 31 -0.73 25.92 6.00
CA GLN F 31 -0.71 25.55 7.38
C GLN F 31 -0.37 26.67 8.34
N GLY F 32 -0.21 27.87 7.79
CA GLY F 32 0.08 29.03 8.62
C GLY F 32 1.50 29.56 8.76
N ALA F 33 2.50 28.81 8.34
CA ALA F 33 3.88 29.26 8.46
C ALA F 33 4.16 30.51 7.61
N GLN F 34 5.15 31.31 8.01
CA GLN F 34 5.57 32.48 7.25
C GLN F 34 6.85 32.08 6.52
N LEU F 35 6.83 32.20 5.21
CA LEU F 35 7.98 31.83 4.41
C LEU F 35 8.93 32.95 3.97
N VAL F 36 10.16 32.54 3.72
CA VAL F 36 11.25 33.38 3.25
C VAL F 36 11.83 32.49 2.15
N LEU F 37 11.50 32.81 0.91
CA LEU F 37 11.95 32.00 -0.22
C LEU F 37 13.28 32.42 -0.80
N THR F 38 14.09 31.44 -1.18
CA THR F 38 15.39 31.74 -1.76
C THR F 38 15.39 31.14 -3.15
N GLY F 39 16.05 31.83 -4.08
CA GLY F 39 16.14 31.36 -5.45
C GLY F 39 17.56 31.39 -5.97
N PHE F 40 17.89 30.47 -6.87
CA PHE F 40 19.23 30.37 -7.44
C PHE F 40 19.66 31.58 -8.29
N ASP F 41 19.29 31.58 -9.57
CA ASP F 41 19.68 32.67 -10.48
C ASP F 41 18.57 33.28 -11.33
N ARG F 42 17.61 32.47 -11.77
CA ARG F 42 16.50 33.02 -12.56
C ARG F 42 15.56 33.79 -11.64
N LEU F 43 16.09 34.84 -11.03
CA LEU F 43 15.36 35.66 -10.08
C LEU F 43 14.07 36.30 -10.55
N ARG F 44 14.08 36.92 -11.73
CA ARG F 44 12.86 37.55 -12.23
C ARG F 44 11.85 36.50 -12.70
N LEU F 45 12.40 35.36 -13.13
CA LEU F 45 11.61 34.23 -13.63
C LEU F 45 10.91 33.44 -12.53
N ILE F 46 11.68 32.84 -11.61
CA ILE F 46 11.12 32.05 -10.49
C ILE F 46 10.34 32.95 -9.56
N GLN F 47 10.56 34.23 -9.69
CA GLN F 47 9.83 35.20 -8.90
C GLN F 47 8.37 35.01 -9.34
N ARG F 48 8.14 35.15 -10.64
CA ARG F 48 6.81 35.01 -11.25
C ARG F 48 6.07 33.77 -10.78
N ILE F 49 6.82 32.68 -10.60
CA ILE F 49 6.28 31.42 -10.14
C ILE F 49 5.95 31.44 -8.67
N THR F 50 6.80 32.06 -7.85
CA THR F 50 6.50 32.10 -6.42
C THR F 50 5.25 32.93 -6.18
N ASP F 51 4.78 33.62 -7.23
CA ASP F 51 3.57 34.41 -7.12
C ASP F 51 2.33 33.49 -7.04
N ARG F 52 2.49 32.22 -7.40
CA ARG F 52 1.38 31.25 -7.35
C ARG F 52 1.12 30.76 -5.91
N LEU F 53 2.15 30.88 -5.06
CA LEU F 53 2.06 30.49 -3.66
C LEU F 53 0.99 31.32 -2.99
N PRO F 54 0.01 30.66 -2.37
CA PRO F 54 -1.11 31.31 -1.68
C PRO F 54 -0.78 32.65 -1.02
N ALA F 55 0.45 32.82 -0.56
CA ALA F 55 0.83 34.07 0.08
C ALA F 55 2.18 34.57 -0.37
N LYS F 56 2.39 35.87 -0.23
CA LYS F 56 3.64 36.46 -0.64
C LYS F 56 4.73 36.16 0.38
N ALA F 57 5.86 35.67 -0.16
CA ALA F 57 7.03 35.31 0.64
C ALA F 57 8.25 35.95 -0.02
N PRO F 58 8.98 36.82 0.70
CA PRO F 58 10.17 37.53 0.21
C PRO F 58 11.25 36.64 -0.38
N LEU F 59 11.48 36.83 -1.67
CA LEU F 59 12.46 36.07 -2.45
C LEU F 59 13.86 36.65 -2.23
N LEU F 60 14.81 35.82 -1.82
CA LEU F 60 16.16 36.31 -1.60
C LEU F 60 17.05 35.48 -2.49
N GLU F 61 18.19 36.03 -2.94
CA GLU F 61 19.08 35.27 -3.82
C GLU F 61 20.08 34.37 -3.10
N LEU F 62 20.14 33.10 -3.51
CA LEU F 62 21.08 32.20 -2.88
C LEU F 62 21.66 31.13 -3.79
N ASP F 63 22.95 31.29 -4.09
CA ASP F 63 23.69 30.31 -4.86
C ASP F 63 24.52 29.66 -3.76
N VAL F 64 24.18 28.42 -3.43
CA VAL F 64 24.86 27.71 -2.34
C VAL F 64 26.36 27.59 -2.52
N GLN F 65 26.83 27.59 -3.76
CA GLN F 65 28.25 27.47 -4.00
C GLN F 65 29.02 28.73 -3.71
N ASN F 66 28.31 29.82 -3.49
CA ASN F 66 29.01 31.07 -3.24
C ASN F 66 29.03 31.57 -1.80
N GLU F 67 30.24 31.55 -1.23
CA GLU F 67 30.43 31.97 0.16
C GLU F 67 30.01 33.38 0.44
N GLU F 68 29.82 34.15 -0.62
CA GLU F 68 29.39 35.52 -0.48
C GLU F 68 27.90 35.45 -0.20
N HIS F 69 27.23 34.54 -0.90
CA HIS F 69 25.80 34.35 -0.73
C HIS F 69 25.58 33.78 0.67
N LEU F 70 26.34 32.73 0.99
CA LEU F 70 26.20 32.09 2.27
C LEU F 70 26.38 33.12 3.39
N ALA F 71 27.50 33.83 3.40
CA ALA F 71 27.74 34.83 4.45
C ALA F 71 26.60 35.76 4.62
N SER F 72 26.16 36.38 3.55
CA SER F 72 25.03 37.31 3.64
C SER F 72 23.70 36.68 4.11
N LEU F 73 23.53 35.38 3.87
CA LEU F 73 22.31 34.63 4.21
C LEU F 73 21.58 35.00 5.49
N ALA F 74 22.15 34.63 6.64
CA ALA F 74 21.56 34.96 7.95
C ALA F 74 21.13 36.43 7.90
N GLY F 75 22.08 37.30 7.56
CA GLY F 75 21.83 38.73 7.48
C GLY F 75 20.56 39.12 6.76
N ARG F 76 20.47 38.84 5.47
CA ARG F 76 19.29 39.19 4.69
C ARG F 76 18.05 38.63 5.37
N VAL F 77 18.07 37.33 5.64
CA VAL F 77 16.96 36.66 6.29
C VAL F 77 16.39 37.50 7.46
N THR F 78 17.27 38.05 8.30
CA THR F 78 16.84 38.86 9.44
C THR F 78 16.07 40.07 8.98
N GLU F 79 16.54 40.69 7.90
CA GLU F 79 15.86 41.84 7.36
C GLU F 79 14.51 41.35 6.78
N ALA F 80 14.54 40.16 6.17
CA ALA F 80 13.35 39.53 5.56
C ALA F 80 12.24 39.26 6.57
N ILE F 81 12.61 38.80 7.76
CA ILE F 81 11.65 38.50 8.82
C ILE F 81 11.44 39.66 9.84
N GLY F 82 12.53 40.31 10.25
CA GLY F 82 12.42 41.40 11.19
C GLY F 82 13.49 41.33 12.26
N ALA F 83 13.61 42.39 13.06
CA ALA F 83 14.60 42.40 14.12
C ALA F 83 13.98 41.78 15.39
N GLY F 84 14.66 40.74 15.91
CA GLY F 84 14.17 40.05 17.09
C GLY F 84 13.73 38.66 16.73
N ASN F 85 12.93 38.57 15.67
CA ASN F 85 12.41 37.31 15.20
C ASN F 85 13.51 36.41 14.68
N LYS F 86 13.33 35.11 14.94
CA LYS F 86 14.27 34.07 14.49
C LYS F 86 13.54 33.00 13.70
N LEU F 87 14.32 32.16 13.03
CA LEU F 87 13.80 31.06 12.19
C LEU F 87 13.43 29.79 12.93
N ASP F 88 12.32 29.19 12.48
CA ASP F 88 11.85 27.96 13.08
C ASP F 88 12.22 26.76 12.18
N GLY F 89 12.57 27.05 10.93
CA GLY F 89 12.94 25.97 10.05
C GLY F 89 13.76 26.39 8.85
N VAL F 90 14.31 25.37 8.18
CA VAL F 90 15.13 25.52 6.97
C VAL F 90 14.83 24.28 6.14
N VAL F 91 14.46 24.48 4.88
CA VAL F 91 14.16 23.36 3.97
C VAL F 91 15.15 23.38 2.80
N HIS F 92 16.05 22.41 2.75
CA HIS F 92 17.07 22.35 1.70
C HIS F 92 16.63 21.44 0.56
N SER F 93 15.84 21.97 -0.34
CA SER F 93 15.39 21.19 -1.49
C SER F 93 16.29 21.54 -2.70
N ILE F 94 17.58 21.25 -2.55
CA ILE F 94 18.56 21.53 -3.57
C ILE F 94 19.24 20.22 -3.97
N GLY F 95 19.37 20.00 -5.27
CA GLY F 95 20.02 18.80 -5.77
C GLY F 95 20.49 19.03 -7.21
N PHE F 96 21.78 18.81 -7.48
CA PHE F 96 22.35 18.99 -8.83
C PHE F 96 23.36 17.91 -9.19
N MET F 97 23.48 17.66 -10.48
CA MET F 97 24.41 16.68 -11.03
C MET F 97 24.36 16.79 -12.55
N PRO F 98 25.48 17.17 -13.17
CA PRO F 98 25.53 17.30 -14.63
C PRO F 98 25.30 15.94 -15.29
N GLN F 99 24.60 15.93 -16.43
CA GLN F 99 24.27 14.70 -17.16
C GLN F 99 25.40 13.66 -17.31
N THR F 100 26.62 14.12 -17.11
CA THR F 100 27.82 13.29 -17.19
C THR F 100 27.81 12.15 -16.13
N GLY F 101 27.28 12.42 -14.95
CA GLY F 101 27.28 11.37 -13.95
C GLY F 101 25.90 10.85 -13.63
N MET F 102 24.92 11.29 -14.41
CA MET F 102 23.55 10.88 -14.15
C MET F 102 22.90 10.61 -15.46
N GLY F 103 22.24 9.46 -15.53
CA GLY F 103 21.52 9.08 -16.74
C GLY F 103 22.15 8.04 -17.66
N ILE F 104 22.16 8.38 -18.94
CA ILE F 104 22.67 7.51 -19.99
C ILE F 104 24.21 7.47 -20.14
N ASN F 105 24.89 8.52 -19.70
CA ASN F 105 26.34 8.50 -19.78
C ASN F 105 26.80 7.52 -18.69
N PRO F 106 27.81 6.69 -18.96
CA PRO F 106 28.36 5.70 -18.01
C PRO F 106 28.88 6.21 -16.67
N PHE F 107 28.94 5.30 -15.69
CA PHE F 107 29.41 5.57 -14.33
C PHE F 107 30.91 5.85 -14.28
N PHE F 108 31.70 5.02 -14.95
CA PHE F 108 33.16 5.19 -14.96
C PHE F 108 33.67 6.46 -15.65
N ASP F 109 32.89 6.96 -16.61
CA ASP F 109 33.28 8.13 -17.38
C ASP F 109 33.12 9.47 -16.70
N ALA F 110 32.07 9.65 -15.91
CA ALA F 110 31.85 10.92 -15.21
C ALA F 110 33.12 11.37 -14.48
N PRO F 111 33.72 12.48 -14.93
CA PRO F 111 34.94 13.07 -14.36
C PRO F 111 34.67 13.78 -13.05
N TYR F 112 35.66 13.81 -12.17
CA TYR F 112 35.50 14.44 -10.87
C TYR F 112 35.06 15.92 -10.86
N ALA F 113 35.42 16.70 -11.88
CA ALA F 113 35.03 18.10 -11.95
C ALA F 113 33.51 18.23 -11.87
N ASP F 114 32.80 17.25 -12.41
CA ASP F 114 31.34 17.25 -12.41
C ASP F 114 30.81 16.56 -11.14
N VAL F 115 31.33 15.37 -10.87
CA VAL F 115 30.93 14.62 -9.70
C VAL F 115 30.97 15.60 -8.51
N SER F 116 32.11 16.27 -8.38
CA SER F 116 32.36 17.25 -7.32
C SER F 116 31.38 18.44 -7.34
N LYS F 117 30.92 18.81 -8.53
CA LYS F 117 29.95 19.91 -8.69
C LYS F 117 28.59 19.48 -8.13
N GLY F 118 28.32 18.17 -8.19
CA GLY F 118 27.09 17.62 -7.67
C GLY F 118 27.25 17.48 -6.17
N ILE F 119 28.39 16.91 -5.73
CA ILE F 119 28.65 16.70 -4.30
C ILE F 119 28.77 17.99 -3.48
N HIS F 120 29.01 19.10 -4.15
CA HIS F 120 29.12 20.40 -3.47
C HIS F 120 27.73 21.02 -3.26
N ILE F 121 26.91 20.96 -4.31
CA ILE F 121 25.54 21.51 -4.33
C ILE F 121 24.50 20.59 -3.68
N SER F 122 24.70 19.29 -3.79
CA SER F 122 23.77 18.32 -3.26
C SER F 122 24.04 17.92 -1.82
N ALA F 123 25.23 17.39 -1.59
CA ALA F 123 25.59 16.94 -0.26
C ALA F 123 26.06 18.05 0.69
N TYR F 124 27.22 18.63 0.39
CA TYR F 124 27.85 19.67 1.20
C TYR F 124 26.96 20.88 1.51
N SER F 125 26.37 21.48 0.49
CA SER F 125 25.54 22.66 0.69
C SER F 125 24.59 22.56 1.88
N TYR F 126 24.14 21.35 2.19
CA TYR F 126 23.25 21.14 3.35
C TYR F 126 24.00 21.67 4.63
N ALA F 127 25.26 21.29 4.76
CA ALA F 127 26.08 21.72 5.89
C ALA F 127 26.24 23.25 5.96
N SER F 128 26.82 23.83 4.90
CA SER F 128 27.06 25.29 4.80
C SER F 128 25.81 26.16 5.01
N MET F 129 24.65 25.58 4.69
CA MET F 129 23.36 26.24 4.84
C MET F 129 22.93 26.12 6.28
N ALA F 130 23.23 24.96 6.88
CA ALA F 130 22.90 24.75 8.28
C ALA F 130 23.83 25.68 9.03
N LYS F 131 25.02 25.85 8.48
CA LYS F 131 26.07 26.70 9.03
C LYS F 131 25.64 28.15 9.07
N ALA F 132 25.26 28.65 7.89
CA ALA F 132 24.86 30.04 7.75
C ALA F 132 23.60 30.43 8.53
N LEU F 133 22.65 29.50 8.63
CA LEU F 133 21.36 29.79 9.27
C LEU F 133 21.14 29.42 10.72
N LEU F 134 21.80 28.35 11.16
CA LEU F 134 21.67 27.83 12.52
C LEU F 134 21.61 28.95 13.57
N PRO F 135 22.60 29.86 13.55
CA PRO F 135 22.60 30.95 14.51
C PRO F 135 21.26 31.66 14.71
N ILE F 136 20.53 31.91 13.65
CA ILE F 136 19.28 32.62 13.79
C ILE F 136 18.09 31.69 13.96
N MET F 137 18.33 30.47 14.41
CA MET F 137 17.24 29.51 14.60
C MET F 137 16.86 29.34 16.08
N ASN F 138 15.56 29.33 16.35
CA ASN F 138 15.05 29.16 17.71
C ASN F 138 15.22 27.69 18.06
N PRO F 139 15.38 27.37 19.36
CA PRO F 139 15.52 25.96 19.72
C PRO F 139 14.17 25.29 19.47
N GLY F 140 14.20 24.07 18.96
CA GLY F 140 12.95 23.40 18.64
C GLY F 140 12.70 23.53 17.14
N GLY F 141 13.61 24.23 16.48
CA GLY F 141 13.51 24.45 15.06
C GLY F 141 13.90 23.19 14.35
N SER F 142 13.59 23.12 13.05
CA SER F 142 13.86 21.94 12.25
C SER F 142 14.45 22.28 10.87
N ILE F 143 15.45 21.48 10.46
CA ILE F 143 16.10 21.63 9.14
C ILE F 143 15.91 20.29 8.44
N VAL F 144 15.26 20.29 7.28
CA VAL F 144 14.99 19.05 6.54
C VAL F 144 15.36 19.14 5.03
N GLY F 145 16.23 18.22 4.59
CA GLY F 145 16.67 18.17 3.21
C GLY F 145 16.15 16.94 2.51
N MET F 146 16.02 16.98 1.19
CA MET F 146 15.50 15.85 0.45
C MET F 146 16.52 14.75 0.24
N ASP F 147 16.03 13.52 0.09
CA ASP F 147 16.86 12.33 -0.08
C ASP F 147 16.13 11.38 -1.08
N PHE F 148 16.86 10.39 -1.57
CA PHE F 148 16.35 9.40 -2.53
C PHE F 148 17.10 8.07 -2.30
N ASP F 149 16.64 7.32 -1.30
CA ASP F 149 17.20 6.02 -0.88
C ASP F 149 18.40 5.49 -1.71
N PRO F 150 19.63 5.74 -1.24
CA PRO F 150 20.89 5.31 -1.88
C PRO F 150 21.37 3.93 -1.38
N SER F 151 20.59 3.29 -0.50
CA SER F 151 20.92 1.99 0.10
C SER F 151 21.35 0.93 -0.92
N ARG F 152 20.60 0.86 -2.02
CA ARG F 152 20.89 -0.10 -3.07
C ARG F 152 21.21 0.61 -4.38
N ALA F 153 22.19 0.11 -5.13
CA ALA F 153 22.60 0.70 -6.41
C ALA F 153 21.58 0.51 -7.52
N MET F 154 21.18 1.60 -8.16
CA MET F 154 20.19 1.49 -9.23
C MET F 154 20.80 2.13 -10.46
N PRO F 155 20.36 1.68 -11.64
CA PRO F 155 20.86 2.20 -12.91
C PRO F 155 20.46 3.65 -13.14
N ALA F 156 21.38 4.40 -13.76
CA ALA F 156 21.16 5.80 -14.12
C ALA F 156 21.47 6.82 -13.04
N TYR F 157 20.94 6.62 -11.81
CA TYR F 157 21.16 7.59 -10.72
C TYR F 157 22.66 7.72 -10.48
N ASN F 158 23.40 6.65 -10.76
CA ASN F 158 24.85 6.61 -10.67
C ASN F 158 25.48 7.54 -9.65
N TRP F 159 26.24 8.56 -10.08
CA TRP F 159 26.91 9.50 -9.16
C TRP F 159 26.01 10.38 -8.31
N MET F 160 24.77 10.60 -8.74
CA MET F 160 23.84 11.38 -7.95
C MET F 160 23.39 10.56 -6.73
N THR F 161 23.48 9.23 -6.85
CA THR F 161 23.14 8.29 -5.78
C THR F 161 24.23 8.47 -4.75
N VAL F 162 25.47 8.40 -5.22
CA VAL F 162 26.66 8.58 -4.39
C VAL F 162 26.63 9.93 -3.61
N ALA F 163 26.19 11.00 -4.27
CA ALA F 163 26.15 12.29 -3.62
C ALA F 163 25.05 12.33 -2.57
N LYS F 164 24.01 11.54 -2.76
CA LYS F 164 22.88 11.52 -1.83
C LYS F 164 23.29 10.67 -0.63
N SER F 165 24.06 9.62 -0.90
CA SER F 165 24.54 8.72 0.15
C SER F 165 25.44 9.58 1.04
N ALA F 166 26.25 10.44 0.44
CA ALA F 166 27.12 11.34 1.19
C ALA F 166 26.24 12.32 1.97
N LEU F 167 25.09 12.67 1.40
CA LEU F 167 24.16 13.60 2.02
C LEU F 167 23.63 13.07 3.35
N GLU F 168 23.17 11.83 3.35
CA GLU F 168 22.65 11.24 4.58
C GLU F 168 23.70 11.33 5.68
N SER F 169 24.94 10.94 5.36
CA SER F 169 25.99 10.98 6.37
C SER F 169 26.19 12.40 6.90
N VAL F 170 26.16 13.39 6.01
CA VAL F 170 26.32 14.77 6.43
C VAL F 170 25.20 15.09 7.41
N ASN F 171 23.98 14.65 7.08
CA ASN F 171 22.78 14.89 7.92
C ASN F 171 23.09 14.57 9.39
N ARG F 172 23.71 13.42 9.62
CA ARG F 172 24.05 12.98 10.96
C ARG F 172 24.98 13.90 11.71
N PHE F 173 25.95 14.48 11.01
CA PHE F 173 26.90 15.38 11.67
C PHE F 173 26.33 16.76 11.95
N VAL F 174 25.52 17.22 11.02
CA VAL F 174 24.86 18.51 11.18
C VAL F 174 23.89 18.30 12.35
N ALA F 175 23.40 17.07 12.49
CA ALA F 175 22.45 16.75 13.52
C ALA F 175 22.99 17.08 14.90
N ARG F 176 24.21 16.64 15.19
CA ARG F 176 24.77 16.92 16.51
C ARG F 176 25.16 18.39 16.65
N GLU F 177 25.44 19.01 15.51
CA GLU F 177 25.81 20.43 15.46
C GLU F 177 24.60 21.31 15.72
N ALA F 178 23.45 20.87 15.20
CA ALA F 178 22.19 21.55 15.35
C ALA F 178 21.68 21.27 16.76
N GLY F 179 22.11 20.15 17.34
CA GLY F 179 21.67 19.79 18.68
C GLY F 179 21.92 20.90 19.68
N LYS F 180 23.10 21.51 19.59
CA LYS F 180 23.53 22.59 20.49
C LYS F 180 22.64 23.83 20.45
N TYR F 181 21.83 23.98 19.40
CA TYR F 181 20.91 25.12 19.28
C TYR F 181 19.46 24.68 19.49
N GLY F 182 19.26 23.38 19.69
CA GLY F 182 17.92 22.83 19.89
C GLY F 182 17.20 22.44 18.59
N VAL F 183 17.86 22.68 17.47
CA VAL F 183 17.33 22.36 16.15
C VAL F 183 17.49 20.87 15.87
N ARG F 184 16.64 20.36 14.99
CA ARG F 184 16.71 18.95 14.62
C ARG F 184 17.09 18.91 13.15
N SER F 185 17.79 17.87 12.78
CA SER F 185 18.19 17.69 11.40
C SER F 185 17.62 16.34 10.93
N ASN F 186 16.90 16.35 9.82
CA ASN F 186 16.28 15.16 9.29
C ASN F 186 16.22 15.21 7.78
N LEU F 187 16.18 14.03 7.15
CA LEU F 187 16.11 13.88 5.70
C LEU F 187 14.91 13.06 5.30
N VAL F 188 14.18 13.50 4.28
CA VAL F 188 13.01 12.79 3.78
C VAL F 188 13.36 12.01 2.51
N ALA F 189 12.91 10.76 2.43
CA ALA F 189 13.20 9.92 1.27
C ALA F 189 11.95 9.64 0.48
N ALA F 190 11.78 10.38 -0.62
CA ALA F 190 10.59 10.19 -1.46
C ALA F 190 10.85 9.25 -2.63
N GLY F 191 9.77 8.83 -3.27
CA GLY F 191 9.90 7.97 -4.43
C GLY F 191 9.89 8.96 -5.57
N PRO F 192 10.01 8.55 -6.84
CA PRO F 192 10.01 9.51 -7.95
C PRO F 192 8.72 10.30 -8.15
N ILE F 193 8.89 11.60 -8.33
CA ILE F 193 7.81 12.54 -8.58
C ILE F 193 8.14 13.02 -9.98
N ARG F 194 7.13 13.43 -10.73
CA ARG F 194 7.41 13.89 -12.06
C ARG F 194 7.49 15.40 -12.23
N THR F 195 8.69 15.93 -11.99
CA THR F 195 9.02 17.35 -12.16
C THR F 195 9.31 17.48 -13.67
N LEU F 196 9.72 18.66 -14.11
CA LEU F 196 10.05 18.85 -15.53
C LEU F 196 11.03 17.75 -15.97
N ALA F 197 12.16 17.66 -15.28
CA ALA F 197 13.22 16.68 -15.55
C ALA F 197 12.77 15.25 -15.83
N MET F 198 11.92 14.72 -14.96
CA MET F 198 11.43 13.35 -15.10
C MET F 198 10.50 13.17 -16.29
N SER F 199 9.68 14.18 -16.57
CA SER F 199 8.76 14.11 -17.70
C SER F 199 9.64 13.99 -18.95
N ALA F 200 10.79 14.67 -18.90
CA ALA F 200 11.76 14.65 -20.00
C ALA F 200 12.24 13.23 -20.31
N ILE F 201 12.90 12.57 -19.35
CA ILE F 201 13.42 11.21 -19.57
C ILE F 201 12.34 10.20 -19.95
N VAL F 202 11.19 10.33 -19.30
CA VAL F 202 10.03 9.48 -19.54
C VAL F 202 9.72 9.40 -21.05
N GLY F 203 9.44 10.57 -21.63
CA GLY F 203 9.08 10.66 -23.02
C GLY F 203 10.20 10.53 -23.99
N GLY F 204 11.11 9.58 -23.76
CA GLY F 204 12.22 9.37 -24.66
C GLY F 204 13.22 10.46 -25.03
N ALA F 205 13.30 11.53 -24.23
CA ALA F 205 14.24 12.63 -24.50
C ALA F 205 15.62 12.04 -24.38
N LEU F 206 15.77 11.16 -23.42
CA LEU F 206 17.03 10.47 -23.22
C LEU F 206 17.09 9.40 -24.32
N GLY F 207 15.93 8.87 -24.68
CA GLY F 207 15.85 7.87 -25.73
C GLY F 207 15.05 6.65 -25.34
N GLU F 208 15.12 5.61 -26.15
CA GLU F 208 14.43 4.37 -25.86
C GLU F 208 14.98 3.81 -24.52
N GLU F 209 16.10 3.06 -24.62
CA GLU F 209 16.79 2.38 -23.49
C GLU F 209 16.57 3.00 -22.13
N ALA F 210 16.96 4.27 -22.01
CA ALA F 210 16.84 5.03 -20.78
C ALA F 210 15.37 5.28 -20.41
N GLY F 211 14.60 5.89 -21.31
CA GLY F 211 13.20 6.17 -21.03
C GLY F 211 12.40 4.97 -20.54
N ALA F 212 12.89 3.77 -20.81
CA ALA F 212 12.24 2.51 -20.40
C ALA F 212 12.76 2.03 -19.05
N GLN F 213 14.07 2.02 -18.88
CA GLN F 213 14.71 1.58 -17.63
C GLN F 213 14.14 2.35 -16.45
N ILE F 214 13.87 3.64 -16.67
CA ILE F 214 13.29 4.53 -15.65
C ILE F 214 11.79 4.33 -15.58
N GLN F 215 11.18 4.02 -16.71
CA GLN F 215 9.74 3.82 -16.73
C GLN F 215 9.43 2.61 -15.84
N LEU F 216 10.11 1.50 -16.09
CA LEU F 216 9.88 0.29 -15.30
C LEU F 216 10.20 0.56 -13.82
N LEU F 217 11.28 1.27 -13.55
CA LEU F 217 11.63 1.59 -12.17
C LEU F 217 10.46 2.33 -11.51
N GLU F 218 9.91 3.34 -12.17
CA GLU F 218 8.80 4.09 -11.57
C GLU F 218 7.60 3.18 -11.44
N GLU F 219 7.50 2.29 -12.39
CA GLU F 219 6.43 1.32 -12.48
C GLU F 219 6.51 0.36 -11.26
N GLY F 220 7.69 -0.21 -11.05
CA GLY F 220 7.89 -1.13 -9.96
C GLY F 220 7.73 -0.49 -8.61
N TRP F 221 7.97 0.81 -8.52
CA TRP F 221 7.82 1.53 -7.25
C TRP F 221 6.38 1.41 -6.78
N ASP F 222 5.44 1.43 -7.73
CA ASP F 222 4.05 1.30 -7.41
C ASP F 222 3.77 -0.16 -7.03
N GLN F 223 4.39 -1.10 -7.74
CA GLN F 223 4.21 -2.52 -7.44
C GLN F 223 4.42 -2.79 -5.96
N ARG F 224 5.66 -2.61 -5.50
CA ARG F 224 6.03 -2.84 -4.11
C ARG F 224 5.30 -1.98 -3.10
N ALA F 225 5.02 -0.72 -3.42
CA ALA F 225 4.36 0.19 -2.49
C ALA F 225 2.95 -0.30 -2.08
N PRO F 226 2.76 -0.63 -0.77
CA PRO F 226 1.51 -1.11 -0.15
C PRO F 226 0.33 -0.18 -0.25
N ILE F 227 0.58 1.11 -0.08
CA ILE F 227 -0.50 2.09 -0.23
C ILE F 227 -0.31 2.75 -1.59
N GLY F 228 0.43 2.04 -2.45
CA GLY F 228 0.72 2.52 -3.78
C GLY F 228 1.69 3.69 -3.82
N TRP F 229 1.82 4.28 -5.00
CA TRP F 229 2.68 5.42 -5.20
C TRP F 229 2.15 6.25 -6.38
N ASN F 230 1.88 7.53 -6.13
CA ASN F 230 1.37 8.43 -7.19
C ASN F 230 2.44 9.44 -7.58
N MET F 231 3.25 9.08 -8.56
CA MET F 231 4.33 9.94 -9.03
C MET F 231 3.94 11.26 -9.66
N LYS F 232 2.65 11.46 -9.92
CA LYS F 232 2.20 12.72 -10.48
C LYS F 232 1.56 13.59 -9.42
N ASP F 233 1.89 13.32 -8.17
CA ASP F 233 1.36 14.10 -7.04
C ASP F 233 2.39 14.18 -5.92
N ALA F 234 2.86 15.39 -5.65
CA ALA F 234 3.85 15.60 -4.60
C ALA F 234 3.22 15.94 -3.24
N THR F 235 1.90 16.15 -3.21
CA THR F 235 1.22 16.48 -1.96
C THR F 235 1.57 15.54 -0.80
N PRO F 236 1.79 14.25 -1.08
CA PRO F 236 2.15 13.38 0.05
C PRO F 236 3.52 13.76 0.63
N VAL F 237 4.46 14.15 -0.23
CA VAL F 237 5.82 14.53 0.20
C VAL F 237 5.83 15.90 0.92
N ALA F 238 4.96 16.83 0.49
CA ALA F 238 4.88 18.14 1.09
C ALA F 238 4.36 17.99 2.51
N LYS F 239 3.29 17.21 2.64
CA LYS F 239 2.69 16.95 3.95
C LYS F 239 3.76 16.45 4.94
N THR F 240 4.56 15.47 4.50
CA THR F 240 5.59 14.89 5.35
C THR F 240 6.61 15.91 5.82
N VAL F 241 7.07 16.77 4.91
CA VAL F 241 8.06 17.78 5.28
C VAL F 241 7.50 18.78 6.30
N CYS F 242 6.21 19.06 6.19
CA CYS F 242 5.58 19.97 7.14
C CYS F 242 5.43 19.37 8.56
N ALA F 243 5.15 18.05 8.63
CA ALA F 243 5.01 17.35 9.90
C ALA F 243 6.35 17.38 10.64
N LEU F 244 7.42 17.22 9.87
CA LEU F 244 8.77 17.20 10.40
C LEU F 244 9.13 18.59 10.88
N LEU F 245 8.48 19.58 10.31
CA LEU F 245 8.71 20.96 10.67
C LEU F 245 7.86 21.37 11.88
N SER F 246 6.98 20.48 12.32
CA SER F 246 6.09 20.77 13.47
C SER F 246 6.56 20.20 14.80
N ASP F 247 5.76 20.43 15.81
CA ASP F 247 6.06 19.96 17.16
C ASP F 247 5.74 18.50 17.39
N TRP F 248 5.34 17.81 16.33
CA TRP F 248 4.92 16.43 16.48
C TRP F 248 5.94 15.33 16.41
N LEU F 249 7.17 15.67 16.04
CA LEU F 249 8.28 14.71 16.01
C LEU F 249 9.47 15.39 16.68
N PRO F 250 9.26 15.87 17.93
CA PRO F 250 10.31 16.55 18.68
C PRO F 250 11.53 15.75 19.03
N ALA F 251 11.53 14.47 18.72
CA ALA F 251 12.69 13.69 19.10
C ALA F 251 13.49 13.01 17.98
N THR F 252 13.10 13.22 16.72
CA THR F 252 13.85 12.58 15.64
C THR F 252 14.92 13.53 15.09
N THR F 253 16.17 13.07 15.08
CA THR F 253 17.34 13.85 14.62
C THR F 253 18.38 12.94 13.98
N GLY F 254 19.04 13.50 12.95
CA GLY F 254 20.05 12.80 12.18
C GLY F 254 19.38 11.61 11.56
N ASP F 255 18.05 11.70 11.43
CA ASP F 255 17.24 10.60 10.93
C ASP F 255 16.75 10.83 9.54
N ILE F 256 16.12 9.80 9.01
CA ILE F 256 15.57 9.77 7.67
C ILE F 256 14.14 9.26 7.81
N ILE F 257 13.16 10.02 7.32
CA ILE F 257 11.74 9.61 7.39
C ILE F 257 11.29 9.34 5.97
N TYR F 258 11.02 8.09 5.66
CA TYR F 258 10.62 7.71 4.29
C TYR F 258 9.18 8.02 3.88
N ALA F 259 9.01 8.66 2.72
CA ALA F 259 7.69 9.01 2.21
C ALA F 259 7.58 8.54 0.77
N ASP F 260 7.69 7.23 0.60
CA ASP F 260 7.65 6.57 -0.71
C ASP F 260 6.67 5.42 -0.71
N GLY F 261 5.57 5.58 0.00
CA GLY F 261 4.58 4.52 0.08
C GLY F 261 5.07 3.22 0.75
N GLY F 262 6.23 3.27 1.40
CA GLY F 262 6.76 2.08 2.05
C GLY F 262 7.31 1.07 1.06
N ALA F 263 7.47 1.51 -0.20
CA ALA F 263 7.99 0.68 -1.29
C ALA F 263 9.37 0.14 -0.95
N HIS F 264 10.09 0.86 -0.11
CA HIS F 264 11.44 0.49 0.30
C HIS F 264 11.52 -0.63 1.33
N THR F 265 10.40 -1.00 1.91
CA THR F 265 10.40 -2.06 2.92
C THR F 265 10.01 -3.39 2.30
N GLN F 266 9.35 -3.34 1.13
CA GLN F 266 8.91 -4.54 0.45
C GLN F 266 9.93 -4.93 -0.61
N LEU F 267 10.07 -6.23 -0.85
CA LEU F 267 10.97 -6.72 -1.89
C LEU F 267 10.17 -6.85 -3.19
N LEU F 268 8.96 -7.40 -3.08
CA LEU F 268 8.05 -7.58 -4.23
C LEU F 268 6.67 -7.00 -3.88
PA NAD G . -26.76 -9.89 -6.74
O1A NAD G . -28.16 -9.99 -6.28
O2A NAD G . -25.80 -10.84 -6.09
O5B NAD G . -26.32 -8.28 -6.72
C5B NAD G . -27.26 -7.22 -6.37
C4B NAD G . -26.85 -6.11 -5.36
O4B NAD G . -27.95 -5.27 -4.91
C3B NAD G . -26.25 -6.54 -4.01
O3B NAD G . -24.81 -6.70 -4.07
C2B NAD G . -26.56 -5.38 -3.06
O2B NAD G . -25.40 -4.73 -2.54
C1B NAD G . -27.33 -4.44 -3.96
N9A NAD G . -28.13 -3.48 -3.19
C8A NAD G . -29.41 -3.61 -2.80
N7A NAD G . -29.84 -2.52 -2.14
C5A NAD G . -28.79 -1.71 -2.16
C6A NAD G . -28.76 -0.41 -1.68
N6A NAD G . -29.74 0.01 -0.84
N1A NAD G . -27.62 0.28 -1.86
C2A NAD G . -26.55 -0.28 -2.44
N3A NAD G . -26.57 -1.54 -2.88
C4A NAD G . -27.70 -2.28 -2.79
O3 NAD G . -26.66 -10.17 -8.33
PN NAD G . -27.62 -10.52 -9.58
O1N NAD G . -28.43 -11.75 -9.31
O2N NAD G . -26.74 -10.59 -10.76
O5D NAD G . -28.57 -9.21 -9.57
C5D NAD G . -28.04 -7.92 -9.94
C4D NAD G . -28.94 -7.15 -10.93
O4D NAD G . -28.99 -7.78 -12.23
C3D NAD G . -30.41 -6.98 -10.59
O3D NAD G . -30.84 -5.74 -11.19
C2D NAD G . -31.10 -8.16 -11.25
O2D NAD G . -32.51 -8.02 -11.43
C1D NAD G . -30.35 -8.16 -12.56
N1N NAD G . -30.39 -9.46 -13.29
C2N NAD G . -30.50 -10.70 -12.61
C3N NAD G . -30.48 -11.91 -13.32
C7N NAD G . -30.54 -13.25 -12.60
O7N NAD G . -31.34 -14.12 -12.95
N7N NAD G . -29.71 -13.41 -11.59
C4N NAD G . -30.39 -11.88 -14.71
C5N NAD G . -30.30 -10.67 -15.40
C6N NAD G . -30.30 -9.45 -14.70
C1 THT H . -30.21 -12.43 -4.45
C2 THT H . -31.12 -11.29 -4.92
O2 THT H . -32.20 -11.06 -4.33
N3 THT H . -30.73 -10.56 -5.96
C4 THT H . -31.55 -10.35 -7.12
C5 THT H . -32.77 -11.25 -7.19
S6 THT H . -32.61 -12.43 -8.55
C7 THT H . -33.46 -11.86 -10.06
O7 THT H . -33.70 -10.66 -10.22
C8 THT H . -33.85 -12.87 -11.12
C9 THT H . -34.47 -12.45 -12.29
C10 THT H . -34.92 -13.46 -13.34
C11 THT H . -36.43 -13.33 -13.45
C12 THT H . -37.16 -14.64 -13.19
C13 THT H . -38.56 -14.29 -12.73
C14 THT H . -39.07 -15.38 -11.79
C15 THT H . -38.24 -15.40 -10.51
C16 THT H . -38.98 -14.68 -9.37
C17 THT H . -37.98 -14.05 -8.42
C18 THT H . -36.94 -15.07 -8.02
C19 THT H . -37.28 -15.60 -6.65
C20 THT H . -36.94 -14.59 -5.56
C21 THT H . -35.51 -14.82 -5.09
C22 THT H . -35.53 -15.27 -3.63
PA NAD I . -56.18 16.76 -15.69
O1A NAD I . -54.83 17.13 -15.24
O2A NAD I . -57.19 17.86 -15.75
O5B NAD I . -56.67 15.44 -14.84
C5B NAD I . -55.76 14.75 -13.92
C4B NAD I . -56.30 14.31 -12.56
O4B NAD I . -55.27 13.90 -11.65
C3B NAD I . -56.98 15.36 -11.70
O3B NAD I . -58.39 15.43 -11.97
C2B NAD I . -56.76 14.89 -10.25
O2B NAD I . -57.96 14.59 -9.49
C1B NAD I . -55.96 13.67 -10.43
N9A NAD I . -55.24 13.30 -9.20
C8A NAD I . -53.99 13.64 -8.85
N7A NAD I . -53.61 13.03 -7.70
C5A NAD I . -54.69 12.31 -7.36
C6A NAD I . -54.78 11.48 -6.25
N6A NAD I . -53.91 11.59 -5.25
N1A NAD I . -55.94 10.79 -6.11
C2A NAD I . -56.95 10.92 -6.97
N3A NAD I . -56.86 11.75 -8.01
C4A NAD I . -55.72 12.45 -8.27
O3 NAD I . -56.16 16.17 -17.20
PN NAD I . -55.11 15.83 -18.37
O1N NAD I . -54.29 16.99 -18.75
O2N NAD I . -55.89 15.21 -19.49
O5D NAD I . -54.17 14.74 -17.58
C5D NAD I . -54.68 13.41 -17.27
C4D NAD I . -53.74 12.23 -17.62
O4D NAD I . -53.56 12.05 -19.05
C3D NAD I . -52.30 12.34 -17.12
O3D NAD I . -51.87 10.99 -16.93
C2D NAD I . -51.52 12.99 -18.28
O2D NAD I . -50.09 12.81 -18.26
C1D NAD I . -52.16 12.26 -19.45
N1N NAD I . -52.04 12.98 -20.75
C2N NAD I . -51.97 14.39 -20.82
C3N NAD I . -51.89 15.02 -22.06
C7N NAD I . -51.88 16.53 -22.16
O7N NAD I . -51.05 17.08 -22.87
N7N NAD I . -52.79 17.19 -21.46
C4N NAD I . -51.86 14.26 -23.21
C5N NAD I . -51.92 12.88 -23.16
C6N NAD I . -52.04 12.23 -21.93
C1 THT J . -52.93 20.17 -14.91
C2 THT J . -52.00 19.00 -14.61
O2 THT J . -51.01 19.14 -13.87
N3 THT J . -52.30 17.82 -15.16
C4 THT J . -51.39 17.04 -15.96
C5 THT J . -50.15 17.81 -16.37
S6 THT J . -50.18 18.11 -18.13
C7 THT J . -49.20 16.82 -19.03
O7 THT J . -48.98 15.73 -18.49
C8 THT J . -48.69 17.10 -20.44
C9 THT J . -47.99 16.13 -21.14
C10 THT J . -47.43 16.43 -22.51
C11 THT J . -45.93 16.29 -22.42
C12 THT J . -45.21 17.53 -22.86
C13 THT J . -43.86 17.52 -22.17
C14 THT J . -43.40 18.96 -21.94
C15 THT J . -44.34 19.66 -20.93
C16 THT J . -43.71 19.68 -19.55
C17 THT J . -44.80 19.66 -18.51
C18 THT J . -45.84 20.74 -18.82
C19 THT J . -45.58 21.94 -17.93
C20 THT J . -46.03 21.65 -16.50
C21 THT J . -47.49 22.06 -16.32
C22 THT J . -47.58 23.21 -15.33
PA NAD K . 3.61 -0.81 30.22
O1A NAD K . 4.50 -1.91 30.55
O2A NAD K . 3.09 -0.03 31.37
O5B NAD K . 2.45 -1.35 29.18
C5B NAD K . 2.52 -2.67 28.62
C4B NAD K . 1.24 -3.54 28.52
O4B NAD K . 1.46 -4.94 28.17
C3B NAD K . 0.41 -3.68 29.79
O3B NAD K . -0.49 -2.58 29.91
C2B NAD K . -0.33 -5.01 29.65
O2B NAD K . -1.77 -4.89 29.61
C1B NAD K . 0.17 -5.49 28.31
N9A NAD K . -0.02 -6.95 28.16
C8A NAD K . 0.84 -7.93 28.48
N7A NAD K . 0.34 -9.14 28.16
C5A NAD K . -0.85 -8.86 27.61
C6A NAD K . -1.72 -9.79 27.06
N6A NAD K . -1.55 -11.09 27.32
N1A NAD K . -2.84 -9.28 26.49
C2A NAD K . -3.11 -7.97 26.49
N3A NAD K . -2.28 -7.09 27.05
C4A NAD K . -1.11 -7.50 27.61
O3 NAD K . 4.40 0.28 29.35
PN NAD K . 5.82 0.58 28.66
O1N NAD K . 6.91 0.53 29.68
O2N NAD K . 5.72 1.83 27.87
O5D NAD K . 5.89 -0.73 27.68
C5D NAD K . 5.04 -0.85 26.51
C4D NAD K . 5.79 -1.29 25.24
O4D NAD K . 6.71 -0.28 24.76
C3D NAD K . 6.68 -2.57 25.32
O3D NAD K . 6.67 -3.18 24.02
C2D NAD K . 8.08 -2.06 25.63
O2D NAD K . 9.13 -2.99 25.34
C1D NAD K . 8.08 -0.81 24.74
N1N NAD K . 9.06 0.23 25.12
C2N NAD K . 9.40 0.42 26.48
C3N NAD K . 10.31 1.43 26.83
C7N NAD K . 10.69 1.69 28.28
O7N NAD K . 11.89 1.82 28.60
N7N NAD K . 9.69 1.77 29.15
C4N NAD K . 10.85 2.22 25.81
C5N NAD K . 10.50 2.03 24.46
C6N NAD K . 9.60 1.04 24.10
C1 THT L . 6.41 -2.98 33.52
C2 THT L . 6.75 -3.91 32.35
O2 THT L . 7.14 -5.08 32.58
N3 THT L . 6.60 -3.42 31.08
C4 THT L . 7.66 -3.45 30.08
C5 THT L . 9.05 -3.81 30.62
S6 THT L . 10.11 -2.39 30.56
C7 THT L . 11.09 -2.38 29.01
O7 THT L . 10.72 -3.05 28.02
C8 THT L . 12.38 -1.54 28.91
C9 THT L . 13.13 -1.50 27.74
C10 THT L . 14.41 -0.70 27.70
C11 THT L . 15.53 -1.71 27.46
C12 THT L . 16.61 -1.65 28.52
C13 THT L . 17.28 -3.00 28.55
C14 THT L . 17.77 -3.28 29.95
C15 THT L . 16.58 -3.42 30.92
C16 THT L . 16.27 -4.87 31.18
C17 THT L . 14.80 -5.06 31.48
C18 THT L . 14.36 -4.07 32.53
C19 THT L . 14.31 -4.77 33.87
C20 THT L . 13.09 -5.68 33.95
C21 THT L . 11.94 -4.88 34.52
C22 THT L . 11.55 -5.44 35.87
PA NAD M . 16.95 -28.94 3.84
O1A NAD M . 15.55 -28.47 3.93
O2A NAD M . 17.20 -30.10 2.93
O5B NAD M . 17.58 -29.06 5.35
C5B NAD M . 16.81 -28.59 6.48
C4B NAD M . 16.80 -29.47 7.74
O4B NAD M . 15.84 -29.04 8.73
C3B NAD M . 16.39 -30.92 7.56
O3B NAD M . 17.56 -31.67 7.25
C2B NAD M . 15.82 -31.35 8.90
O2B NAD M . 16.53 -32.38 9.57
C1B NAD M . 15.93 -30.08 9.72
N9A NAD M . 15.00 -30.09 10.90
C8A NAD M . 13.72 -29.67 10.94
N7A NAD M . 13.20 -29.80 12.18
C5A NAD M . 14.20 -30.33 12.88
C6A NAD M . 14.17 -30.58 14.23
N6A NAD M . 13.00 -30.59 14.85
N1A NAD M . 15.35 -30.98 14.79
C2A NAD M . 16.46 -31.18 14.07
N3A NAD M . 16.45 -30.98 12.76
C4A NAD M . 15.34 -30.52 12.12
O3 NAD M . 17.87 -27.78 3.15
PN NAD M . 17.73 -26.24 2.60
O1N NAD M . 16.70 -26.06 1.54
O2N NAD M . 19.10 -25.81 2.24
O5D NAD M . 17.22 -25.46 3.97
C5D NAD M . 18.10 -25.32 5.13
C4D NAD M . 18.10 -23.91 5.78
O4D NAD M . 18.73 -22.92 4.92
C3D NAD M . 16.73 -23.35 6.09
O3D NAD M . 16.91 -22.46 7.18
C2D NAD M . 16.37 -22.50 4.89
O2D NAD M . 15.40 -21.47 5.14
C1D NAD M . 17.75 -21.91 4.54
N1N NAD M . 17.89 -21.45 3.12
C2N NAD M . 17.18 -22.09 2.06
C3N NAD M . 17.37 -21.69 0.73
C7N NAD M . 16.66 -22.43 -0.42
O7N NAD M . 16.09 -21.79 -1.28
N7N NAD M . 16.67 -23.76 -0.45
C4N NAD M . 18.23 -20.62 0.47
C5N NAD M . 18.94 -19.98 1.50
C6N NAD M . 18.78 -20.39 2.82
PA NAD N . 48.59 5.05 5.94
O1A NAD N . 48.33 6.45 5.52
O2A NAD N . 49.76 4.90 6.89
O5B NAD N . 48.76 4.20 4.59
C5B NAD N . 47.82 4.33 3.51
C4B NAD N . 48.15 5.46 2.54
O4B NAD N . 47.27 6.59 2.56
C3B NAD N . 49.58 6.09 2.41
O3B NAD N . 50.66 5.33 1.82
C2B NAD N . 49.31 7.10 1.32
O2B NAD N . 50.01 6.87 0.07
C1B NAD N . 47.78 6.94 1.28
N9A NAD N . 47.16 7.90 0.40
C8A NAD N . 46.93 9.21 0.57
N7A NAD N . 46.68 9.78 -0.61
C5A NAD N . 46.79 8.81 -1.48
C6A NAD N . 46.96 9.03 -2.84
N6A NAD N . 46.60 10.14 -3.45
N1A NAD N . 47.52 7.99 -3.49
C2A NAD N . 47.87 6.82 -2.91
N3A NAD N . 47.67 6.60 -1.61
C4A NAD N . 47.12 7.62 -0.88
O3 NAD N . 47.15 4.34 6.41
PN NAD N . 46.29 2.99 6.81
O1N NAD N . 45.76 3.10 8.20
O2N NAD N . 47.00 1.75 6.36
O5D NAD N . 44.83 3.27 6.22
C5D NAD N . 44.06 2.28 5.51
C4D NAD N . 42.55 2.63 5.40
O4D NAD N . 41.77 2.16 6.53
C3D NAD N . 42.26 4.12 5.31
O3D NAD N . 41.47 4.50 4.13
C2D NAD N . 41.58 4.38 6.66
O2D NAD N . 40.59 5.36 6.41
C1D NAD N . 40.80 3.12 6.93
N1N NAD N . 40.48 2.83 8.35
C2N NAD N . 41.26 3.53 9.28
C3N NAD N . 41.73 2.93 10.44
C7N NAD N . 42.66 3.74 11.37
O7N NAD N . 42.20 4.68 12.04
N7N NAD N . 43.96 3.37 11.38
C4N NAD N . 41.34 1.61 10.67
C5N NAD N . 40.44 0.96 9.83
C6N NAD N . 39.93 1.57 8.70
PA NAD O . 13.75 20.84 -8.66
O1A NAD O . 14.79 20.21 -9.48
O2A NAD O . 12.65 21.56 -9.39
O5B NAD O . 14.53 21.73 -7.52
C5B NAD O . 15.97 21.66 -7.37
C4B NAD O . 16.74 22.98 -7.13
O4B NAD O . 18.18 22.82 -7.21
C3B NAD O . 16.50 24.12 -8.12
O3B NAD O . 15.40 24.95 -7.73
C2B NAD O . 17.81 24.93 -8.09
O2B NAD O . 17.66 26.31 -7.65
C1B NAD O . 18.65 24.16 -7.10
N9A NAD O . 20.09 24.47 -7.26
C8A NAD O . 20.99 23.83 -8.02
N7A NAD O . 22.23 24.32 -7.86
C5A NAD O . 22.05 25.30 -6.99
C6A NAD O . 23.08 26.09 -6.46
N6A NAD O . 24.29 26.13 -7.04
N1A NAD O . 22.71 26.98 -5.50
C2A NAD O . 21.41 27.13 -5.14
N3A NAD O . 20.44 26.38 -5.68
C4A NAD O . 20.73 25.44 -6.60
O3 NAD O . 12.94 19.77 -7.77
PN NAD O . 12.93 18.19 -7.44
O1N NAD O . 12.73 17.42 -8.69
O2N NAD O . 11.92 17.95 -6.39
O5D NAD O . 14.44 18.00 -6.88
C5D NAD O . 14.84 18.54 -5.60
C4D NAD O . 15.62 17.56 -4.71
O4D NAD O . 14.79 16.45 -4.30
C3D NAD O . 16.81 16.86 -5.33
O3D NAD O . 17.72 16.62 -4.27
C2D NAD O . 16.28 15.53 -5.89
O2D NAD O . 17.26 14.52 -6.13
C1D NAD O . 15.34 15.18 -4.76
N1N NAD O . 14.27 14.24 -5.15
C2N NAD O . 13.74 14.21 -6.45
C3N NAD O . 12.69 13.34 -6.76
C7N NAD O . 12.07 13.30 -8.15
O7N NAD O . 11.90 12.23 -8.76
N7N NAD O . 11.75 14.46 -8.68
C4N NAD O . 12.19 12.50 -5.77
C5N NAD O . 12.74 12.49 -4.48
C6N NAD O . 13.77 13.35 -4.16
C1 THT P . 15.07 19.23 -13.03
C2 THT P . 16.30 18.71 -12.26
O2 THT P . 17.40 18.53 -12.84
N3 THT P . 16.15 18.48 -10.95
C4 THT P . 16.46 17.20 -10.30
C5 THT P . 16.71 16.01 -11.24
S6 THT P . 15.37 14.80 -11.11
C7 THT P . 15.80 13.50 -9.93
O7 THT P . 16.68 13.70 -9.08
C8 THT P . 15.06 12.17 -9.99
C9 THT P . 15.33 11.15 -9.10
C10 THT P . 14.60 9.81 -9.23
C11 THT P . 15.68 8.78 -9.54
C12 THT P . 15.39 8.01 -10.82
C13 THT P . 16.73 7.50 -11.36
C14 THT P . 16.65 7.41 -12.87
C15 THT P . 16.48 8.81 -13.47
C16 THT P . 17.82 9.31 -13.99
C17 THT P . 17.87 10.82 -13.90
C18 THT P . 16.61 11.41 -14.54
C19 THT P . 16.95 11.90 -15.92
C20 THT P . 17.76 13.18 -15.86
C21 THT P . 16.79 14.34 -15.87
C22 THT P . 16.96 15.15 -17.15
#